data_4NC9
#
_entry.id   4NC9
#
_cell.length_a   137.620
_cell.length_b   137.620
_cell.length_c   168.641
_cell.angle_alpha   90.00
_cell.angle_beta   90.00
_cell.angle_gamma   120.00
#
_symmetry.space_group_name_H-M   'P 32 2 1'
#
loop_
_entity.id
_entity.type
_entity.pdbx_description
1 polymer 'GDP-mannose-dependent alpha-(1-2)-phosphatidylinositol mannosyltransferase'
2 water water
#
_entity_poly.entity_id   1
_entity_poly.type   'polypeptide(L)'
_entity_poly.pdbx_seq_one_letter_code
;GSGAMRIGMVCPYSFDVPGGVQSHVLQLAEVLRDAGHEVSVLAPASPHVKLPDYVVSGGKAVPIPYNGSVARLRFGPATH
RKVKKWIAEGDFDVLHIHEPNAPSLSMLALQAAEGPIVATFHTSTTKSLTLSVFQGILRPYHEKIIGRIAVSDLARRWQM
EALGSDAVEIPNGVDVASFADAPLLDGYPREGRTVLFLGRYDEPRKGMAVLLAALPKLVARFPDVEILIVGRGDEDELRE
QAGDLAGHLRFLGQVDDATKASAMRSADVYCAPHLGGESFGIVLVEAMAAGTAVVASDLDAFRRVLADGDAGRLVPVDDA
DGMAAALIGILEDDQLRAGYVARASERVHRYDWSVVSAQIMRVYETVSGAGIKVQVSGAANRDETAGESV
;
_entity_poly.pdbx_strand_id   A,B,C,D
#
# COMPACT_ATOMS: atom_id res chain seq x y z
N GLY A 3 11.46 -12.64 1.33
CA GLY A 3 11.96 -11.28 1.69
C GLY A 3 12.41 -10.49 0.48
N ALA A 4 13.52 -10.91 -0.12
CA ALA A 4 14.17 -10.14 -1.19
C ALA A 4 13.28 -10.00 -2.43
N MET A 5 13.50 -8.92 -3.16
CA MET A 5 12.73 -8.61 -4.36
C MET A 5 13.64 -8.05 -5.44
N ARG A 6 13.30 -8.36 -6.70
CA ARG A 6 14.01 -7.78 -7.84
C ARG A 6 13.11 -6.72 -8.48
N ILE A 7 13.58 -5.48 -8.48
CA ILE A 7 12.76 -4.36 -8.97
C ILE A 7 13.47 -3.59 -10.07
N GLY A 8 12.89 -3.57 -11.27
CA GLY A 8 13.33 -2.66 -12.30
C GLY A 8 12.64 -1.31 -12.13
N MET A 9 13.38 -0.23 -12.39
CA MET A 9 12.79 1.10 -12.43
C MET A 9 13.15 1.71 -13.77
N VAL A 10 12.25 2.51 -14.33
CA VAL A 10 12.57 3.23 -15.55
C VAL A 10 12.46 4.73 -15.29
N CYS A 11 13.57 5.42 -15.50
CA CYS A 11 13.60 6.87 -15.43
C CYS A 11 13.64 7.42 -16.85
N PRO A 12 12.66 8.22 -17.25
CA PRO A 12 12.58 8.71 -18.63
C PRO A 12 13.67 9.72 -18.98
N TYR A 13 14.31 10.29 -17.96
CA TYR A 13 15.28 11.38 -18.16
C TYR A 13 16.71 10.93 -17.92
N SER A 14 17.63 11.49 -18.70
CA SER A 14 19.06 11.28 -18.49
C SER A 14 19.52 11.94 -17.20
N PHE A 15 20.53 11.35 -16.56
CA PHE A 15 21.06 11.88 -15.31
C PHE A 15 22.12 12.95 -15.56
N ASP A 16 22.39 13.24 -16.83
CA ASP A 16 23.33 14.29 -17.19
C ASP A 16 22.89 15.63 -16.62
N VAL A 17 21.60 15.74 -16.35
CA VAL A 17 21.01 17.00 -15.88
C VAL A 17 20.26 16.80 -14.57
N PRO A 18 20.32 17.79 -13.66
CA PRO A 18 19.57 17.71 -12.41
C PRO A 18 18.06 17.70 -12.67
N GLY A 19 17.33 16.95 -11.87
CA GLY A 19 15.88 16.95 -11.96
C GLY A 19 15.27 16.29 -10.74
N GLY A 20 14.02 16.63 -10.44
CA GLY A 20 13.33 16.09 -9.29
C GLY A 20 13.14 14.58 -9.42
N VAL A 21 12.71 14.16 -10.61
CA VAL A 21 12.42 12.76 -10.86
C VAL A 21 13.68 11.92 -10.79
N GLN A 22 14.72 12.34 -11.51
CA GLN A 22 16.00 11.64 -11.51
C GLN A 22 16.48 11.38 -10.08
N SER A 23 16.51 12.46 -9.31
CA SER A 23 16.96 12.44 -7.92
C SER A 23 16.08 11.53 -7.08
N HIS A 24 14.76 11.67 -7.24
CA HIS A 24 13.79 10.80 -6.57
C HIS A 24 14.10 9.32 -6.81
N VAL A 25 14.21 8.97 -8.09
CA VAL A 25 14.51 7.59 -8.50
C VAL A 25 15.79 7.09 -7.86
N LEU A 26 16.87 7.83 -8.02
CA LEU A 26 18.16 7.39 -7.47
C LEU A 26 18.11 7.19 -5.95
N GLN A 27 17.60 8.19 -5.23
CA GLN A 27 17.49 8.07 -3.79
C GLN A 27 16.69 6.83 -3.41
N LEU A 28 15.52 6.68 -4.02
CA LEU A 28 14.67 5.54 -3.74
C LEU A 28 15.41 4.21 -3.98
N ALA A 29 16.04 4.10 -5.15
CA ALA A 29 16.77 2.90 -5.53
C ALA A 29 17.84 2.56 -4.47
N GLU A 30 18.66 3.55 -4.14
CA GLU A 30 19.68 3.37 -3.11
C GLU A 30 19.03 2.85 -1.84
N VAL A 31 17.94 3.50 -1.44
CA VAL A 31 17.23 3.12 -0.22
C VAL A 31 16.73 1.67 -0.24
N LEU A 32 16.13 1.25 -1.35
CA LEU A 32 15.63 -0.12 -1.46
C LEU A 32 16.78 -1.12 -1.43
N ARG A 33 17.86 -0.79 -2.14
CA ARG A 33 19.03 -1.66 -2.12
C ARG A 33 19.58 -1.81 -0.71
N ASP A 34 19.63 -0.69 0.02
CA ASP A 34 20.06 -0.72 1.42
C ASP A 34 19.19 -1.67 2.25
N ALA A 35 17.94 -1.81 1.86
CA ALA A 35 16.99 -2.64 2.60
C ALA A 35 17.06 -4.12 2.19
N GLY A 36 17.96 -4.44 1.27
CA GLY A 36 18.20 -5.82 0.89
C GLY A 36 17.49 -6.28 -0.38
N HIS A 37 17.04 -5.32 -1.19
CA HIS A 37 16.40 -5.62 -2.46
C HIS A 37 17.36 -5.47 -3.62
N GLU A 38 17.22 -6.32 -4.63
CA GLU A 38 17.94 -6.14 -5.88
C GLU A 38 17.17 -5.13 -6.72
N VAL A 39 17.82 -4.01 -7.05
CA VAL A 39 17.19 -2.98 -7.87
C VAL A 39 18.01 -2.71 -9.12
N SER A 40 17.31 -2.55 -10.24
CA SER A 40 17.93 -2.19 -11.49
C SER A 40 17.26 -0.93 -12.03
N VAL A 41 18.07 0.03 -12.46
CA VAL A 41 17.55 1.31 -12.95
C VAL A 41 17.89 1.48 -14.42
N LEU A 42 16.86 1.62 -15.23
CA LEU A 42 17.01 1.89 -16.65
C LEU A 42 16.76 3.37 -16.89
N ALA A 43 17.58 3.99 -17.74
CA ALA A 43 17.40 5.39 -18.07
C ALA A 43 18.13 5.70 -19.38
N PRO A 44 18.00 6.94 -19.87
CA PRO A 44 18.77 7.36 -21.04
C PRO A 44 20.26 7.50 -20.72
N ALA A 45 21.08 7.56 -21.75
CA ALA A 45 22.52 7.68 -21.60
C ALA A 45 22.89 8.91 -20.79
N SER A 46 23.72 8.69 -19.76
CA SER A 46 24.21 9.75 -18.91
C SER A 46 25.73 9.64 -18.82
N PRO A 47 26.41 9.81 -19.95
CA PRO A 47 27.87 9.56 -20.03
C PRO A 47 28.71 10.55 -19.24
N HIS A 48 28.17 11.73 -18.95
CA HIS A 48 28.95 12.81 -18.35
C HIS A 48 29.22 12.62 -16.85
N VAL A 49 28.28 11.96 -16.17
CA VAL A 49 28.35 11.81 -14.72
C VAL A 49 28.65 10.36 -14.36
N LYS A 50 29.35 10.16 -13.24
CA LYS A 50 29.72 8.83 -12.79
C LYS A 50 28.60 8.25 -11.94
N LEU A 51 28.05 7.13 -12.39
CA LEU A 51 26.87 6.55 -11.76
C LEU A 51 27.15 5.19 -11.14
N PRO A 52 26.30 4.76 -10.18
CA PRO A 52 26.41 3.42 -9.58
C PRO A 52 26.29 2.33 -10.63
N ASP A 53 26.68 1.11 -10.30
CA ASP A 53 26.74 0.04 -11.30
C ASP A 53 25.38 -0.59 -11.64
N TYR A 54 24.35 -0.31 -10.84
CA TYR A 54 23.04 -0.92 -11.08
C TYR A 54 22.13 -0.13 -12.02
N VAL A 55 22.55 1.09 -12.38
CA VAL A 55 21.82 1.87 -13.39
C VAL A 55 22.32 1.49 -14.78
N VAL A 56 21.38 1.40 -15.72
CA VAL A 56 21.68 0.92 -17.07
C VAL A 56 21.16 1.92 -18.11
N SER A 57 21.87 2.03 -19.22
CA SER A 57 21.54 3.03 -20.24
C SER A 57 20.75 2.42 -21.39
N GLY A 58 19.70 3.12 -21.80
CA GLY A 58 18.86 2.68 -22.91
C GLY A 58 19.11 3.44 -24.20
N GLY A 59 19.91 4.51 -24.13
CA GLY A 59 20.19 5.34 -25.28
C GLY A 59 19.27 6.56 -25.34
N LYS A 60 19.31 7.28 -26.45
CA LYS A 60 18.48 8.46 -26.64
C LYS A 60 18.01 8.58 -28.08
N ALA A 61 16.74 8.94 -28.27
CA ALA A 61 16.17 9.13 -29.60
C ALA A 61 14.73 9.59 -29.49
N VAL A 62 14.20 10.12 -30.59
CA VAL A 62 12.81 10.57 -30.67
C VAL A 62 12.57 11.33 -31.98
N ALA A 71 4.85 15.79 -37.39
CA ALA A 71 3.91 14.71 -37.12
C ALA A 71 4.20 14.09 -35.75
N ARG A 72 3.97 12.78 -35.62
CA ARG A 72 4.21 12.05 -34.38
C ARG A 72 5.06 10.82 -34.67
N LEU A 73 6.18 10.68 -33.96
CA LEU A 73 7.10 9.58 -34.20
C LEU A 73 7.55 8.94 -32.89
N ARG A 74 8.17 7.76 -33.01
CA ARG A 74 8.59 6.98 -31.84
C ARG A 74 10.10 6.76 -31.82
N PHE A 75 10.56 5.99 -30.82
CA PHE A 75 11.97 5.68 -30.66
C PHE A 75 12.42 4.65 -31.70
N GLY A 76 13.73 4.59 -31.94
CA GLY A 76 14.27 3.68 -32.94
C GLY A 76 14.46 2.26 -32.44
N PRO A 77 14.81 1.33 -33.35
CA PRO A 77 14.89 -0.11 -33.09
C PRO A 77 15.91 -0.53 -32.01
N ALA A 78 17.11 0.05 -32.05
CA ALA A 78 18.18 -0.30 -31.12
C ALA A 78 17.70 -0.13 -29.68
N THR A 79 16.97 0.95 -29.45
CA THR A 79 16.43 1.28 -28.14
C THR A 79 15.49 0.17 -27.66
N HIS A 80 14.52 -0.16 -28.49
CA HIS A 80 13.55 -1.22 -28.20
C HIS A 80 14.28 -2.50 -27.83
N ARG A 81 15.26 -2.85 -28.67
CA ARG A 81 16.09 -4.02 -28.42
C ARG A 81 16.69 -3.96 -27.01
N LYS A 82 17.38 -2.87 -26.71
CA LYS A 82 18.00 -2.68 -25.40
C LYS A 82 17.00 -2.93 -24.26
N VAL A 83 15.86 -2.23 -24.31
CA VAL A 83 14.82 -2.37 -23.28
C VAL A 83 14.33 -3.81 -23.12
N LYS A 84 13.93 -4.41 -24.23
CA LYS A 84 13.41 -5.78 -24.21
C LYS A 84 14.42 -6.73 -23.58
N LYS A 85 15.68 -6.56 -23.97
CA LYS A 85 16.78 -7.31 -23.35
C LYS A 85 16.73 -7.13 -21.84
N TRP A 86 16.74 -5.87 -21.41
CA TRP A 86 16.72 -5.52 -19.99
C TRP A 86 15.61 -6.26 -19.23
N ILE A 87 14.38 -6.10 -19.69
CA ILE A 87 13.25 -6.74 -19.04
C ILE A 87 13.40 -8.25 -19.02
N ALA A 88 13.63 -8.83 -20.19
CA ALA A 88 13.64 -10.27 -20.34
C ALA A 88 14.69 -10.91 -19.43
N GLU A 89 15.88 -10.32 -19.37
CA GLU A 89 16.93 -10.87 -18.51
C GLU A 89 16.87 -10.36 -17.07
N GLY A 90 16.09 -9.30 -16.84
CA GLY A 90 15.91 -8.77 -15.50
C GLY A 90 15.37 -9.75 -14.46
N ASP A 91 14.41 -10.57 -14.86
CA ASP A 91 13.71 -11.47 -13.94
C ASP A 91 13.11 -10.69 -12.76
N PHE A 92 12.40 -9.61 -13.07
CA PHE A 92 11.88 -8.71 -12.04
C PHE A 92 10.58 -9.22 -11.42
N ASP A 93 10.45 -9.04 -10.11
CA ASP A 93 9.19 -9.32 -9.43
C ASP A 93 8.22 -8.18 -9.67
N VAL A 94 8.76 -6.97 -9.80
CA VAL A 94 7.97 -5.77 -10.05
C VAL A 94 8.70 -4.87 -11.03
N LEU A 95 7.94 -4.26 -11.93
CA LEU A 95 8.47 -3.20 -12.79
C LEU A 95 7.81 -1.90 -12.37
N HIS A 96 8.65 -0.93 -12.00
CA HIS A 96 8.17 0.40 -11.59
C HIS A 96 8.58 1.42 -12.63
N ILE A 97 7.60 2.15 -13.17
CA ILE A 97 7.89 3.15 -14.18
C ILE A 97 7.58 4.54 -13.64
N HIS A 98 8.34 5.53 -14.10
CA HIS A 98 8.20 6.89 -13.62
C HIS A 98 7.88 7.82 -14.78
N GLU A 99 6.85 8.64 -14.62
CA GLU A 99 6.42 9.57 -15.66
C GLU A 99 6.31 8.89 -17.02
N PRO A 100 5.47 7.84 -17.15
CA PRO A 100 5.30 7.26 -18.49
C PRO A 100 4.55 8.21 -19.43
N ASN A 101 5.12 9.39 -19.66
CA ASN A 101 4.54 10.32 -20.60
C ASN A 101 4.74 9.78 -22.00
N ALA A 102 3.83 10.11 -22.92
CA ALA A 102 3.92 9.65 -24.31
C ALA A 102 4.37 10.80 -25.21
N PRO A 103 5.52 10.66 -25.90
CA PRO A 103 6.51 9.58 -25.91
C PRO A 103 7.49 9.66 -24.74
N SER A 104 8.10 8.53 -24.38
CA SER A 104 9.17 8.49 -23.39
C SER A 104 9.71 7.06 -23.24
N LEU A 105 10.88 6.94 -22.64
CA LEU A 105 11.49 5.64 -22.39
C LEU A 105 10.55 4.81 -21.52
N SER A 106 10.01 5.49 -20.52
CA SER A 106 9.10 4.91 -19.56
C SER A 106 7.88 4.27 -20.24
N MET A 107 7.25 5.02 -21.15
CA MET A 107 6.06 4.53 -21.85
C MET A 107 6.42 3.32 -22.71
N LEU A 108 7.58 3.39 -23.34
CA LEU A 108 8.09 2.30 -24.16
C LEU A 108 8.17 1.03 -23.31
N ALA A 109 8.81 1.16 -22.15
CA ALA A 109 8.88 0.07 -21.19
C ALA A 109 7.49 -0.42 -20.80
N LEU A 110 6.62 0.51 -20.44
CA LEU A 110 5.26 0.18 -20.02
C LEU A 110 4.55 -0.65 -21.07
N GLN A 111 4.74 -0.28 -22.33
CA GLN A 111 4.11 -1.00 -23.44
C GLN A 111 4.78 -2.34 -23.71
N ALA A 112 6.10 -2.39 -23.56
CA ALA A 112 6.85 -3.62 -23.82
C ALA A 112 6.54 -4.76 -22.84
N ALA A 113 6.29 -4.42 -21.57
CA ALA A 113 6.25 -5.42 -20.50
C ALA A 113 4.85 -5.95 -20.18
N GLU A 114 4.80 -6.86 -19.20
CA GLU A 114 3.58 -7.57 -18.82
C GLU A 114 3.71 -8.00 -17.36
N GLY A 115 2.60 -8.32 -16.71
CA GLY A 115 2.63 -8.72 -15.31
C GLY A 115 2.59 -7.57 -14.29
N PRO A 116 3.32 -7.69 -13.17
CA PRO A 116 3.23 -6.71 -12.08
C PRO A 116 3.81 -5.34 -12.42
N ILE A 117 3.03 -4.50 -13.11
CA ILE A 117 3.49 -3.17 -13.50
C ILE A 117 2.89 -2.07 -12.64
N VAL A 118 3.77 -1.18 -12.17
CA VAL A 118 3.38 -0.02 -11.39
C VAL A 118 3.96 1.21 -12.06
N ALA A 119 3.18 2.27 -12.17
CA ALA A 119 3.66 3.52 -12.73
C ALA A 119 3.38 4.68 -11.77
N THR A 120 4.36 5.58 -11.66
CA THR A 120 4.25 6.75 -10.79
C THR A 120 4.39 8.03 -11.60
N PHE A 121 3.49 8.98 -11.36
CA PHE A 121 3.58 10.31 -11.93
C PHE A 121 3.89 11.27 -10.78
N HIS A 122 4.95 12.05 -10.89
CA HIS A 122 5.27 13.00 -9.82
C HIS A 122 4.61 14.32 -10.18
N THR A 123 3.51 14.58 -9.50
CA THR A 123 2.62 15.70 -9.84
C THR A 123 3.06 17.02 -9.22
N SER A 124 3.44 16.95 -7.96
CA SER A 124 4.04 18.07 -7.25
C SER A 124 5.35 17.52 -6.76
N THR A 125 6.23 18.42 -6.35
CA THR A 125 7.50 18.00 -5.82
C THR A 125 7.33 17.26 -4.49
N THR A 126 6.19 17.49 -3.81
CA THR A 126 5.89 16.84 -2.54
C THR A 126 4.86 15.69 -2.55
N LYS A 127 4.22 15.43 -3.68
CA LYS A 127 3.12 14.47 -3.75
C LYS A 127 3.19 13.75 -5.07
N SER A 128 3.09 12.42 -5.05
CA SER A 128 3.18 11.66 -6.30
C SER A 128 2.18 10.52 -6.36
N LEU A 129 1.47 10.47 -7.49
CA LEU A 129 0.45 9.48 -7.76
C LEU A 129 1.09 8.19 -8.26
N THR A 130 0.63 7.07 -7.71
CA THR A 130 1.14 5.75 -8.10
C THR A 130 -0.03 4.83 -8.42
N LEU A 131 0.06 4.13 -9.54
CA LEU A 131 -1.04 3.31 -10.04
C LEU A 131 -0.56 2.03 -10.70
N SER A 132 -1.49 1.09 -10.91
CA SER A 132 -1.19 -0.17 -11.56
C SER A 132 -1.96 -0.28 -12.87
N VAL A 133 -1.25 -0.63 -13.93
CA VAL A 133 -1.78 -0.73 -15.28
C VAL A 133 -2.77 -1.88 -15.44
N PHE A 134 -3.86 -1.65 -16.18
CA PHE A 134 -4.80 -2.72 -16.48
C PHE A 134 -4.21 -3.57 -17.59
N GLN A 135 -3.95 -4.83 -17.28
CA GLN A 135 -3.39 -5.78 -18.23
C GLN A 135 -4.46 -6.65 -18.86
N GLY A 136 -5.70 -6.38 -18.50
CA GLY A 136 -6.82 -7.14 -19.01
C GLY A 136 -7.15 -6.62 -20.39
N ILE A 137 -8.40 -6.74 -20.77
CA ILE A 137 -8.86 -6.32 -22.09
C ILE A 137 -8.78 -4.79 -22.26
N LEU A 138 -8.61 -4.07 -21.14
CA LEU A 138 -8.60 -2.60 -21.16
C LEU A 138 -7.24 -1.97 -21.41
N ARG A 139 -6.17 -2.76 -21.37
CA ARG A 139 -4.81 -2.22 -21.51
C ARG A 139 -4.67 -1.19 -22.63
N PRO A 140 -5.11 -1.53 -23.86
CA PRO A 140 -5.00 -0.56 -24.94
C PRO A 140 -5.62 0.79 -24.60
N TYR A 141 -6.75 0.77 -23.90
CA TYR A 141 -7.48 1.99 -23.55
C TYR A 141 -6.81 2.73 -22.40
N HIS A 142 -6.45 2.00 -21.35
CA HIS A 142 -5.84 2.59 -20.16
C HIS A 142 -4.50 3.21 -20.50
N GLU A 143 -3.76 2.58 -21.41
CA GLU A 143 -2.45 3.07 -21.78
C GLU A 143 -2.50 4.45 -22.44
N LYS A 144 -3.62 4.77 -23.11
CA LYS A 144 -3.79 6.08 -23.70
C LYS A 144 -4.13 7.11 -22.64
N ILE A 145 -4.78 6.65 -21.58
CA ILE A 145 -5.14 7.52 -20.47
C ILE A 145 -3.89 7.82 -19.66
N ILE A 146 -3.03 6.82 -19.52
CA ILE A 146 -1.79 6.97 -18.76
C ILE A 146 -0.84 7.93 -19.46
N GLY A 147 -0.91 8.00 -20.78
CA GLY A 147 -0.07 8.90 -21.53
C GLY A 147 -0.40 10.36 -21.24
N ARG A 148 -1.66 10.61 -20.90
CA ARG A 148 -2.15 11.97 -20.67
C ARG A 148 -2.21 12.41 -19.21
N ILE A 149 -1.91 11.51 -18.27
CA ILE A 149 -2.02 11.84 -16.86
C ILE A 149 -1.05 12.96 -16.51
N ALA A 150 0.16 12.85 -17.04
CA ALA A 150 1.19 13.86 -16.84
C ALA A 150 0.69 15.25 -17.22
N VAL A 151 0.04 15.34 -18.37
CA VAL A 151 -0.36 16.63 -18.94
C VAL A 151 -1.81 17.09 -18.73
N SER A 152 -2.66 16.30 -18.08
CA SER A 152 -4.05 16.72 -17.88
C SER A 152 -4.67 16.36 -16.53
N ASP A 153 -5.61 17.21 -16.12
CA ASP A 153 -6.30 17.08 -14.84
C ASP A 153 -7.33 15.98 -14.89
N LEU A 154 -7.97 15.83 -16.04
CA LEU A 154 -9.07 14.88 -16.20
C LEU A 154 -8.62 13.43 -16.07
N ALA A 155 -7.50 13.11 -16.71
CA ALA A 155 -6.92 11.78 -16.60
C ALA A 155 -6.59 11.46 -15.15
N ARG A 156 -5.90 12.41 -14.52
CA ARG A 156 -5.52 12.30 -13.13
C ARG A 156 -6.75 12.00 -12.27
N ARG A 157 -7.76 12.86 -12.38
CA ARG A 157 -9.03 12.64 -11.70
C ARG A 157 -9.53 11.24 -11.92
N TRP A 158 -9.82 10.93 -13.16
CA TRP A 158 -10.42 9.66 -13.52
C TRP A 158 -9.68 8.51 -12.87
N GLN A 159 -8.35 8.56 -12.93
CA GLN A 159 -7.53 7.52 -12.32
C GLN A 159 -7.78 7.43 -10.82
N MET A 160 -7.72 8.55 -10.12
CA MET A 160 -7.98 8.51 -8.67
C MET A 160 -9.43 8.10 -8.36
N GLU A 161 -10.36 8.49 -9.22
CA GLU A 161 -11.80 8.28 -8.99
C GLU A 161 -12.37 6.92 -9.38
N ALA A 162 -11.76 6.27 -10.38
CA ALA A 162 -12.42 5.15 -11.05
C ALA A 162 -12.52 3.89 -10.20
N LEU A 163 -13.16 2.85 -10.75
CA LEU A 163 -13.33 1.57 -10.08
C LEU A 163 -12.29 0.57 -10.55
N GLY A 164 -11.86 -0.31 -9.65
CA GLY A 164 -10.86 -1.31 -9.99
C GLY A 164 -9.51 -0.66 -10.19
N SER A 165 -9.42 0.61 -9.81
CA SER A 165 -8.18 1.38 -9.95
C SER A 165 -7.58 1.63 -8.56
N ASP A 166 -6.37 1.12 -8.40
CA ASP A 166 -5.71 1.05 -7.10
C ASP A 166 -4.90 2.30 -6.79
N ALA A 167 -5.06 3.35 -7.61
CA ALA A 167 -4.23 4.55 -7.51
C ALA A 167 -4.13 5.10 -6.09
N VAL A 168 -2.90 5.36 -5.65
CA VAL A 168 -2.65 5.93 -4.33
C VAL A 168 -1.71 7.14 -4.44
N GLU A 169 -1.83 8.06 -3.49
CA GLU A 169 -0.95 9.22 -3.42
C GLU A 169 0.08 9.03 -2.33
N ILE A 170 1.36 9.21 -2.67
CA ILE A 170 2.42 9.09 -1.67
C ILE A 170 3.30 10.35 -1.65
N PRO A 171 3.73 10.79 -0.46
CA PRO A 171 4.60 11.96 -0.40
C PRO A 171 5.93 11.73 -1.09
N ASN A 172 6.57 12.82 -1.52
CA ASN A 172 7.92 12.73 -2.04
C ASN A 172 8.85 12.38 -0.89
N GLY A 173 9.91 11.64 -1.18
CA GLY A 173 10.81 11.17 -0.14
C GLY A 173 11.96 12.13 0.10
N VAL A 174 12.51 12.09 1.31
CA VAL A 174 13.62 12.96 1.69
C VAL A 174 14.53 12.20 2.64
N ASP A 175 15.82 12.45 2.54
CA ASP A 175 16.75 11.94 3.54
C ASP A 175 16.87 13.02 4.59
N VAL A 176 16.29 12.76 5.76
CA VAL A 176 16.16 13.75 6.81
C VAL A 176 17.50 13.97 7.48
N ALA A 177 18.24 12.88 7.67
CA ALA A 177 19.51 12.93 8.38
C ALA A 177 20.53 13.77 7.63
N SER A 178 20.50 13.71 6.30
CA SER A 178 21.47 14.43 5.47
C SER A 178 21.36 15.94 5.68
N PHE A 179 20.22 16.36 6.22
CA PHE A 179 19.98 17.75 6.56
C PHE A 179 20.24 17.98 8.04
N ALA A 180 19.50 17.27 8.88
CA ALA A 180 19.67 17.35 10.33
C ALA A 180 21.15 17.24 10.73
N ASP A 181 21.86 16.28 10.13
CA ASP A 181 23.25 16.02 10.49
C ASP A 181 24.25 16.78 9.61
N ALA A 182 23.74 17.65 8.74
CA ALA A 182 24.63 18.41 7.86
C ALA A 182 25.61 19.24 8.68
N PRO A 183 26.87 19.35 8.24
CA PRO A 183 27.83 20.21 8.95
C PRO A 183 27.49 21.68 8.75
N LEU A 184 27.64 22.48 9.80
CA LEU A 184 27.41 23.92 9.70
C LEU A 184 28.47 24.57 8.83
N LEU A 185 28.10 25.66 8.17
CA LEU A 185 29.05 26.41 7.37
C LEU A 185 29.99 27.17 8.30
N ASP A 186 31.25 27.27 7.90
CA ASP A 186 32.24 27.99 8.68
C ASP A 186 31.79 29.42 8.92
N GLY A 187 31.74 29.80 10.19
CA GLY A 187 31.35 31.14 10.57
C GLY A 187 29.89 31.26 10.97
N TYR A 188 29.18 30.14 11.01
CA TYR A 188 27.76 30.12 11.38
C TYR A 188 27.54 29.26 12.64
N PRO A 189 26.48 29.56 13.42
CA PRO A 189 25.47 30.61 13.19
C PRO A 189 26.06 32.00 13.32
N ARG A 190 25.42 32.97 12.68
CA ARG A 190 25.82 34.36 12.82
C ARG A 190 25.08 34.95 14.01
N GLU A 191 25.81 35.64 14.88
CA GLU A 191 25.20 36.38 15.96
C GLU A 191 24.28 37.43 15.34
N GLY A 192 24.59 37.79 14.10
CA GLY A 192 23.78 38.73 13.34
C GLY A 192 22.51 38.17 12.73
N ARG A 193 22.18 36.91 12.99
CA ARG A 193 20.91 36.32 12.49
C ARG A 193 20.73 36.16 10.97
N THR A 194 21.32 35.12 10.39
CA THR A 194 21.13 34.82 8.96
C THR A 194 19.69 34.46 8.57
N VAL A 195 19.27 34.93 7.38
CA VAL A 195 18.00 34.50 6.76
C VAL A 195 18.31 33.84 5.41
N LEU A 196 17.66 32.72 5.13
CA LEU A 196 17.96 31.94 3.94
C LEU A 196 16.95 32.15 2.83
N PHE A 197 17.45 32.41 1.63
CA PHE A 197 16.64 32.38 0.42
C PHE A 197 17.25 31.31 -0.49
N LEU A 198 16.39 30.51 -1.10
CA LEU A 198 16.84 29.46 -2.01
C LEU A 198 16.03 29.42 -3.29
N GLY A 199 16.71 29.61 -4.41
CA GLY A 199 16.09 29.47 -5.72
C GLY A 199 16.73 30.39 -6.74
N ARG A 200 16.15 30.45 -7.94
CA ARG A 200 16.67 31.34 -8.96
C ARG A 200 15.95 32.67 -8.80
N TYR A 201 16.69 33.70 -8.36
CA TYR A 201 16.04 34.91 -7.87
C TYR A 201 15.65 35.90 -8.96
N ASP A 202 16.03 35.63 -10.20
CA ASP A 202 15.64 36.49 -11.31
C ASP A 202 14.20 36.20 -11.75
N GLU A 203 13.67 35.06 -11.34
CA GLU A 203 12.29 34.71 -11.65
C GLU A 203 11.36 35.29 -10.59
N PRO A 204 10.43 36.19 -10.99
CA PRO A 204 9.55 36.87 -10.01
C PRO A 204 8.69 35.94 -9.16
N ARG A 205 8.35 34.76 -9.66
CA ARG A 205 7.44 33.87 -8.93
C ARG A 205 8.10 33.32 -7.67
N LYS A 206 9.43 33.40 -7.63
CA LYS A 206 10.19 32.98 -6.45
C LYS A 206 10.07 34.00 -5.34
N GLY A 207 9.62 35.20 -5.70
CA GLY A 207 9.22 36.20 -4.72
C GLY A 207 10.35 36.90 -4.02
N MET A 208 11.53 36.93 -4.65
CA MET A 208 12.68 37.63 -4.10
C MET A 208 12.35 39.09 -3.81
N ALA A 209 11.56 39.69 -4.71
CA ALA A 209 11.19 41.09 -4.62
C ALA A 209 10.53 41.40 -3.28
N VAL A 210 9.66 40.49 -2.84
CA VAL A 210 8.99 40.63 -1.56
C VAL A 210 10.01 40.67 -0.43
N LEU A 211 10.91 39.69 -0.43
CA LEU A 211 11.94 39.60 0.60
C LEU A 211 12.77 40.87 0.61
N LEU A 212 13.04 41.41 -0.57
CA LEU A 212 13.77 42.67 -0.68
C LEU A 212 12.98 43.83 -0.10
N ALA A 213 11.69 43.89 -0.41
CA ALA A 213 10.81 44.95 0.09
C ALA A 213 10.80 45.01 1.62
N ALA A 214 10.97 43.85 2.25
CA ALA A 214 10.86 43.75 3.71
C ALA A 214 12.20 43.98 4.41
N LEU A 215 13.26 44.08 3.62
CA LEU A 215 14.62 44.18 4.17
C LEU A 215 14.87 45.37 5.11
N PRO A 216 14.39 46.59 4.74
CA PRO A 216 14.68 47.74 5.61
C PRO A 216 14.19 47.60 7.06
N LYS A 217 12.98 47.07 7.24
CA LYS A 217 12.46 46.84 8.58
C LYS A 217 13.29 45.79 9.31
N LEU A 218 13.62 44.73 8.58
CA LEU A 218 14.40 43.63 9.13
C LEU A 218 15.76 44.12 9.60
N VAL A 219 16.43 44.93 8.79
CA VAL A 219 17.73 45.48 9.15
C VAL A 219 17.55 46.48 10.29
N ALA A 220 16.48 47.26 10.23
CA ALA A 220 16.20 48.23 11.30
C ALA A 220 16.16 47.55 12.66
N ARG A 221 15.37 46.47 12.78
CA ARG A 221 15.27 45.75 14.04
C ARG A 221 16.39 44.72 14.26
N PHE A 222 17.08 44.35 13.19
CA PHE A 222 18.22 43.43 13.27
C PHE A 222 19.35 43.91 12.36
N PRO A 223 20.10 44.94 12.79
CA PRO A 223 21.08 45.64 11.95
C PRO A 223 22.25 44.83 11.39
N ASP A 224 22.60 43.70 11.99
CA ASP A 224 23.74 42.90 11.50
C ASP A 224 23.31 41.73 10.59
N VAL A 225 22.02 41.65 10.29
CA VAL A 225 21.48 40.53 9.50
C VAL A 225 22.17 40.29 8.17
N GLU A 226 22.33 39.00 7.86
CA GLU A 226 22.75 38.56 6.54
C GLU A 226 21.60 37.85 5.86
N ILE A 227 21.44 38.11 4.56
CA ILE A 227 20.54 37.32 3.73
C ILE A 227 21.39 36.39 2.88
N LEU A 228 21.37 35.11 3.23
CA LEU A 228 22.16 34.12 2.52
C LEU A 228 21.31 33.63 1.35
N ILE A 229 21.85 33.77 0.14
CA ILE A 229 21.10 33.45 -1.07
C ILE A 229 21.75 32.31 -1.82
N VAL A 230 21.04 31.19 -1.91
CA VAL A 230 21.49 30.05 -2.69
C VAL A 230 20.74 30.03 -4.02
N GLY A 231 21.41 29.61 -5.09
CA GLY A 231 20.80 29.56 -6.40
C GLY A 231 21.34 30.59 -7.37
N ARG A 232 21.08 30.36 -8.66
CA ARG A 232 21.66 31.13 -9.75
C ARG A 232 20.85 32.39 -10.08
N GLY A 233 21.53 33.47 -10.42
CA GLY A 233 20.86 34.69 -10.83
C GLY A 233 21.82 35.84 -11.05
N ASP A 234 21.28 37.05 -11.19
CA ASP A 234 22.09 38.24 -11.43
C ASP A 234 22.33 38.98 -10.12
N GLU A 235 23.58 38.97 -9.66
CA GLU A 235 23.92 39.59 -8.38
C GLU A 235 23.91 41.11 -8.46
N ASP A 236 24.59 41.64 -9.48
CA ASP A 236 24.68 43.08 -9.71
C ASP A 236 23.31 43.74 -9.60
N GLU A 237 22.41 43.32 -10.48
CA GLU A 237 21.04 43.83 -10.53
C GLU A 237 20.39 43.87 -9.15
N LEU A 238 20.51 42.76 -8.41
CA LEU A 238 19.88 42.64 -7.11
C LEU A 238 20.50 43.61 -6.11
N ARG A 239 21.83 43.69 -6.10
CA ARG A 239 22.51 44.65 -5.24
C ARG A 239 22.03 46.05 -5.57
N GLU A 240 21.87 46.33 -6.86
CA GLU A 240 21.38 47.63 -7.31
C GLU A 240 19.97 47.91 -6.78
N GLN A 241 19.08 46.91 -6.90
CA GLN A 241 17.73 47.05 -6.36
C GLN A 241 17.73 47.09 -4.83
N ALA A 242 18.75 46.50 -4.22
CA ALA A 242 18.86 46.48 -2.76
C ALA A 242 19.26 47.84 -2.19
N GLY A 243 19.80 48.71 -3.04
CA GLY A 243 20.26 50.01 -2.61
C GLY A 243 21.49 49.92 -1.73
N ASP A 244 21.47 50.61 -0.60
CA ASP A 244 22.61 50.63 0.32
C ASP A 244 22.55 49.47 1.31
N LEU A 245 21.48 48.69 1.24
CA LEU A 245 21.33 47.49 2.06
C LEU A 245 21.99 46.30 1.38
N ALA A 246 22.51 46.52 0.18
CA ALA A 246 23.13 45.47 -0.62
C ALA A 246 24.26 44.78 0.12
N GLY A 247 24.87 45.49 1.07
CA GLY A 247 25.95 44.94 1.86
C GLY A 247 25.51 43.74 2.69
N HIS A 248 24.21 43.66 2.97
CA HIS A 248 23.64 42.60 3.79
C HIS A 248 23.49 41.28 3.02
N LEU A 249 23.70 41.33 1.72
CA LEU A 249 23.47 40.16 0.86
C LEU A 249 24.72 39.31 0.73
N ARG A 250 24.53 38.01 0.81
CA ARG A 250 25.60 37.04 0.58
C ARG A 250 25.14 35.96 -0.39
N PHE A 251 25.84 35.86 -1.52
CA PHE A 251 25.51 34.88 -2.55
C PHE A 251 26.43 33.67 -2.46
N LEU A 252 25.85 32.48 -2.34
CA LEU A 252 26.61 31.25 -2.43
C LEU A 252 26.62 30.67 -3.84
N GLY A 253 25.81 31.25 -4.73
CA GLY A 253 25.68 30.74 -6.09
C GLY A 253 24.86 29.47 -6.10
N GLN A 254 24.95 28.72 -7.19
CA GLN A 254 24.26 27.44 -7.31
C GLN A 254 25.20 26.34 -6.85
N VAL A 255 24.86 25.71 -5.72
CA VAL A 255 25.76 24.79 -5.03
C VAL A 255 25.34 23.33 -5.25
N ASP A 256 26.12 22.42 -4.66
CA ASP A 256 25.75 21.01 -4.66
C ASP A 256 24.74 20.78 -3.54
N ASP A 257 24.28 19.54 -3.41
CA ASP A 257 23.25 19.21 -2.42
C ASP A 257 23.79 19.31 -0.98
N ALA A 258 25.02 18.87 -0.79
CA ALA A 258 25.63 18.85 0.53
C ALA A 258 25.71 20.27 1.11
N THR A 259 26.19 21.20 0.28
CA THR A 259 26.34 22.59 0.68
C THR A 259 24.97 23.23 0.88
N LYS A 260 24.00 22.82 0.08
CA LYS A 260 22.63 23.27 0.25
C LYS A 260 22.16 22.91 1.65
N ALA A 261 22.30 21.64 2.00
CA ALA A 261 21.96 21.16 3.34
C ALA A 261 22.67 21.95 4.43
N SER A 262 23.98 22.13 4.26
CA SER A 262 24.78 22.89 5.22
C SER A 262 24.25 24.31 5.44
N ALA A 263 24.14 25.07 4.36
CA ALA A 263 23.64 26.44 4.39
C ALA A 263 22.25 26.48 5.03
N MET A 264 21.43 25.51 4.64
CA MET A 264 20.09 25.38 5.18
C MET A 264 20.11 25.21 6.68
N ARG A 265 20.98 24.34 7.16
CA ARG A 265 21.08 24.07 8.59
C ARG A 265 21.69 25.25 9.35
N SER A 266 22.61 25.97 8.72
CA SER A 266 23.28 27.09 9.39
C SER A 266 22.53 28.43 9.35
N ALA A 267 21.39 28.49 8.67
CA ALA A 267 20.51 29.67 8.72
C ALA A 267 19.57 29.58 9.91
N ASP A 268 19.23 30.73 10.50
CA ASP A 268 18.30 30.78 11.61
C ASP A 268 16.85 30.66 11.14
N VAL A 269 16.61 31.10 9.90
CA VAL A 269 15.25 31.10 9.32
C VAL A 269 15.34 30.85 7.83
N TYR A 270 14.35 30.14 7.30
CA TYR A 270 14.20 29.99 5.85
C TYR A 270 12.95 30.71 5.37
N CYS A 271 13.13 31.67 4.48
CA CYS A 271 12.04 32.45 3.93
C CYS A 271 11.68 31.93 2.54
N ALA A 272 10.41 31.57 2.34
CA ALA A 272 9.92 31.10 1.03
C ALA A 272 8.75 31.94 0.54
N PRO A 273 9.05 33.13 -0.03
CA PRO A 273 7.99 34.06 -0.41
C PRO A 273 7.46 33.85 -1.83
N HIS A 274 7.14 32.62 -2.23
CA HIS A 274 6.81 32.35 -3.63
C HIS A 274 5.45 32.99 -4.00
N LEU A 275 5.39 33.60 -5.19
CA LEU A 275 4.13 34.21 -5.65
C LEU A 275 3.13 33.12 -6.08
N GLY A 276 3.60 32.11 -6.80
CA GLY A 276 3.00 30.77 -6.76
C GLY A 276 3.78 29.78 -7.60
N GLY A 277 3.91 28.53 -7.15
CA GLY A 277 4.30 27.44 -8.05
C GLY A 277 3.35 26.26 -8.24
N GLU A 278 2.53 26.01 -7.22
CA GLU A 278 1.71 24.80 -7.14
C GLU A 278 2.54 23.50 -7.28
N SER A 279 3.85 23.61 -7.07
CA SER A 279 4.77 22.47 -7.03
C SER A 279 5.73 22.64 -5.84
N PHE A 280 6.42 23.77 -5.81
CA PHE A 280 7.71 23.97 -5.15
C PHE A 280 7.93 23.48 -3.71
N GLY A 281 6.87 23.11 -2.98
CA GLY A 281 6.94 22.91 -1.53
C GLY A 281 8.06 22.07 -0.88
N ILE A 282 8.67 21.13 -1.59
CA ILE A 282 9.63 20.19 -0.97
C ILE A 282 10.80 20.87 -0.26
N VAL A 283 11.19 22.05 -0.74
CA VAL A 283 12.29 22.76 -0.11
C VAL A 283 11.96 23.06 1.35
N LEU A 284 10.68 23.27 1.65
CA LEU A 284 10.26 23.54 3.02
C LEU A 284 10.50 22.32 3.90
N VAL A 285 10.17 21.15 3.35
CA VAL A 285 10.40 19.89 4.03
C VAL A 285 11.88 19.74 4.37
N GLU A 286 12.74 20.15 3.43
CA GLU A 286 14.18 20.07 3.63
C GLU A 286 14.62 21.01 4.74
N ALA A 287 13.98 22.19 4.80
CA ALA A 287 14.28 23.18 5.81
C ALA A 287 13.89 22.67 7.20
N MET A 288 12.72 22.04 7.29
CA MET A 288 12.23 21.51 8.56
C MET A 288 13.10 20.36 9.05
N ALA A 289 13.58 19.56 8.11
CA ALA A 289 14.48 18.44 8.41
C ALA A 289 15.83 18.96 8.91
N ALA A 290 16.19 20.17 8.48
CA ALA A 290 17.45 20.78 8.85
C ALA A 290 17.35 21.44 10.23
N GLY A 291 16.13 21.51 10.76
CA GLY A 291 15.91 22.11 12.06
C GLY A 291 15.82 23.62 11.99
N THR A 292 15.72 24.14 10.77
CA THR A 292 15.60 25.58 10.55
C THR A 292 14.13 25.99 10.43
N ALA A 293 13.76 27.03 11.16
CA ALA A 293 12.37 27.48 11.21
C ALA A 293 11.97 28.11 9.87
N VAL A 294 10.75 27.82 9.43
CA VAL A 294 10.28 28.25 8.12
C VAL A 294 9.27 29.39 8.22
N VAL A 295 9.44 30.37 7.35
CA VAL A 295 8.43 31.38 7.11
C VAL A 295 8.13 31.36 5.63
N ALA A 296 6.87 31.17 5.27
CA ALA A 296 6.51 30.96 3.88
C ALA A 296 5.26 31.72 3.46
N SER A 297 5.17 32.02 2.17
CA SER A 297 3.96 32.61 1.64
C SER A 297 2.85 31.55 1.73
N ASP A 298 1.61 32.00 1.65
CA ASP A 298 0.44 31.21 2.06
C ASP A 298 -0.13 30.32 0.94
N LEU A 299 0.62 30.13 -0.13
CA LEU A 299 0.20 29.23 -1.21
C LEU A 299 -0.23 27.88 -0.65
N ASP A 300 -1.25 27.29 -1.26
CA ASP A 300 -1.90 26.09 -0.74
C ASP A 300 -0.91 25.00 -0.33
N ALA A 301 0.01 24.67 -1.24
CA ALA A 301 0.99 23.62 -1.00
C ALA A 301 1.79 23.88 0.28
N PHE A 302 2.26 25.11 0.43
CA PHE A 302 3.03 25.49 1.62
C PHE A 302 2.20 25.36 2.88
N ARG A 303 0.94 25.78 2.80
CA ARG A 303 0.03 25.68 3.93
C ARG A 303 -0.20 24.22 4.29
N ARG A 304 -0.31 23.37 3.28
CA ARG A 304 -0.40 21.93 3.51
C ARG A 304 0.84 21.41 4.24
N VAL A 305 2.00 21.70 3.68
CA VAL A 305 3.26 21.21 4.24
C VAL A 305 3.46 21.67 5.68
N LEU A 306 3.23 22.95 5.96
CA LEU A 306 3.42 23.46 7.32
C LEU A 306 2.19 23.20 8.18
N ALA A 307 1.20 22.54 7.58
CA ALA A 307 0.00 22.13 8.30
C ALA A 307 -0.76 23.31 8.87
N ASP A 308 -1.30 24.16 7.99
CA ASP A 308 -2.21 25.24 8.41
C ASP A 308 -1.52 26.34 9.22
N GLY A 309 -0.21 26.23 9.41
CA GLY A 309 0.53 27.16 10.25
C GLY A 309 1.02 26.54 11.55
N ASP A 310 0.81 25.23 11.70
CA ASP A 310 1.31 24.51 12.85
C ASP A 310 2.84 24.42 12.82
N ALA A 311 3.37 24.01 11.67
CA ALA A 311 4.81 23.74 11.52
C ALA A 311 5.63 24.92 11.00
N GLY A 312 4.98 26.05 10.74
CA GLY A 312 5.70 27.23 10.28
C GLY A 312 4.81 28.44 10.08
N ARG A 313 5.42 29.62 9.99
CA ARG A 313 4.69 30.86 9.85
C ARG A 313 4.25 31.09 8.41
N LEU A 314 2.98 31.44 8.23
CA LEU A 314 2.42 31.65 6.91
C LEU A 314 2.09 33.12 6.67
N VAL A 315 2.47 33.61 5.50
CA VAL A 315 2.27 35.03 5.15
C VAL A 315 1.47 35.18 3.85
N PRO A 316 0.59 36.20 3.78
CA PRO A 316 -0.13 36.48 2.54
C PRO A 316 0.82 36.67 1.35
N VAL A 317 0.47 36.12 0.20
CA VAL A 317 1.28 36.28 -1.01
C VAL A 317 1.50 37.75 -1.34
N ASP A 318 2.72 38.08 -1.74
CA ASP A 318 3.05 39.42 -2.20
C ASP A 318 2.79 40.48 -1.13
N ASP A 319 3.09 40.14 0.12
CA ASP A 319 2.94 41.05 1.25
C ASP A 319 4.30 41.25 1.93
N ALA A 320 4.85 42.45 1.78
CA ALA A 320 6.17 42.76 2.33
C ALA A 320 6.09 43.03 3.83
N ASP A 321 5.12 43.86 4.22
CA ASP A 321 4.92 44.23 5.62
C ASP A 321 4.72 42.99 6.49
N GLY A 322 3.86 42.11 6.02
CA GLY A 322 3.59 40.85 6.70
C GLY A 322 4.84 40.00 6.83
N MET A 323 5.55 39.85 5.72
CA MET A 323 6.81 39.10 5.68
C MET A 323 7.79 39.63 6.73
N ALA A 324 7.94 40.94 6.74
CA ALA A 324 8.81 41.62 7.70
C ALA A 324 8.41 41.30 9.14
N ALA A 325 7.14 41.56 9.46
CA ALA A 325 6.64 41.28 10.81
C ALA A 325 6.91 39.83 11.21
N ALA A 326 6.61 38.91 10.29
CA ALA A 326 6.82 37.49 10.51
C ALA A 326 8.27 37.18 10.86
N LEU A 327 9.18 37.56 9.97
CA LEU A 327 10.60 37.31 10.17
C LEU A 327 11.08 37.92 11.49
N ILE A 328 10.90 39.23 11.63
CA ILE A 328 11.30 39.94 12.83
C ILE A 328 10.81 39.21 14.08
N GLY A 329 9.52 38.87 14.08
CA GLY A 329 8.93 38.12 15.17
C GLY A 329 9.65 36.82 15.45
N ILE A 330 9.90 36.04 14.40
CA ILE A 330 10.64 34.78 14.55
C ILE A 330 12.02 35.01 15.19
N LEU A 331 12.79 35.95 14.65
CA LEU A 331 14.16 36.15 15.13
C LEU A 331 14.20 36.70 16.56
N GLU A 332 13.30 37.63 16.88
CA GLU A 332 13.36 38.31 18.18
C GLU A 332 13.02 37.39 19.35
N ASP A 333 12.05 36.50 19.16
CA ASP A 333 11.64 35.55 20.20
C ASP A 333 12.14 34.15 19.88
N ASP A 334 13.07 33.66 20.71
CA ASP A 334 13.73 32.38 20.47
C ASP A 334 12.84 31.19 20.85
N GLN A 335 12.08 31.33 21.92
CA GLN A 335 11.19 30.26 22.37
C GLN A 335 10.17 29.90 21.29
N LEU A 336 9.54 30.93 20.72
CA LEU A 336 8.58 30.78 19.63
C LEU A 336 9.17 29.96 18.48
N ARG A 337 10.33 30.41 18.02
CA ARG A 337 11.07 29.76 16.94
C ARG A 337 11.32 28.31 17.27
N ALA A 338 11.90 28.06 18.45
CA ALA A 338 12.18 26.71 18.91
C ALA A 338 10.93 25.83 18.84
N GLY A 339 9.80 26.40 19.28
CA GLY A 339 8.52 25.71 19.17
C GLY A 339 8.21 25.31 17.75
N TYR A 340 8.22 26.30 16.86
CA TYR A 340 7.99 26.05 15.42
C TYR A 340 8.88 24.92 14.89
N VAL A 341 10.18 25.00 15.19
CA VAL A 341 11.12 23.98 14.77
C VAL A 341 10.74 22.60 15.28
N ALA A 342 10.46 22.50 16.58
CA ALA A 342 10.09 21.23 17.18
C ALA A 342 8.87 20.61 16.48
N ARG A 343 7.82 21.41 16.32
CA ARG A 343 6.63 20.93 15.63
C ARG A 343 6.96 20.47 14.22
N ALA A 344 7.73 21.28 13.50
CA ALA A 344 8.17 20.90 12.16
C ALA A 344 8.89 19.55 12.17
N SER A 345 9.79 19.38 13.15
CA SER A 345 10.52 18.13 13.31
C SER A 345 9.57 16.98 13.57
N GLU A 346 8.49 17.25 14.30
CA GLU A 346 7.45 16.25 14.45
C GLU A 346 6.88 15.89 13.09
N ARG A 347 6.49 16.90 12.32
CA ARG A 347 5.83 16.64 11.04
C ARG A 347 6.70 15.97 9.98
N VAL A 348 7.99 16.33 9.94
CA VAL A 348 8.86 15.87 8.85
C VAL A 348 8.98 14.34 8.75
N HIS A 349 8.54 13.62 9.78
CA HIS A 349 8.61 12.17 9.79
C HIS A 349 8.03 11.53 8.53
N ARG A 350 6.85 11.97 8.13
CA ARG A 350 6.12 11.31 7.04
C ARG A 350 6.84 11.40 5.70
N TYR A 351 7.77 12.35 5.56
CA TYR A 351 8.50 12.55 4.30
C TYR A 351 9.82 11.78 4.23
N ASP A 352 10.24 11.17 5.34
CA ASP A 352 11.50 10.45 5.33
C ASP A 352 11.38 9.23 4.42
N TRP A 353 12.50 8.79 3.86
CA TRP A 353 12.49 7.66 2.93
C TRP A 353 12.04 6.35 3.59
N SER A 354 12.40 6.16 4.85
CA SER A 354 12.08 4.92 5.55
C SER A 354 10.57 4.64 5.53
N VAL A 355 9.79 5.73 5.46
CA VAL A 355 8.32 5.67 5.41
C VAL A 355 7.79 5.55 3.97
N VAL A 356 8.14 6.54 3.15
CA VAL A 356 7.77 6.57 1.74
C VAL A 356 8.11 5.24 1.04
N SER A 357 9.35 4.79 1.21
CA SER A 357 9.79 3.51 0.66
C SER A 357 8.91 2.35 1.13
N ALA A 358 8.47 2.42 2.38
CA ALA A 358 7.60 1.39 2.94
C ALA A 358 6.26 1.39 2.20
N GLN A 359 5.68 2.56 2.04
CA GLN A 359 4.41 2.69 1.29
C GLN A 359 4.53 2.15 -0.15
N ILE A 360 5.57 2.59 -0.84
CA ILE A 360 5.75 2.12 -2.22
C ILE A 360 6.00 0.61 -2.23
N MET A 361 6.72 0.11 -1.23
CA MET A 361 6.93 -1.32 -1.10
C MET A 361 5.59 -2.03 -0.93
N ARG A 362 4.71 -1.47 -0.12
CA ARG A 362 3.37 -2.01 0.02
C ARG A 362 2.73 -2.14 -1.35
N VAL A 363 2.79 -1.07 -2.14
CA VAL A 363 2.28 -1.15 -3.52
C VAL A 363 2.91 -2.31 -4.32
N TYR A 364 4.24 -2.42 -4.27
CA TYR A 364 4.94 -3.53 -4.90
C TYR A 364 4.35 -4.88 -4.47
N GLU A 365 4.21 -5.06 -3.17
CA GLU A 365 3.76 -6.33 -2.62
C GLU A 365 2.33 -6.65 -3.07
N THR A 366 1.48 -5.63 -3.07
CA THR A 366 0.11 -5.80 -3.53
C THR A 366 0.09 -6.29 -4.98
N VAL A 367 0.81 -5.58 -5.85
CA VAL A 367 0.74 -5.89 -7.29
C VAL A 367 1.40 -7.22 -7.67
N SER A 368 2.48 -7.60 -6.99
CA SER A 368 3.21 -8.82 -7.34
C SER A 368 2.73 -10.03 -6.53
N GLY A 369 2.60 -11.16 -7.20
CA GLY A 369 2.27 -12.42 -6.56
C GLY A 369 3.50 -13.32 -6.48
N ALA A 370 3.30 -14.54 -6.00
CA ALA A 370 4.37 -15.53 -5.94
C ALA A 370 4.46 -16.28 -7.26
N GLY A 371 5.66 -16.32 -7.82
CA GLY A 371 5.89 -17.05 -9.07
C GLY A 371 5.66 -16.17 -10.28
N ILE A 372 4.96 -15.06 -10.09
CA ILE A 372 4.69 -14.14 -11.19
C ILE A 372 5.87 -13.19 -11.36
N LYS A 373 6.40 -13.17 -12.57
CA LYS A 373 7.52 -12.31 -12.92
C LYS A 373 7.12 -11.41 -14.07
N VAL A 374 7.76 -10.26 -14.18
CA VAL A 374 7.53 -9.37 -15.30
C VAL A 374 8.06 -10.05 -16.56
N GLN A 375 7.22 -10.07 -17.58
CA GLN A 375 7.58 -10.68 -18.86
C GLN A 375 7.34 -9.65 -19.94
N VAL A 376 7.90 -9.90 -21.12
CA VAL A 376 7.62 -9.05 -22.26
C VAL A 376 6.34 -9.56 -22.91
N SER A 377 5.48 -8.64 -23.36
CA SER A 377 4.26 -9.03 -24.04
C SER A 377 4.60 -9.76 -25.34
N GLY A 378 3.87 -10.82 -25.72
CA GLY A 378 2.74 -11.37 -24.98
C GLY A 378 3.12 -12.69 -24.32
N ALA A 379 2.10 -13.46 -23.93
CA ALA A 379 2.31 -14.79 -23.35
C ALA A 379 1.27 -15.77 -23.88
N GLY B 3 -23.91 11.18 -44.03
CA GLY B 3 -23.99 9.71 -44.21
C GLY B 3 -24.53 9.03 -42.95
N ALA B 4 -25.67 8.36 -43.09
CA ALA B 4 -26.30 7.68 -41.97
C ALA B 4 -25.44 6.50 -41.51
N MET B 5 -25.58 6.14 -40.24
CA MET B 5 -24.66 5.22 -39.58
C MET B 5 -25.43 4.36 -38.58
N ARG B 6 -25.04 3.09 -38.48
CA ARG B 6 -25.63 2.16 -37.52
C ARG B 6 -24.74 2.06 -36.29
N ILE B 7 -25.31 2.39 -35.13
CA ILE B 7 -24.52 2.58 -33.91
C ILE B 7 -25.03 1.75 -32.73
N GLY B 8 -24.15 0.94 -32.18
CA GLY B 8 -24.41 0.27 -30.91
C GLY B 8 -23.94 1.15 -29.77
N MET B 9 -24.64 1.09 -28.64
CA MET B 9 -24.22 1.79 -27.44
C MET B 9 -24.53 0.94 -26.24
N VAL B 10 -23.72 1.06 -25.19
CA VAL B 10 -23.88 0.23 -24.01
C VAL B 10 -23.78 1.05 -22.73
N CYS B 11 -24.84 1.01 -21.94
CA CYS B 11 -24.87 1.65 -20.64
C CYS B 11 -24.64 0.60 -19.56
N PRO B 12 -23.68 0.82 -18.65
CA PRO B 12 -23.36 -0.11 -17.55
C PRO B 12 -24.41 -0.14 -16.43
N TYR B 13 -25.19 0.93 -16.32
CA TYR B 13 -26.13 1.10 -15.21
C TYR B 13 -27.58 1.14 -15.71
N SER B 14 -28.50 0.72 -14.85
CA SER B 14 -29.91 0.69 -15.22
C SER B 14 -30.49 2.10 -15.18
N PHE B 15 -31.56 2.30 -15.95
CA PHE B 15 -32.22 3.59 -16.04
C PHE B 15 -33.27 3.77 -14.95
N ASP B 16 -33.55 2.69 -14.23
CA ASP B 16 -34.45 2.76 -13.09
C ASP B 16 -33.93 3.78 -12.10
N VAL B 17 -32.61 3.85 -11.97
CA VAL B 17 -31.95 4.79 -11.08
C VAL B 17 -31.42 5.99 -11.86
N PRO B 18 -31.71 7.22 -11.39
CA PRO B 18 -31.14 8.40 -12.06
C PRO B 18 -29.62 8.41 -11.95
N GLY B 19 -28.93 8.71 -13.05
CA GLY B 19 -27.48 8.78 -13.05
C GLY B 19 -26.99 9.69 -14.15
N GLY B 20 -25.77 10.19 -13.99
CA GLY B 20 -25.18 11.06 -14.99
C GLY B 20 -24.93 10.30 -16.29
N VAL B 21 -24.38 9.10 -16.14
CA VAL B 21 -24.06 8.24 -17.28
C VAL B 21 -25.33 7.83 -18.01
N GLN B 22 -26.32 7.40 -17.24
CA GLN B 22 -27.61 6.98 -17.79
C GLN B 22 -28.18 8.09 -18.69
N SER B 23 -28.31 9.28 -18.09
CA SER B 23 -28.85 10.45 -18.76
C SER B 23 -28.04 10.84 -19.98
N HIS B 24 -26.72 10.87 -19.81
CA HIS B 24 -25.80 11.18 -20.90
C HIS B 24 -26.06 10.27 -22.09
N VAL B 25 -26.01 8.97 -21.83
CA VAL B 25 -26.28 7.94 -22.84
C VAL B 25 -27.60 8.21 -23.56
N LEU B 26 -28.67 8.33 -22.77
CA LEU B 26 -29.99 8.59 -23.35
C LEU B 26 -29.98 9.80 -24.29
N GLN B 27 -29.66 10.96 -23.74
CA GLN B 27 -29.66 12.21 -24.52
C GLN B 27 -28.84 12.07 -25.81
N LEU B 28 -27.63 11.55 -25.66
CA LEU B 28 -26.76 11.34 -26.81
C LEU B 28 -27.44 10.48 -27.89
N ALA B 29 -27.99 9.35 -27.47
CA ALA B 29 -28.67 8.44 -28.40
C ALA B 29 -29.79 9.16 -29.13
N GLU B 30 -30.64 9.86 -28.38
CA GLU B 30 -31.72 10.63 -29.00
C GLU B 30 -31.18 11.60 -30.04
N VAL B 31 -30.10 12.30 -29.67
CA VAL B 31 -29.44 13.23 -30.57
C VAL B 31 -29.00 12.56 -31.87
N LEU B 32 -28.27 11.45 -31.74
CA LEU B 32 -27.80 10.72 -32.91
C LEU B 32 -28.97 10.26 -33.76
N ARG B 33 -30.07 9.87 -33.12
CA ARG B 33 -31.28 9.52 -33.85
C ARG B 33 -31.80 10.70 -34.67
N ASP B 34 -31.95 11.86 -34.01
CA ASP B 34 -32.49 13.03 -34.70
C ASP B 34 -31.60 13.52 -35.85
N ALA B 35 -30.38 12.99 -35.94
CA ALA B 35 -29.50 13.25 -37.08
C ALA B 35 -29.66 12.18 -38.16
N GLY B 36 -30.62 11.27 -37.96
CA GLY B 36 -30.89 10.23 -38.92
C GLY B 36 -29.93 9.05 -38.85
N HIS B 37 -29.50 8.72 -37.64
CA HIS B 37 -28.66 7.54 -37.41
C HIS B 37 -29.48 6.45 -36.74
N GLU B 38 -29.28 5.21 -37.19
CA GLU B 38 -29.86 4.07 -36.51
C GLU B 38 -29.00 3.80 -35.28
N VAL B 39 -29.60 3.87 -34.10
CA VAL B 39 -28.85 3.71 -32.86
C VAL B 39 -29.54 2.67 -31.97
N SER B 40 -28.73 1.91 -31.25
CA SER B 40 -29.26 0.89 -30.34
C SER B 40 -28.55 0.97 -29.00
N VAL B 41 -29.34 1.18 -27.94
CA VAL B 41 -28.81 1.23 -26.59
C VAL B 41 -29.06 -0.10 -25.89
N LEU B 42 -27.99 -0.67 -25.34
CA LEU B 42 -28.11 -1.86 -24.52
C LEU B 42 -27.70 -1.51 -23.10
N ALA B 43 -28.69 -1.39 -22.21
CA ALA B 43 -28.46 -1.16 -20.79
C ALA B 43 -28.81 -2.42 -20.00
N PRO B 44 -28.69 -2.37 -18.66
CA PRO B 44 -29.30 -3.44 -17.85
C PRO B 44 -30.82 -3.32 -17.88
N ALA B 45 -31.49 -4.14 -17.07
CA ALA B 45 -32.95 -4.15 -17.02
C ALA B 45 -33.49 -2.87 -16.40
N SER B 46 -34.49 -2.28 -17.06
CA SER B 46 -35.12 -1.05 -16.56
C SER B 46 -36.64 -1.09 -16.76
N PRO B 47 -37.31 -2.07 -16.11
CA PRO B 47 -38.77 -2.25 -16.21
C PRO B 47 -39.58 -1.18 -15.48
N HIS B 48 -38.97 -0.56 -14.47
CA HIS B 48 -39.69 0.32 -13.57
C HIS B 48 -39.90 1.72 -14.15
N VAL B 49 -39.37 1.94 -15.36
CA VAL B 49 -39.50 3.24 -16.01
C VAL B 49 -39.68 3.09 -17.53
N LYS B 50 -40.42 4.02 -18.11
CA LYS B 50 -40.68 4.01 -19.55
C LYS B 50 -39.47 4.52 -20.32
N LEU B 51 -38.98 3.70 -21.25
CA LEU B 51 -37.87 4.08 -22.11
C LEU B 51 -38.25 3.82 -23.57
N PRO B 52 -37.60 4.53 -24.52
CA PRO B 52 -37.92 4.35 -25.94
C PRO B 52 -37.66 2.94 -26.48
N ASP B 53 -37.96 2.74 -27.75
CA ASP B 53 -37.99 1.41 -28.34
C ASP B 53 -36.60 0.85 -28.65
N TYR B 54 -35.67 1.72 -28.99
CA TYR B 54 -34.33 1.29 -29.40
C TYR B 54 -33.50 0.78 -28.23
N VAL B 55 -34.04 0.88 -27.02
CA VAL B 55 -33.32 0.44 -25.83
C VAL B 55 -33.59 -1.04 -25.59
N VAL B 56 -32.54 -1.84 -25.72
CA VAL B 56 -32.60 -3.27 -25.44
C VAL B 56 -32.15 -3.53 -24.01
N SER B 57 -32.80 -4.49 -23.36
CA SER B 57 -32.41 -4.90 -22.01
C SER B 57 -31.52 -6.14 -22.09
N GLY B 58 -30.41 -6.11 -21.37
CA GLY B 58 -29.44 -7.20 -21.40
C GLY B 58 -29.55 -8.12 -20.19
N GLY B 59 -30.68 -8.07 -19.50
CA GLY B 59 -30.94 -8.95 -18.39
C GLY B 59 -30.76 -8.31 -17.03
N LYS B 60 -30.78 -9.14 -15.99
CA LYS B 60 -30.68 -8.68 -14.62
C LYS B 60 -29.40 -9.21 -13.98
N ALA B 61 -28.92 -8.52 -12.96
CA ALA B 61 -27.72 -8.93 -12.24
C ALA B 61 -28.10 -9.70 -10.98
N VAL B 62 -27.51 -10.88 -10.81
CA VAL B 62 -27.79 -11.73 -9.66
C VAL B 62 -26.48 -12.05 -8.95
N PRO B 63 -26.55 -12.51 -7.68
CA PRO B 63 -25.35 -12.91 -6.95
C PRO B 63 -24.72 -14.18 -7.53
N VAL B 70 -18.97 -16.84 -4.23
CA VAL B 70 -18.80 -15.62 -3.46
C VAL B 70 -19.91 -14.63 -3.75
N ALA B 71 -20.11 -13.66 -2.86
CA ALA B 71 -21.21 -12.72 -3.01
C ALA B 71 -20.74 -11.45 -3.72
N ARG B 72 -21.15 -11.33 -4.98
CA ARG B 72 -20.94 -10.12 -5.78
C ARG B 72 -22.02 -10.08 -6.86
N LEU B 73 -22.45 -8.88 -7.24
CA LEU B 73 -23.43 -8.74 -8.31
C LEU B 73 -22.76 -8.82 -9.67
N ARG B 74 -23.18 -9.80 -10.46
CA ARG B 74 -22.66 -9.98 -11.81
C ARG B 74 -23.78 -10.46 -12.73
N PHE B 75 -23.45 -10.67 -13.99
CA PHE B 75 -24.46 -10.99 -15.00
C PHE B 75 -24.40 -12.44 -15.45
N GLY B 76 -25.54 -13.13 -15.33
CA GLY B 76 -25.61 -14.55 -15.62
C GLY B 76 -25.33 -14.87 -17.08
N PRO B 77 -25.02 -16.14 -17.38
CA PRO B 77 -24.67 -16.61 -18.73
C PRO B 77 -25.66 -16.14 -19.79
N ALA B 78 -26.93 -16.08 -19.38
CA ALA B 78 -28.02 -15.59 -20.24
C ALA B 78 -27.63 -14.25 -20.86
N THR B 79 -27.05 -13.38 -20.03
CA THR B 79 -26.66 -12.04 -20.45
C THR B 79 -25.52 -12.08 -21.46
N HIS B 80 -24.50 -12.90 -21.19
CA HIS B 80 -23.41 -13.11 -22.14
C HIS B 80 -24.02 -13.44 -23.50
N ARG B 81 -24.96 -14.38 -23.48
CA ARG B 81 -25.68 -14.77 -24.69
C ARG B 81 -26.35 -13.57 -25.37
N LYS B 82 -27.22 -12.88 -24.62
CA LYS B 82 -27.94 -11.73 -25.13
C LYS B 82 -27.00 -10.71 -25.78
N VAL B 83 -25.89 -10.42 -25.11
CA VAL B 83 -24.85 -9.53 -25.64
C VAL B 83 -24.35 -10.00 -26.99
N LYS B 84 -23.73 -11.18 -27.01
CA LYS B 84 -23.11 -11.66 -28.25
C LYS B 84 -24.12 -11.62 -29.40
N LYS B 85 -25.35 -12.03 -29.11
CA LYS B 85 -26.44 -11.95 -30.10
C LYS B 85 -26.67 -10.52 -30.56
N TRP B 86 -26.83 -9.61 -29.61
CA TRP B 86 -27.02 -8.18 -29.89
C TRP B 86 -25.97 -7.67 -30.87
N ILE B 87 -24.71 -7.95 -30.55
CA ILE B 87 -23.60 -7.56 -31.43
C ILE B 87 -23.79 -8.15 -32.82
N ALA B 88 -23.88 -9.47 -32.90
CA ALA B 88 -23.94 -10.13 -34.20
C ALA B 88 -25.11 -9.63 -35.04
N GLU B 89 -26.24 -9.37 -34.38
CA GLU B 89 -27.47 -9.00 -35.05
C GLU B 89 -27.48 -7.53 -35.48
N GLY B 90 -26.91 -6.68 -34.64
CA GLY B 90 -26.94 -5.24 -34.90
C GLY B 90 -26.25 -4.78 -36.17
N ASP B 91 -25.22 -5.49 -36.60
CA ASP B 91 -24.48 -5.12 -37.81
C ASP B 91 -24.01 -3.67 -37.72
N PHE B 92 -23.57 -3.28 -36.52
CA PHE B 92 -23.21 -1.88 -36.26
C PHE B 92 -21.95 -1.45 -37.00
N ASP B 93 -21.86 -0.15 -37.28
CA ASP B 93 -20.66 0.44 -37.83
C ASP B 93 -19.64 0.76 -36.72
N VAL B 94 -20.13 1.07 -35.53
CA VAL B 94 -19.28 1.20 -34.35
C VAL B 94 -19.97 0.73 -33.08
N LEU B 95 -19.16 0.48 -32.07
CA LEU B 95 -19.66 0.12 -30.76
C LEU B 95 -19.14 1.14 -29.74
N HIS B 96 -20.06 1.90 -29.15
CA HIS B 96 -19.69 2.91 -28.18
C HIS B 96 -20.00 2.41 -26.77
N ILE B 97 -18.94 2.13 -26.02
CA ILE B 97 -19.07 1.58 -24.68
C ILE B 97 -18.84 2.66 -23.63
N HIS B 98 -19.56 2.58 -22.52
CA HIS B 98 -19.44 3.54 -21.43
C HIS B 98 -19.04 2.86 -20.12
N GLU B 99 -18.02 3.41 -19.47
CA GLU B 99 -17.51 2.86 -18.21
C GLU B 99 -17.25 1.36 -18.30
N PRO B 100 -16.40 0.94 -19.26
CA PRO B 100 -16.00 -0.46 -19.39
C PRO B 100 -15.20 -0.96 -18.19
N ASN B 101 -14.70 -0.05 -17.36
CA ASN B 101 -13.98 -0.42 -16.14
C ASN B 101 -14.90 -1.11 -15.13
N ALA B 102 -16.18 -0.74 -15.15
CA ALA B 102 -17.17 -1.34 -14.26
C ALA B 102 -17.49 -2.77 -14.73
N PRO B 103 -17.74 -3.69 -13.78
CA PRO B 103 -18.01 -5.09 -14.13
C PRO B 103 -19.46 -5.27 -14.57
N SER B 104 -19.77 -4.87 -15.80
CA SER B 104 -21.14 -4.82 -16.29
C SER B 104 -21.16 -5.05 -17.80
N LEU B 105 -22.30 -4.75 -18.41
CA LEU B 105 -22.52 -5.00 -19.84
C LEU B 105 -21.39 -4.45 -20.70
N SER B 106 -20.84 -3.32 -20.28
CA SER B 106 -19.78 -2.65 -21.00
C SER B 106 -18.54 -3.52 -21.11
N MET B 107 -18.09 -4.04 -19.97
CA MET B 107 -16.91 -4.88 -19.93
C MET B 107 -17.10 -6.10 -20.83
N LEU B 108 -18.21 -6.81 -20.63
CA LEU B 108 -18.56 -7.98 -21.43
C LEU B 108 -18.54 -7.65 -22.92
N ALA B 109 -19.26 -6.59 -23.27
CA ALA B 109 -19.34 -6.13 -24.65
C ALA B 109 -17.94 -5.87 -25.20
N LEU B 110 -17.09 -5.30 -24.36
CA LEU B 110 -15.71 -5.05 -24.75
C LEU B 110 -14.99 -6.36 -25.02
N GLN B 111 -15.18 -7.34 -24.15
CA GLN B 111 -14.57 -8.65 -24.34
C GLN B 111 -15.07 -9.34 -25.61
N ALA B 112 -16.37 -9.20 -25.89
CA ALA B 112 -16.98 -9.90 -27.03
C ALA B 112 -16.64 -9.28 -28.38
N ALA B 113 -16.65 -7.95 -28.44
CA ALA B 113 -16.61 -7.24 -29.73
C ALA B 113 -15.22 -7.16 -30.37
N GLU B 114 -15.22 -7.05 -31.69
CA GLU B 114 -14.01 -6.77 -32.46
C GLU B 114 -14.35 -5.76 -33.55
N GLY B 115 -13.34 -5.06 -34.04
CA GLY B 115 -13.54 -4.00 -35.03
C GLY B 115 -13.62 -2.64 -34.38
N PRO B 116 -14.28 -1.66 -35.03
CA PRO B 116 -14.26 -0.29 -34.52
C PRO B 116 -14.89 -0.20 -33.14
N ILE B 117 -14.16 0.37 -32.18
CA ILE B 117 -14.71 0.53 -30.84
C ILE B 117 -14.34 1.87 -30.27
N VAL B 118 -15.29 2.44 -29.53
CA VAL B 118 -15.10 3.72 -28.88
C VAL B 118 -15.55 3.60 -27.45
N ALA B 119 -14.70 4.00 -26.52
CA ALA B 119 -15.04 3.96 -25.11
C ALA B 119 -15.09 5.37 -24.55
N THR B 120 -16.05 5.61 -23.66
CA THR B 120 -16.12 6.84 -22.87
C THR B 120 -15.99 6.51 -21.39
N PHE B 121 -14.91 6.98 -20.78
CA PHE B 121 -14.73 6.93 -19.34
C PHE B 121 -15.20 8.24 -18.73
N HIS B 122 -16.27 8.19 -17.93
CA HIS B 122 -16.80 9.38 -17.30
C HIS B 122 -16.06 9.67 -16.01
N THR B 123 -16.40 10.78 -15.38
CA THR B 123 -15.75 11.20 -14.14
C THR B 123 -16.71 12.05 -13.30
N SER B 124 -16.20 12.56 -12.18
CA SER B 124 -17.03 13.35 -11.26
C SER B 124 -17.12 14.80 -11.72
N THR B 125 -16.53 15.10 -12.88
CA THR B 125 -16.50 16.46 -13.42
C THR B 125 -17.40 16.55 -14.65
N THR B 126 -17.41 17.73 -15.28
CA THR B 126 -18.28 18.00 -16.41
C THR B 126 -17.69 17.53 -17.74
N LYS B 127 -16.52 16.89 -17.67
CA LYS B 127 -15.88 16.35 -18.87
C LYS B 127 -15.66 14.84 -18.72
N SER B 128 -15.67 14.16 -19.87
CA SER B 128 -15.39 12.73 -19.93
C SER B 128 -14.22 12.51 -20.88
N LEU B 129 -13.60 11.34 -20.73
CA LEU B 129 -12.53 10.93 -21.62
C LEU B 129 -13.11 9.95 -22.62
N THR B 130 -13.01 10.28 -23.90
CA THR B 130 -13.51 9.39 -24.96
C THR B 130 -12.38 9.06 -25.91
N LEU B 131 -12.29 7.79 -26.29
CA LEU B 131 -11.21 7.35 -27.16
C LEU B 131 -11.58 6.09 -27.92
N SER B 132 -10.84 5.80 -28.98
CA SER B 132 -11.18 4.71 -29.88
C SER B 132 -10.07 3.68 -29.99
N VAL B 133 -10.47 2.44 -30.25
CA VAL B 133 -9.55 1.36 -30.54
C VAL B 133 -10.19 0.51 -31.62
N PHE B 134 -9.35 -0.07 -32.47
CA PHE B 134 -9.81 -1.07 -33.40
C PHE B 134 -9.34 -2.42 -32.87
N GLN B 135 -10.28 -3.20 -32.33
CA GLN B 135 -9.96 -4.48 -31.72
C GLN B 135 -9.81 -5.57 -32.75
N GLY B 136 -9.07 -6.61 -32.39
CA GLY B 136 -8.86 -7.74 -33.28
C GLY B 136 -7.59 -7.52 -34.05
N ILE B 137 -6.91 -8.62 -34.40
CA ILE B 137 -5.75 -8.52 -35.26
C ILE B 137 -6.27 -8.32 -36.68
N LEU B 138 -5.50 -7.60 -37.48
CA LEU B 138 -6.01 -7.05 -38.73
C LEU B 138 -6.08 -8.06 -39.86
N ARG B 139 -5.52 -9.25 -39.66
CA ARG B 139 -5.22 -10.21 -40.74
C ARG B 139 -6.28 -10.32 -41.84
N PRO B 140 -7.57 -10.28 -41.48
CA PRO B 140 -8.61 -10.32 -42.51
C PRO B 140 -8.61 -9.10 -43.47
N TYR B 141 -7.55 -8.99 -44.28
CA TYR B 141 -7.51 -8.09 -45.42
C TYR B 141 -7.11 -8.90 -46.65
N HIS B 142 -5.92 -9.53 -46.57
CA HIS B 142 -5.43 -10.51 -47.55
C HIS B 142 -6.51 -11.09 -48.47
N ILE B 149 0.37 -20.29 -50.90
CA ILE B 149 -0.09 -19.24 -51.81
C ILE B 149 -0.91 -18.20 -51.06
N ALA B 150 -0.25 -17.16 -50.57
CA ALA B 150 -0.91 -16.08 -49.84
C ALA B 150 -1.01 -14.83 -50.70
N VAL B 151 -2.10 -14.08 -50.51
CA VAL B 151 -2.38 -12.87 -51.29
C VAL B 151 -2.64 -11.71 -50.34
N SER B 152 -1.77 -10.70 -50.38
CA SER B 152 -1.82 -9.60 -49.41
C SER B 152 -2.26 -8.28 -50.04
N ASP B 153 -3.21 -7.61 -49.38
CA ASP B 153 -3.58 -6.25 -49.73
C ASP B 153 -2.93 -5.30 -48.72
N LEU B 154 -1.89 -4.59 -49.14
CA LEU B 154 -1.12 -3.77 -48.21
C LEU B 154 -1.84 -2.46 -47.89
N ALA B 155 -2.42 -1.86 -48.92
CA ALA B 155 -3.06 -0.55 -48.79
C ALA B 155 -4.05 -0.57 -47.63
N ARG B 156 -4.99 -1.50 -47.69
CA ARG B 156 -5.98 -1.67 -46.64
C ARG B 156 -5.30 -1.80 -45.29
N ARG B 157 -4.26 -2.63 -45.24
CA ARG B 157 -3.52 -2.84 -44.00
C ARG B 157 -3.02 -1.53 -43.39
N TRP B 158 -2.24 -0.75 -44.15
CA TRP B 158 -1.72 0.49 -43.60
C TRP B 158 -2.87 1.41 -43.21
N GLN B 159 -3.96 1.38 -43.98
CA GLN B 159 -5.15 2.14 -43.60
C GLN B 159 -5.60 1.74 -42.20
N MET B 160 -5.75 0.43 -41.98
CA MET B 160 -6.23 -0.06 -40.69
C MET B 160 -5.26 0.26 -39.55
N GLU B 161 -3.97 0.30 -39.85
CA GLU B 161 -2.96 0.69 -38.86
C GLU B 161 -3.11 2.13 -38.38
N ALA B 162 -3.82 2.95 -39.14
CA ALA B 162 -4.02 4.37 -38.80
C ALA B 162 -5.31 4.60 -38.02
N LEU B 163 -6.01 3.53 -37.68
CA LEU B 163 -7.28 3.61 -36.98
C LEU B 163 -7.10 3.71 -35.47
N GLY B 164 -7.97 4.48 -34.83
CA GLY B 164 -7.92 4.70 -33.39
C GLY B 164 -7.49 6.12 -33.07
N SER B 165 -7.85 6.60 -31.89
CA SER B 165 -7.55 7.96 -31.45
C SER B 165 -6.95 7.96 -30.06
N ASP B 166 -6.60 9.14 -29.54
CA ASP B 166 -5.98 9.25 -28.23
C ASP B 166 -6.78 10.09 -27.26
N ALA B 167 -7.40 9.44 -26.27
CA ALA B 167 -7.80 10.07 -25.00
C ALA B 167 -8.31 11.50 -25.15
N VAL B 168 -9.45 11.67 -25.82
CA VAL B 168 -10.01 13.00 -26.06
C VAL B 168 -10.84 13.47 -24.86
N GLU B 169 -10.67 14.73 -24.48
CA GLU B 169 -11.41 15.28 -23.35
C GLU B 169 -12.61 16.04 -23.90
N ILE B 170 -13.81 15.53 -23.65
CA ILE B 170 -15.02 16.14 -24.16
C ILE B 170 -15.95 16.53 -23.01
N PRO B 171 -16.72 17.62 -23.17
CA PRO B 171 -17.66 17.96 -22.10
C PRO B 171 -18.90 17.06 -22.05
N ASN B 172 -19.75 17.29 -21.06
CA ASN B 172 -21.03 16.61 -20.96
C ASN B 172 -22.04 17.34 -21.83
N GLY B 173 -22.79 16.57 -22.62
CA GLY B 173 -23.76 17.16 -23.51
C GLY B 173 -24.93 17.74 -22.76
N VAL B 174 -25.28 18.98 -23.09
CA VAL B 174 -26.46 19.65 -22.55
C VAL B 174 -27.35 20.09 -23.70
N ASP B 175 -28.66 19.93 -23.52
CA ASP B 175 -29.59 20.47 -24.49
C ASP B 175 -29.86 21.87 -23.94
N VAL B 176 -29.30 22.86 -24.62
CA VAL B 176 -29.23 24.22 -24.08
C VAL B 176 -30.54 24.96 -24.31
N ALA B 177 -31.11 24.78 -25.49
CA ALA B 177 -32.38 25.39 -25.85
C ALA B 177 -33.43 25.06 -24.81
N SER B 178 -33.46 23.80 -24.39
CA SER B 178 -34.44 23.32 -23.44
C SER B 178 -34.42 24.14 -22.15
N PHE B 179 -33.24 24.56 -21.74
CA PHE B 179 -33.10 25.41 -20.56
C PHE B 179 -33.35 26.89 -20.87
N ALA B 180 -32.79 27.36 -21.99
CA ALA B 180 -32.89 28.78 -22.34
C ALA B 180 -34.30 29.15 -22.83
N ASP B 181 -34.95 28.21 -23.53
CA ASP B 181 -36.30 28.42 -24.05
C ASP B 181 -37.38 27.88 -23.11
N ALA B 182 -36.97 27.44 -21.92
CA ALA B 182 -37.91 26.90 -20.93
C ALA B 182 -39.03 27.90 -20.64
N PRO B 183 -40.30 27.46 -20.72
CA PRO B 183 -41.37 28.41 -20.43
C PRO B 183 -41.41 28.78 -18.96
N LEU B 184 -41.59 30.06 -18.65
CA LEU B 184 -41.81 30.47 -17.27
C LEU B 184 -43.05 29.73 -16.78
N LEU B 185 -42.92 28.99 -15.69
CA LEU B 185 -44.08 28.33 -15.12
C LEU B 185 -44.96 29.39 -14.46
N ASP B 186 -46.23 29.08 -14.27
CA ASP B 186 -47.23 30.07 -13.89
C ASP B 186 -46.85 30.87 -12.64
N GLY B 187 -46.88 32.19 -12.77
CA GLY B 187 -46.72 33.09 -11.64
C GLY B 187 -45.33 33.68 -11.44
N TYR B 188 -44.49 33.58 -12.47
CA TYR B 188 -43.12 34.09 -12.38
C TYR B 188 -42.76 35.01 -13.55
N PRO B 189 -41.74 35.88 -13.38
CA PRO B 189 -40.99 36.08 -12.12
C PRO B 189 -41.82 36.85 -11.11
N ARG B 190 -41.76 36.46 -9.84
CA ARG B 190 -42.48 37.18 -8.80
C ARG B 190 -41.77 38.49 -8.46
N GLU B 191 -42.49 39.43 -7.86
CA GLU B 191 -41.96 40.76 -7.58
C GLU B 191 -40.83 40.75 -6.55
N GLY B 192 -40.91 39.85 -5.58
CA GLY B 192 -39.91 39.74 -4.52
C GLY B 192 -38.71 38.93 -4.96
N ARG B 193 -38.58 38.76 -6.27
CA ARG B 193 -37.59 37.92 -6.92
C ARG B 193 -37.67 36.46 -6.43
N THR B 194 -36.57 35.75 -6.48
CA THR B 194 -36.55 34.34 -6.07
C THR B 194 -35.11 33.88 -5.91
N VAL B 195 -34.91 32.78 -5.19
CA VAL B 195 -33.65 32.04 -5.29
C VAL B 195 -33.95 30.54 -5.33
N LEU B 196 -33.29 29.84 -6.23
CA LEU B 196 -33.57 28.43 -6.48
C LEU B 196 -32.55 27.54 -5.79
N PHE B 197 -33.05 26.56 -5.05
CA PHE B 197 -32.22 25.46 -4.54
C PHE B 197 -32.70 24.18 -5.20
N LEU B 198 -31.75 23.36 -5.66
CA LEU B 198 -32.09 22.12 -6.34
C LEU B 198 -31.22 20.97 -5.84
N GLY B 199 -31.88 19.88 -5.46
CA GLY B 199 -31.21 18.68 -5.03
C GLY B 199 -32.03 18.01 -3.95
N ARG B 200 -31.46 17.02 -3.30
CA ARG B 200 -32.09 16.39 -2.16
C ARG B 200 -31.60 17.12 -0.93
N TYR B 201 -32.49 17.87 -0.28
CA TYR B 201 -32.07 18.83 0.74
C TYR B 201 -31.80 18.20 2.10
N ASP B 202 -32.27 16.97 2.29
CA ASP B 202 -31.97 16.24 3.52
C ASP B 202 -30.46 16.06 3.62
N GLU B 203 -29.86 15.73 2.49
CA GLU B 203 -28.44 15.41 2.45
C GLU B 203 -27.58 16.62 2.85
N PRO B 204 -26.60 16.39 3.76
CA PRO B 204 -25.73 17.49 4.22
C PRO B 204 -24.84 18.04 3.12
N ARG B 205 -24.44 17.19 2.18
CA ARG B 205 -23.56 17.61 1.09
C ARG B 205 -24.17 18.74 0.27
N LYS B 206 -25.50 18.76 0.18
CA LYS B 206 -26.20 19.78 -0.61
C LYS B 206 -26.08 21.16 0.04
N GLY B 207 -25.89 21.18 1.36
CA GLY B 207 -25.62 22.41 2.08
C GLY B 207 -26.81 23.35 2.17
N MET B 208 -27.97 22.79 2.49
CA MET B 208 -29.20 23.58 2.62
C MET B 208 -29.14 24.46 3.88
N ALA B 209 -28.45 23.96 4.90
CA ALA B 209 -28.32 24.68 6.17
C ALA B 209 -27.59 26.00 5.98
N VAL B 210 -26.61 26.01 5.08
CA VAL B 210 -25.83 27.20 4.79
C VAL B 210 -26.75 28.28 4.22
N LEU B 211 -27.77 27.84 3.49
CA LEU B 211 -28.78 28.72 2.94
C LEU B 211 -29.71 29.16 4.07
N LEU B 212 -30.09 28.20 4.91
CA LEU B 212 -30.92 28.47 6.08
C LEU B 212 -30.35 29.60 6.94
N ALA B 213 -29.08 29.46 7.33
CA ALA B 213 -28.41 30.46 8.18
C ALA B 213 -28.36 31.83 7.51
N ALA B 214 -28.25 31.83 6.18
CA ALA B 214 -28.15 33.06 5.40
C ALA B 214 -29.51 33.70 5.17
N LEU B 215 -30.55 32.88 5.14
CA LEU B 215 -31.93 33.34 4.92
C LEU B 215 -32.35 34.60 5.70
N PRO B 216 -32.19 34.60 7.03
CA PRO B 216 -32.71 35.74 7.83
C PRO B 216 -32.16 37.10 7.41
N LYS B 217 -30.86 37.19 7.15
CA LYS B 217 -30.25 38.44 6.72
C LYS B 217 -30.77 38.85 5.36
N LEU B 218 -31.07 37.87 4.52
CA LEU B 218 -31.57 38.14 3.17
C LEU B 218 -32.98 38.69 3.21
N VAL B 219 -33.87 37.95 3.89
CA VAL B 219 -35.28 38.33 3.99
C VAL B 219 -35.42 39.71 4.65
N ALA B 220 -34.39 40.15 5.35
CA ALA B 220 -34.38 41.48 5.93
C ALA B 220 -34.32 42.54 4.83
N ARG B 221 -33.39 42.35 3.88
CA ARG B 221 -33.26 43.25 2.74
C ARG B 221 -34.24 42.91 1.62
N PHE B 222 -34.79 41.68 1.67
CA PHE B 222 -35.75 41.22 0.67
C PHE B 222 -36.88 40.43 1.34
N PRO B 223 -37.77 41.12 2.06
CA PRO B 223 -38.86 40.44 2.79
C PRO B 223 -39.91 39.79 1.88
N ASP B 224 -40.01 40.24 0.64
CA ASP B 224 -41.00 39.72 -0.30
C ASP B 224 -40.47 38.47 -1.00
N VAL B 225 -39.26 38.06 -0.63
CA VAL B 225 -38.54 37.00 -1.34
C VAL B 225 -39.20 35.63 -1.22
N GLU B 226 -38.89 34.76 -2.17
CA GLU B 226 -39.26 33.36 -2.09
C GLU B 226 -38.04 32.49 -2.39
N ILE B 227 -37.94 31.37 -1.68
CA ILE B 227 -36.90 30.38 -1.94
C ILE B 227 -37.58 29.13 -2.48
N LEU B 228 -37.31 28.80 -3.74
CA LEU B 228 -37.94 27.65 -4.38
C LEU B 228 -37.05 26.42 -4.23
N ILE B 229 -37.67 25.28 -3.93
CA ILE B 229 -36.95 24.03 -3.72
C ILE B 229 -37.49 22.94 -4.65
N VAL B 230 -36.60 22.39 -5.47
CA VAL B 230 -36.93 21.27 -6.34
C VAL B 230 -36.13 20.04 -5.94
N GLY B 231 -36.81 19.04 -5.39
CA GLY B 231 -36.18 17.76 -5.09
C GLY B 231 -36.86 16.98 -3.99
N ARG B 232 -36.44 15.73 -3.80
CA ARG B 232 -37.05 14.87 -2.79
C ARG B 232 -36.42 15.12 -1.43
N GLY B 233 -37.25 15.40 -0.44
CA GLY B 233 -36.76 15.58 0.92
C GLY B 233 -37.85 15.65 1.96
N ASP B 234 -37.45 15.94 3.20
CA ASP B 234 -38.39 16.01 4.31
C ASP B 234 -38.87 17.45 4.45
N GLU B 235 -40.14 17.67 4.17
CA GLU B 235 -40.72 19.01 4.15
C GLU B 235 -40.88 19.52 5.59
N ASP B 236 -41.51 18.68 6.40
CA ASP B 236 -41.76 18.96 7.81
C ASP B 236 -40.49 19.39 8.53
N GLU B 237 -39.53 18.46 8.60
CA GLU B 237 -38.25 18.70 9.28
C GLU B 237 -37.63 20.01 8.83
N LEU B 238 -37.65 20.23 7.51
CA LEU B 238 -37.11 21.45 6.92
C LEU B 238 -37.76 22.70 7.52
N ARG B 239 -39.07 22.85 7.31
CA ARG B 239 -39.78 24.03 7.81
C ARG B 239 -39.61 24.20 9.32
N GLU B 240 -39.71 23.09 10.06
CA GLU B 240 -39.52 23.09 11.50
C GLU B 240 -38.15 23.65 11.87
N GLN B 241 -37.12 23.24 11.13
CA GLN B 241 -35.78 23.80 11.32
C GLN B 241 -35.69 25.24 10.84
N ALA B 242 -36.51 25.58 9.84
CA ALA B 242 -36.53 26.94 9.30
C ALA B 242 -37.21 27.94 10.22
N GLY B 243 -38.14 27.47 11.06
CA GLY B 243 -38.74 28.33 12.06
C GLY B 243 -39.76 29.31 11.49
N ASP B 244 -39.68 30.56 11.91
CA ASP B 244 -40.66 31.58 11.54
C ASP B 244 -40.50 32.06 10.09
N LEU B 245 -39.34 31.80 9.51
CA LEU B 245 -39.08 32.19 8.12
C LEU B 245 -39.46 31.09 7.15
N ALA B 246 -40.02 30.01 7.68
CA ALA B 246 -40.56 28.93 6.84
C ALA B 246 -41.70 29.45 5.98
N GLY B 247 -42.19 30.65 6.31
CA GLY B 247 -43.21 31.31 5.53
C GLY B 247 -42.82 31.46 4.07
N HIS B 248 -41.53 31.68 3.79
CA HIS B 248 -41.10 31.82 2.41
C HIS B 248 -40.47 30.50 1.96
N LEU B 249 -41.27 29.69 1.27
CA LEU B 249 -40.81 28.42 0.72
C LEU B 249 -41.82 27.96 -0.34
N ARG B 250 -41.42 27.05 -1.22
CA ARG B 250 -42.27 26.58 -2.32
C ARG B 250 -42.43 25.07 -2.29
N PHE B 251 -41.31 24.35 -2.40
CA PHE B 251 -41.29 22.89 -2.42
C PHE B 251 -42.10 22.29 -3.57
N LEU B 252 -41.57 22.42 -4.77
CA LEU B 252 -42.12 21.69 -5.92
C LEU B 252 -41.86 20.20 -5.75
N GLY B 253 -40.86 19.86 -4.94
CA GLY B 253 -40.49 18.48 -4.72
C GLY B 253 -39.91 17.88 -5.99
N GLN B 254 -39.68 16.57 -5.96
CA GLN B 254 -39.15 15.87 -7.13
C GLN B 254 -40.09 16.08 -8.32
N VAL B 255 -39.52 16.52 -9.44
CA VAL B 255 -40.31 16.84 -10.62
C VAL B 255 -39.47 16.56 -11.88
N ASP B 256 -40.15 16.47 -13.02
CA ASP B 256 -39.47 16.15 -14.28
C ASP B 256 -38.53 17.27 -14.74
N ASP B 257 -37.56 16.89 -15.57
CA ASP B 257 -36.55 17.81 -16.09
C ASP B 257 -37.15 19.04 -16.82
N ALA B 258 -38.34 18.86 -17.38
CA ALA B 258 -39.04 19.96 -18.03
C ALA B 258 -39.36 21.06 -17.01
N THR B 259 -40.00 20.63 -15.92
CA THR B 259 -40.37 21.54 -14.85
C THR B 259 -39.10 22.09 -14.19
N LYS B 260 -38.09 21.23 -14.08
CA LYS B 260 -36.78 21.64 -13.59
C LYS B 260 -36.27 22.84 -14.39
N ALA B 261 -36.29 22.70 -15.71
CA ALA B 261 -35.89 23.79 -16.60
C ALA B 261 -36.72 25.05 -16.37
N SER B 262 -38.04 24.89 -16.42
CA SER B 262 -38.95 26.00 -16.18
C SER B 262 -38.62 26.73 -14.87
N ALA B 263 -38.32 25.95 -13.83
CA ALA B 263 -37.92 26.49 -12.54
C ALA B 263 -36.64 27.30 -12.68
N MET B 264 -35.61 26.69 -13.26
CA MET B 264 -34.33 27.37 -13.45
C MET B 264 -34.51 28.71 -14.13
N ARG B 265 -35.31 28.74 -15.19
CA ARG B 265 -35.52 30.00 -15.91
C ARG B 265 -36.41 30.98 -15.14
N SER B 266 -37.39 30.45 -14.40
CA SER B 266 -38.31 31.30 -13.66
C SER B 266 -37.66 31.99 -12.44
N ALA B 267 -36.59 31.41 -11.92
CA ALA B 267 -35.90 31.98 -10.75
C ALA B 267 -35.01 33.15 -11.13
N ASP B 268 -34.80 34.06 -10.19
CA ASP B 268 -33.94 35.22 -10.38
C ASP B 268 -32.46 34.85 -10.20
N VAL B 269 -32.19 33.95 -9.26
CA VAL B 269 -30.84 33.47 -9.00
C VAL B 269 -30.90 31.99 -8.64
N TYR B 270 -29.88 31.25 -9.06
CA TYR B 270 -29.71 29.87 -8.64
C TYR B 270 -28.57 29.78 -7.64
N CYS B 271 -28.80 29.05 -6.55
CA CYS B 271 -27.82 28.90 -5.48
C CYS B 271 -27.29 27.47 -5.42
N ALA B 272 -25.98 27.35 -5.20
CA ALA B 272 -25.35 26.04 -5.02
C ALA B 272 -24.35 26.09 -3.85
N PRO B 273 -24.88 26.04 -2.62
CA PRO B 273 -24.05 26.05 -1.41
C PRO B 273 -23.66 24.63 -1.01
N HIS B 274 -23.18 23.83 -1.96
CA HIS B 274 -22.82 22.45 -1.69
C HIS B 274 -21.50 22.41 -0.94
N LEU B 275 -21.22 21.31 -0.25
CA LEU B 275 -19.89 21.08 0.32
C LEU B 275 -19.06 20.21 -0.62
N GLU B 278 -18.29 17.41 -4.97
CA GLU B 278 -18.35 18.43 -6.01
C GLU B 278 -18.87 17.84 -7.31
N SER B 279 -19.78 16.87 -7.20
CA SER B 279 -20.29 16.13 -8.35
C SER B 279 -21.50 16.82 -9.01
N PHE B 280 -21.93 17.94 -8.42
CA PHE B 280 -23.13 18.64 -8.89
C PHE B 280 -22.81 19.67 -9.97
N GLY B 281 -21.56 19.70 -10.41
CA GLY B 281 -21.05 20.72 -11.32
C GLY B 281 -21.87 21.00 -12.58
N ILE B 282 -22.37 19.95 -13.22
CA ILE B 282 -23.12 20.08 -14.48
C ILE B 282 -24.37 20.95 -14.35
N VAL B 283 -25.02 20.85 -13.19
CA VAL B 283 -26.24 21.60 -12.89
C VAL B 283 -26.02 23.12 -12.98
N LEU B 284 -24.85 23.56 -12.55
CA LEU B 284 -24.50 24.98 -12.66
C LEU B 284 -24.58 25.44 -14.11
N VAL B 285 -23.98 24.67 -15.00
CA VAL B 285 -23.98 25.02 -16.42
C VAL B 285 -25.41 24.97 -16.93
N GLU B 286 -26.20 24.01 -16.44
CA GLU B 286 -27.63 24.00 -16.76
C GLU B 286 -28.30 25.34 -16.37
N ALA B 287 -28.00 25.82 -15.17
CA ALA B 287 -28.46 27.15 -14.76
C ALA B 287 -27.99 28.22 -15.73
N MET B 288 -26.72 28.18 -16.11
CA MET B 288 -26.20 29.13 -17.09
C MET B 288 -26.98 29.06 -18.39
N ALA B 289 -27.35 27.85 -18.80
CA ALA B 289 -28.15 27.66 -20.00
C ALA B 289 -29.52 28.31 -19.82
N ALA B 290 -30.09 28.17 -18.63
CA ALA B 290 -31.36 28.84 -18.33
C ALA B 290 -31.30 30.36 -18.52
N GLY B 291 -30.10 30.93 -18.46
CA GLY B 291 -29.94 32.37 -18.54
C GLY B 291 -30.09 32.99 -17.17
N THR B 292 -29.96 32.15 -16.14
CA THR B 292 -30.14 32.56 -14.75
C THR B 292 -28.78 32.70 -14.06
N ALA B 293 -28.62 33.77 -13.29
CA ALA B 293 -27.37 34.03 -12.59
C ALA B 293 -27.13 32.96 -11.52
N VAL B 294 -25.85 32.74 -11.22
CA VAL B 294 -25.45 31.63 -10.37
C VAL B 294 -24.58 32.07 -9.21
N VAL B 295 -24.95 31.64 -8.02
CA VAL B 295 -24.15 31.87 -6.81
C VAL B 295 -23.82 30.51 -6.22
N ALA B 296 -22.55 30.24 -6.00
CA ALA B 296 -22.16 28.92 -5.53
C ALA B 296 -20.95 28.94 -4.61
N SER B 297 -20.81 27.86 -3.84
CA SER B 297 -19.66 27.69 -2.96
C SER B 297 -18.37 27.50 -3.77
N ASP B 298 -17.24 27.63 -3.10
CA ASP B 298 -15.94 27.74 -3.76
C ASP B 298 -15.35 26.37 -4.10
N LEU B 299 -16.16 25.33 -3.99
CA LEU B 299 -15.72 23.98 -4.38
C LEU B 299 -15.06 24.06 -5.75
N ASP B 300 -13.88 23.47 -5.86
CA ASP B 300 -13.03 23.59 -7.04
C ASP B 300 -13.76 23.28 -8.35
N ALA B 301 -14.62 22.27 -8.31
CA ALA B 301 -15.46 21.93 -9.44
C ALA B 301 -16.21 23.17 -9.91
N PHE B 302 -17.10 23.66 -9.03
CA PHE B 302 -17.85 24.88 -9.28
C PHE B 302 -16.93 26.02 -9.68
N ARG B 303 -15.76 26.08 -9.05
CA ARG B 303 -14.84 27.17 -9.31
C ARG B 303 -14.39 27.22 -10.76
N ARG B 304 -13.84 26.12 -11.26
CA ARG B 304 -13.37 26.09 -12.64
C ARG B 304 -14.54 26.16 -13.61
N VAL B 305 -15.67 25.57 -13.22
CA VAL B 305 -16.88 25.66 -14.04
C VAL B 305 -17.31 27.12 -14.19
N LEU B 306 -17.17 27.90 -13.13
CA LEU B 306 -17.57 29.30 -13.14
C LEU B 306 -16.44 30.22 -13.61
N ALA B 307 -15.31 29.61 -13.99
CA ALA B 307 -14.20 30.36 -14.57
C ALA B 307 -13.67 31.43 -13.62
N ASP B 308 -13.43 31.05 -12.37
CA ASP B 308 -12.86 31.97 -11.39
C ASP B 308 -13.70 33.23 -11.20
N GLY B 309 -15.00 33.03 -10.97
CA GLY B 309 -15.89 34.13 -10.65
C GLY B 309 -16.41 34.91 -11.85
N ASP B 310 -15.96 34.54 -13.05
CA ASP B 310 -16.36 35.25 -14.27
C ASP B 310 -17.81 34.98 -14.65
N ALA B 311 -18.23 33.72 -14.56
CA ALA B 311 -19.59 33.33 -14.94
C ALA B 311 -20.56 33.27 -13.75
N GLY B 312 -20.03 33.48 -12.54
CA GLY B 312 -20.84 33.38 -11.34
C GLY B 312 -20.12 33.91 -10.13
N ARG B 313 -20.81 33.97 -9.00
CA ARG B 313 -20.21 34.42 -7.75
C ARG B 313 -19.84 33.25 -6.87
N LEU B 314 -18.57 33.22 -6.47
CA LEU B 314 -18.07 32.18 -5.59
C LEU B 314 -18.14 32.63 -4.14
N VAL B 315 -18.57 31.73 -3.28
CA VAL B 315 -18.67 32.00 -1.85
C VAL B 315 -17.81 30.98 -1.11
N PRO B 316 -17.17 31.40 0.01
CA PRO B 316 -16.32 30.46 0.74
C PRO B 316 -17.07 29.25 1.28
N VAL B 317 -16.33 28.36 1.93
CA VAL B 317 -16.88 27.11 2.44
C VAL B 317 -17.69 27.33 3.72
N ASP B 318 -18.92 26.82 3.73
CA ASP B 318 -19.71 26.74 4.96
C ASP B 318 -20.14 28.10 5.50
N ASP B 319 -19.71 29.18 4.87
CA ASP B 319 -19.98 30.52 5.39
C ASP B 319 -21.32 31.02 4.88
N ALA B 320 -22.26 31.20 5.80
CA ALA B 320 -23.60 31.68 5.47
C ALA B 320 -23.60 33.18 5.26
N ASP B 321 -22.74 33.87 6.01
CA ASP B 321 -22.65 35.32 5.95
C ASP B 321 -22.17 35.81 4.59
N GLY B 322 -21.04 35.25 4.13
CA GLY B 322 -20.50 35.57 2.82
C GLY B 322 -21.51 35.28 1.73
N MET B 323 -22.19 34.13 1.86
CA MET B 323 -23.23 33.76 0.91
C MET B 323 -24.31 34.82 0.86
N ALA B 324 -24.87 35.14 2.01
CA ALA B 324 -25.90 36.16 2.12
C ALA B 324 -25.43 37.46 1.47
N ALA B 325 -24.20 37.85 1.78
CA ALA B 325 -23.60 39.06 1.18
C ALA B 325 -23.67 38.98 -0.34
N ALA B 326 -23.17 37.88 -0.90
CA ALA B 326 -23.19 37.65 -2.34
C ALA B 326 -24.61 37.77 -2.91
N LEU B 327 -25.53 36.99 -2.34
CA LEU B 327 -26.91 36.94 -2.81
C LEU B 327 -27.57 38.31 -2.80
N ILE B 328 -27.49 38.98 -1.65
CA ILE B 328 -27.98 40.35 -1.51
C ILE B 328 -27.40 41.23 -2.62
N GLY B 329 -26.07 41.37 -2.60
CA GLY B 329 -25.39 42.22 -3.56
C GLY B 329 -25.80 41.94 -4.98
N ILE B 330 -25.99 40.66 -5.29
CA ILE B 330 -26.35 40.23 -6.65
C ILE B 330 -27.80 40.52 -7.00
N LEU B 331 -28.71 40.36 -6.06
CA LEU B 331 -30.12 40.65 -6.32
C LEU B 331 -30.37 42.15 -6.41
N GLU B 332 -29.71 42.92 -5.56
CA GLU B 332 -29.89 44.38 -5.55
C GLU B 332 -29.42 45.00 -6.87
N ASP B 333 -28.18 44.71 -7.25
CA ASP B 333 -27.59 45.28 -8.46
C ASP B 333 -27.96 44.42 -9.67
N ASP B 334 -28.71 45.01 -10.61
CA ASP B 334 -29.09 44.34 -11.84
C ASP B 334 -27.95 44.40 -12.86
N GLN B 335 -27.21 45.50 -12.85
CA GLN B 335 -26.07 45.68 -13.74
C GLN B 335 -24.98 44.64 -13.45
N LEU B 336 -25.09 43.99 -12.29
CA LEU B 336 -24.16 42.93 -11.90
C LEU B 336 -24.67 41.57 -12.36
N ARG B 337 -25.86 41.21 -11.86
CA ARG B 337 -26.53 39.97 -12.25
C ARG B 337 -26.49 39.82 -13.77
N ALA B 338 -26.84 40.89 -14.47
CA ALA B 338 -26.83 40.92 -15.93
C ALA B 338 -25.45 40.53 -16.47
N GLY B 339 -24.42 41.13 -15.87
CA GLY B 339 -23.05 40.85 -16.27
C GLY B 339 -22.73 39.37 -16.11
N TYR B 340 -23.05 38.84 -14.93
CA TYR B 340 -22.82 37.42 -14.65
C TYR B 340 -23.54 36.51 -15.65
N VAL B 341 -24.81 36.82 -15.91
CA VAL B 341 -25.60 36.02 -16.85
C VAL B 341 -24.99 36.08 -18.26
N ALA B 342 -24.71 37.27 -18.74
CA ALA B 342 -24.16 37.46 -20.09
C ALA B 342 -22.80 36.77 -20.24
N ARG B 343 -21.96 36.88 -19.23
CA ARG B 343 -20.66 36.20 -19.25
C ARG B 343 -20.84 34.69 -19.08
N ALA B 344 -21.85 34.27 -18.33
CA ALA B 344 -22.11 32.86 -18.13
C ALA B 344 -22.58 32.23 -19.44
N SER B 345 -23.37 32.99 -20.21
CA SER B 345 -23.82 32.52 -21.52
C SER B 345 -22.64 32.13 -22.41
N GLU B 346 -21.56 32.90 -22.36
CA GLU B 346 -20.37 32.63 -23.16
C GLU B 346 -19.81 31.24 -22.89
N ARG B 347 -19.88 30.81 -21.63
CA ARG B 347 -19.30 29.55 -21.20
C ARG B 347 -20.11 28.34 -21.67
N VAL B 348 -21.34 28.58 -22.10
CA VAL B 348 -22.28 27.51 -22.39
C VAL B 348 -22.03 26.82 -23.74
N HIS B 349 -21.46 27.56 -24.69
CA HIS B 349 -21.31 27.06 -26.06
C HIS B 349 -20.64 25.69 -26.13
N ARG B 350 -19.56 25.51 -25.37
CA ARG B 350 -18.79 24.28 -25.39
C ARG B 350 -19.62 23.04 -25.04
N TYR B 351 -20.71 23.22 -24.32
CA TYR B 351 -21.49 22.09 -23.81
C TYR B 351 -22.66 21.61 -24.68
N ASP B 352 -23.04 22.38 -25.69
CA ASP B 352 -24.26 22.06 -26.43
C ASP B 352 -24.07 20.78 -27.25
N TRP B 353 -25.08 19.91 -27.23
CA TRP B 353 -25.00 18.62 -27.92
C TRP B 353 -24.58 18.74 -29.38
N SER B 354 -24.91 19.87 -29.99
CA SER B 354 -24.58 20.11 -31.39
C SER B 354 -23.08 19.96 -31.61
N VAL B 355 -22.28 20.52 -30.70
CA VAL B 355 -20.82 20.42 -30.75
C VAL B 355 -20.30 19.12 -30.12
N VAL B 356 -20.90 18.73 -29.01
CA VAL B 356 -20.43 17.58 -28.24
C VAL B 356 -20.57 16.30 -29.08
N SER B 357 -21.78 16.07 -29.58
CA SER B 357 -22.03 14.91 -30.42
C SER B 357 -21.13 14.92 -31.65
N ALA B 358 -20.80 16.12 -32.13
CA ALA B 358 -19.92 16.29 -33.28
C ALA B 358 -18.54 15.74 -32.94
N GLN B 359 -18.01 16.18 -31.81
CA GLN B 359 -16.75 15.65 -31.28
C GLN B 359 -16.77 14.12 -31.19
N ILE B 360 -17.81 13.59 -30.54
CA ILE B 360 -17.94 12.14 -30.38
C ILE B 360 -17.93 11.42 -31.73
N MET B 361 -18.78 11.89 -32.64
CA MET B 361 -18.82 11.38 -34.01
C MET B 361 -17.43 11.42 -34.63
N ARG B 362 -16.76 12.55 -34.40
CA ARG B 362 -15.40 12.73 -34.90
C ARG B 362 -14.54 11.57 -34.43
N VAL B 363 -14.67 11.20 -33.17
CA VAL B 363 -14.00 9.98 -32.69
C VAL B 363 -14.50 8.72 -33.39
N TYR B 364 -15.82 8.56 -33.52
CA TYR B 364 -16.39 7.39 -34.19
C TYR B 364 -15.68 7.17 -35.52
N GLU B 365 -15.39 8.27 -36.20
CA GLU B 365 -14.78 8.22 -37.53
C GLU B 365 -13.27 7.97 -37.55
N THR B 366 -12.66 7.80 -36.37
CA THR B 366 -11.24 7.45 -36.27
C THR B 366 -11.03 5.95 -36.40
N VAL B 367 -12.13 5.21 -36.37
CA VAL B 367 -12.14 3.75 -36.48
C VAL B 367 -13.10 3.35 -37.61
N SER B 368 -14.35 3.78 -37.47
CA SER B 368 -15.44 3.38 -38.35
C SER B 368 -15.11 3.52 -39.82
N GLY B 369 -15.44 2.49 -40.58
CA GLY B 369 -15.43 2.54 -42.03
C GLY B 369 -14.13 2.04 -42.63
N ALA B 370 -14.19 1.36 -43.77
CA ALA B 370 -15.43 0.78 -44.29
C ALA B 370 -15.13 -0.46 -45.15
N GLY B 371 -16.05 -1.44 -45.19
CA GLY B 371 -17.29 -1.42 -44.41
C GLY B 371 -17.02 -1.59 -42.94
N ILE B 372 -16.11 -2.51 -42.61
CA ILE B 372 -15.57 -2.66 -41.26
C ILE B 372 -16.65 -2.57 -40.17
N LYS B 373 -17.54 -3.55 -40.15
CA LYS B 373 -18.61 -3.58 -39.16
C LYS B 373 -18.17 -4.37 -37.93
N VAL B 374 -18.58 -3.92 -36.75
CA VAL B 374 -18.21 -4.57 -35.50
C VAL B 374 -18.87 -5.94 -35.41
N GLN B 375 -18.09 -6.92 -34.96
CA GLN B 375 -18.54 -8.30 -34.89
C GLN B 375 -17.95 -8.99 -33.67
N VAL B 376 -18.14 -10.31 -33.60
CA VAL B 376 -17.72 -11.09 -32.43
C VAL B 376 -16.54 -11.98 -32.78
N SER B 377 -15.68 -12.24 -31.80
CA SER B 377 -14.55 -13.14 -31.97
C SER B 377 -15.03 -14.58 -32.06
N SER C 2 -14.68 19.64 9.34
CA SER C 2 -13.37 19.20 8.80
C SER C 2 -13.53 17.87 8.08
N GLY C 3 -12.48 17.05 8.13
CA GLY C 3 -12.56 15.66 7.73
C GLY C 3 -12.95 14.86 8.95
N ALA C 4 -13.59 15.54 9.90
CA ALA C 4 -13.92 14.98 11.21
C ALA C 4 -14.71 13.70 11.09
N MET C 5 -14.46 12.79 12.02
CA MET C 5 -14.97 11.44 11.95
C MET C 5 -15.35 10.97 13.34
N ARG C 6 -16.42 10.20 13.44
CA ARG C 6 -16.84 9.62 14.71
C ARG C 6 -16.35 8.19 14.78
N ILE C 7 -15.49 7.91 15.76
CA ILE C 7 -14.78 6.64 15.82
C ILE C 7 -14.98 5.95 17.16
N GLY C 8 -15.67 4.82 17.15
CA GLY C 8 -15.72 3.95 18.31
C GLY C 8 -14.52 3.03 18.32
N MET C 9 -13.97 2.79 19.51
CA MET C 9 -12.85 1.88 19.67
C MET C 9 -13.21 0.94 20.79
N VAL C 10 -12.77 -0.31 20.69
CA VAL C 10 -13.07 -1.29 21.73
C VAL C 10 -11.77 -1.92 22.21
N CYS C 11 -11.52 -1.80 23.52
CA CYS C 11 -10.35 -2.40 24.13
C CYS C 11 -10.79 -3.61 24.95
N PRO C 12 -10.20 -4.80 24.69
CA PRO C 12 -10.62 -6.05 25.36
C PRO C 12 -10.24 -6.14 26.84
N TYR C 13 -9.22 -5.40 27.25
CA TYR C 13 -8.70 -5.47 28.62
C TYR C 13 -8.99 -4.16 29.35
N SER C 14 -9.06 -4.20 30.67
CA SER C 14 -9.32 -3.00 31.44
C SER C 14 -8.05 -2.15 31.48
N PHE C 15 -8.18 -0.93 32.03
CA PHE C 15 -7.04 -0.03 32.17
C PHE C 15 -6.47 -0.03 33.59
N ASP C 16 -7.05 -0.86 34.47
CA ASP C 16 -6.53 -0.99 35.82
C ASP C 16 -5.06 -1.42 35.75
N VAL C 17 -4.80 -2.47 34.99
CA VAL C 17 -3.45 -2.96 34.79
C VAL C 17 -2.79 -2.31 33.58
N PRO C 18 -1.46 -2.21 33.58
CA PRO C 18 -0.72 -1.73 32.40
C PRO C 18 -0.66 -2.82 31.34
N GLY C 19 -0.58 -2.44 30.08
CA GLY C 19 -0.46 -3.39 29.00
C GLY C 19 -0.25 -2.69 27.68
N GLY C 20 0.29 -3.41 26.70
CA GLY C 20 0.61 -2.81 25.41
C GLY C 20 -0.63 -2.32 24.70
N VAL C 21 -1.64 -3.19 24.65
CA VAL C 21 -2.90 -2.90 23.96
C VAL C 21 -3.58 -1.66 24.55
N GLN C 22 -3.62 -1.58 25.87
CA GLN C 22 -4.26 -0.48 26.55
C GLN C 22 -3.61 0.86 26.19
N SER C 23 -2.31 0.94 26.45
CA SER C 23 -1.53 2.14 26.18
C SER C 23 -1.68 2.54 24.72
N HIS C 24 -1.51 1.55 23.84
CA HIS C 24 -1.72 1.75 22.42
C HIS C 24 -3.05 2.45 22.16
N VAL C 25 -4.14 1.80 22.55
CA VAL C 25 -5.48 2.32 22.35
C VAL C 25 -5.62 3.76 22.82
N LEU C 26 -5.27 3.99 24.09
CA LEU C 26 -5.38 5.33 24.67
C LEU C 26 -4.64 6.37 23.84
N GLN C 27 -3.36 6.09 23.56
CA GLN C 27 -2.55 7.03 22.80
C GLN C 27 -3.17 7.31 21.43
N LEU C 28 -3.56 6.24 20.74
CA LEU C 28 -4.17 6.38 19.42
C LEU C 28 -5.39 7.28 19.50
N ALA C 29 -6.24 7.03 20.50
CA ALA C 29 -7.44 7.84 20.72
C ALA C 29 -7.10 9.31 20.90
N GLU C 30 -6.20 9.59 21.84
CA GLU C 30 -5.79 10.97 22.11
C GLU C 30 -5.24 11.62 20.85
N VAL C 31 -4.51 10.83 20.05
CA VAL C 31 -3.97 11.32 18.78
C VAL C 31 -5.09 11.66 17.81
N LEU C 32 -6.08 10.78 17.73
CA LEU C 32 -7.21 11.00 16.83
C LEU C 32 -8.04 12.21 17.27
N ARG C 33 -8.14 12.42 18.57
CA ARG C 33 -8.86 13.58 19.09
C ARG C 33 -8.15 14.87 18.69
N ASP C 34 -6.82 14.87 18.78
CA ASP C 34 -6.02 16.04 18.41
C ASP C 34 -6.20 16.38 16.92
N ALA C 35 -6.69 15.40 16.16
CA ALA C 35 -6.88 15.57 14.72
C ALA C 35 -8.27 16.10 14.37
N GLY C 36 -9.15 16.17 15.37
CA GLY C 36 -10.50 16.71 15.19
C GLY C 36 -11.58 15.67 15.09
N HIS C 37 -11.26 14.42 15.44
CA HIS C 37 -12.23 13.33 15.39
C HIS C 37 -12.86 13.08 16.76
N GLU C 38 -14.17 12.82 16.77
CA GLU C 38 -14.83 12.35 17.97
C GLU C 38 -14.43 10.90 18.17
N VAL C 39 -13.86 10.58 19.33
CA VAL C 39 -13.43 9.23 19.62
C VAL C 39 -14.08 8.73 20.91
N SER C 40 -14.62 7.51 20.85
CA SER C 40 -15.27 6.90 21.99
C SER C 40 -14.62 5.54 22.25
N VAL C 41 -14.05 5.37 23.45
CA VAL C 41 -13.41 4.12 23.80
C VAL C 41 -14.29 3.31 24.74
N LEU C 42 -14.69 2.13 24.28
CA LEU C 42 -15.38 1.17 25.12
C LEU C 42 -14.35 0.16 25.66
N ALA C 43 -14.32 0.01 26.99
CA ALA C 43 -13.40 -0.90 27.64
C ALA C 43 -14.09 -1.56 28.82
N PRO C 44 -13.51 -2.65 29.37
CA PRO C 44 -14.03 -3.17 30.63
C PRO C 44 -13.91 -2.12 31.73
N ALA C 45 -14.40 -2.44 32.93
CA ALA C 45 -14.45 -1.46 34.01
C ALA C 45 -13.04 -1.16 34.53
N SER C 46 -12.79 0.11 34.83
CA SER C 46 -11.46 0.56 35.24
C SER C 46 -11.58 1.59 36.37
N PRO C 47 -12.13 1.16 37.53
CA PRO C 47 -12.38 2.05 38.66
C PRO C 47 -11.11 2.56 39.35
N HIS C 48 -10.10 1.70 39.43
CA HIS C 48 -8.89 2.01 40.19
C HIS C 48 -8.02 3.07 39.52
N VAL C 49 -8.43 3.51 38.32
CA VAL C 49 -7.62 4.43 37.51
C VAL C 49 -8.44 5.62 37.03
N LYS C 50 -7.80 6.79 36.98
CA LYS C 50 -8.43 8.01 36.51
C LYS C 50 -8.28 8.11 34.99
N LEU C 51 -9.42 8.16 34.29
CA LEU C 51 -9.43 8.09 32.83
C LEU C 51 -10.17 9.27 32.18
N PRO C 52 -9.84 9.56 30.91
CA PRO C 52 -10.54 10.59 30.13
C PRO C 52 -12.03 10.34 29.99
N ASP C 53 -12.79 11.40 29.73
CA ASP C 53 -14.25 11.37 29.74
C ASP C 53 -14.87 10.70 28.52
N TYR C 54 -14.07 10.39 27.50
CA TYR C 54 -14.57 9.71 26.31
C TYR C 54 -14.42 8.20 26.43
N VAL C 55 -13.93 7.73 27.57
CA VAL C 55 -13.82 6.30 27.84
C VAL C 55 -15.10 5.79 28.47
N VAL C 56 -15.79 4.90 27.78
CA VAL C 56 -16.97 4.25 28.32
C VAL C 56 -16.60 2.89 28.87
N SER C 57 -17.23 2.51 29.98
CA SER C 57 -17.02 1.21 30.59
C SER C 57 -18.10 0.22 30.15
N GLY C 58 -17.70 -1.01 29.89
CA GLY C 58 -18.63 -2.06 29.48
C GLY C 58 -18.89 -3.07 30.58
N GLY C 59 -18.39 -2.78 31.78
CA GLY C 59 -18.72 -3.56 32.96
C GLY C 59 -17.65 -4.57 33.38
N LYS C 60 -18.02 -5.41 34.34
CA LYS C 60 -17.10 -6.38 34.92
C LYS C 60 -17.31 -7.76 34.33
N ALA C 61 -16.22 -8.51 34.19
CA ALA C 61 -16.27 -9.88 33.71
C ALA C 61 -16.51 -10.81 34.90
N VAL C 62 -17.46 -11.73 34.76
CA VAL C 62 -17.83 -12.63 35.85
C VAL C 62 -17.72 -14.10 35.43
N PRO C 63 -17.60 -15.01 36.41
CA PRO C 63 -17.45 -16.44 36.11
C PRO C 63 -18.74 -17.13 35.64
N ILE C 64 -18.63 -18.40 35.29
CA ILE C 64 -19.78 -19.22 34.91
C ILE C 64 -19.53 -20.69 35.23
N ARG C 72 -14.56 -20.13 34.14
CA ARG C 72 -14.11 -19.26 33.06
C ARG C 72 -14.81 -17.91 33.12
N LEU C 73 -14.04 -16.82 33.18
CA LEU C 73 -14.60 -15.48 33.22
C LEU C 73 -15.22 -15.10 31.88
N ARG C 74 -16.37 -14.45 31.92
CA ARG C 74 -17.00 -13.90 30.73
C ARG C 74 -17.81 -12.69 31.15
N PHE C 75 -18.46 -12.03 30.19
CA PHE C 75 -19.21 -10.81 30.47
C PHE C 75 -20.72 -11.07 30.56
N GLY C 76 -21.35 -10.45 31.56
CA GLY C 76 -22.77 -10.64 31.79
C GLY C 76 -23.63 -10.07 30.66
N PRO C 77 -24.95 -10.34 30.71
CA PRO C 77 -25.90 -9.88 29.69
C PRO C 77 -26.00 -8.34 29.63
N ALA C 78 -25.80 -7.73 30.80
CA ALA C 78 -25.77 -6.29 30.93
C ALA C 78 -24.78 -5.70 29.93
N THR C 79 -23.59 -6.32 29.88
CA THR C 79 -22.53 -5.86 28.99
C THR C 79 -22.93 -5.98 27.53
N HIS C 80 -23.56 -7.11 27.17
CA HIS C 80 -24.09 -7.27 25.81
C HIS C 80 -24.95 -6.06 25.48
N ARG C 81 -25.89 -5.78 26.37
CA ARG C 81 -26.79 -4.65 26.16
C ARG C 81 -26.06 -3.30 26.07
N LYS C 82 -25.12 -3.04 26.98
CA LYS C 82 -24.40 -1.77 26.95
C LYS C 82 -23.61 -1.63 25.66
N VAL C 83 -23.04 -2.73 25.19
CA VAL C 83 -22.35 -2.77 23.89
C VAL C 83 -23.28 -2.34 22.78
N LYS C 84 -24.41 -3.03 22.67
CA LYS C 84 -25.35 -2.75 21.59
C LYS C 84 -25.83 -1.30 21.63
N LYS C 85 -26.22 -0.82 22.81
CA LYS C 85 -26.68 0.56 22.94
C LYS C 85 -25.56 1.54 22.59
N TRP C 86 -24.38 1.30 23.14
CA TRP C 86 -23.20 2.13 22.87
C TRP C 86 -23.02 2.30 21.37
N ILE C 87 -23.05 1.17 20.64
CA ILE C 87 -23.00 1.21 19.19
C ILE C 87 -24.10 2.06 18.59
N ALA C 88 -25.36 1.76 18.95
CA ALA C 88 -26.50 2.48 18.39
C ALA C 88 -26.39 3.99 18.61
N GLU C 89 -26.22 4.40 19.86
CA GLU C 89 -26.05 5.80 20.22
C GLU C 89 -24.79 6.41 19.61
N GLY C 90 -23.75 5.60 19.46
CA GLY C 90 -22.48 6.06 18.96
C GLY C 90 -22.53 6.87 17.67
N ASP C 91 -23.34 6.43 16.71
CA ASP C 91 -23.43 7.10 15.42
C ASP C 91 -22.04 7.12 14.79
N PHE C 92 -21.35 5.99 14.87
CA PHE C 92 -19.94 5.90 14.47
C PHE C 92 -19.75 5.79 12.96
N ASP C 93 -18.68 6.40 12.46
CA ASP C 93 -18.27 6.25 11.08
C ASP C 93 -17.51 4.94 10.89
N VAL C 94 -16.65 4.62 11.87
CA VAL C 94 -15.96 3.33 11.90
C VAL C 94 -16.03 2.72 13.28
N LEU C 95 -15.84 1.41 13.31
CA LEU C 95 -15.69 0.68 14.55
C LEU C 95 -14.31 0.01 14.51
N HIS C 96 -13.43 0.44 15.39
CA HIS C 96 -12.09 -0.11 15.47
C HIS C 96 -12.02 -1.07 16.64
N ILE C 97 -11.61 -2.30 16.36
CA ILE C 97 -11.64 -3.36 17.38
C ILE C 97 -10.24 -3.92 17.59
N HIS C 98 -9.92 -4.18 18.86
CA HIS C 98 -8.58 -4.65 19.21
C HIS C 98 -8.64 -6.04 19.85
N GLU C 99 -7.86 -6.95 19.28
CA GLU C 99 -7.79 -8.33 19.77
C GLU C 99 -9.18 -8.97 19.89
N PRO C 100 -9.95 -9.00 18.79
CA PRO C 100 -11.26 -9.66 18.80
C PRO C 100 -11.15 -11.18 19.05
N ASN C 101 -9.97 -11.74 18.92
CA ASN C 101 -9.77 -13.16 19.19
C ASN C 101 -9.93 -13.46 20.68
N ALA C 102 -9.76 -12.42 21.51
CA ALA C 102 -10.00 -12.55 22.94
C ALA C 102 -11.50 -12.56 23.21
N PRO C 103 -11.96 -13.39 24.16
CA PRO C 103 -13.39 -13.45 24.47
C PRO C 103 -13.80 -12.29 25.39
N SER C 104 -13.84 -11.08 24.83
CA SER C 104 -14.11 -9.87 25.60
C SER C 104 -14.92 -8.88 24.76
N LEU C 105 -15.01 -7.64 25.23
CA LEU C 105 -15.82 -6.61 24.58
C LEU C 105 -15.60 -6.58 23.07
N SER C 106 -14.36 -6.73 22.66
CA SER C 106 -14.00 -6.72 21.26
C SER C 106 -14.83 -7.72 20.46
N MET C 107 -14.82 -8.97 20.91
CA MET C 107 -15.54 -10.05 20.23
C MET C 107 -17.04 -9.76 20.13
N LEU C 108 -17.61 -9.25 21.22
CA LEU C 108 -19.05 -8.95 21.27
C LEU C 108 -19.40 -7.82 20.31
N ALA C 109 -18.58 -6.78 20.35
CA ALA C 109 -18.72 -5.66 19.42
C ALA C 109 -18.67 -6.19 18.01
N LEU C 110 -17.73 -7.10 17.77
CA LEU C 110 -17.58 -7.73 16.46
C LEU C 110 -18.84 -8.50 16.08
N GLN C 111 -19.42 -9.23 17.03
CA GLN C 111 -20.65 -9.97 16.78
C GLN C 111 -21.82 -9.07 16.42
N ALA C 112 -22.00 -8.00 17.19
CA ALA C 112 -23.17 -7.14 17.06
C ALA C 112 -23.14 -6.22 15.82
N ALA C 113 -21.93 -5.83 15.40
CA ALA C 113 -21.78 -4.75 14.42
C ALA C 113 -21.95 -5.19 12.97
N GLU C 114 -22.52 -4.27 12.17
CA GLU C 114 -22.49 -4.37 10.73
C GLU C 114 -21.95 -3.03 10.21
N GLY C 115 -21.50 -2.99 8.96
CA GLY C 115 -20.91 -1.77 8.42
C GLY C 115 -19.39 -1.72 8.49
N PRO C 116 -18.81 -0.51 8.57
CA PRO C 116 -17.35 -0.27 8.46
C PRO C 116 -16.53 -0.76 9.65
N ILE C 117 -16.13 -2.03 9.63
CA ILE C 117 -15.36 -2.58 10.75
C ILE C 117 -13.87 -2.63 10.43
N VAL C 118 -13.07 -2.29 11.42
CA VAL C 118 -11.62 -2.39 11.33
C VAL C 118 -11.13 -3.16 12.55
N ALA C 119 -10.26 -4.13 12.32
CA ALA C 119 -9.71 -4.94 13.40
C ALA C 119 -8.19 -4.82 13.44
N THR C 120 -7.65 -4.82 14.66
CA THR C 120 -6.20 -4.84 14.86
C THR C 120 -5.83 -6.04 15.73
N PHE C 121 -5.00 -6.91 15.16
CA PHE C 121 -4.44 -8.04 15.88
C PHE C 121 -3.01 -7.72 16.27
N HIS C 122 -2.76 -7.72 17.58
CA HIS C 122 -1.46 -7.32 18.10
C HIS C 122 -0.56 -8.53 18.20
N THR C 123 0.68 -8.28 18.59
CA THR C 123 1.69 -9.33 18.71
C THR C 123 2.72 -8.92 19.75
N SER C 124 3.54 -9.89 20.17
CA SER C 124 4.61 -9.65 21.11
C SER C 124 5.67 -8.70 20.53
N THR C 125 5.54 -8.39 19.24
CA THR C 125 6.49 -7.51 18.57
C THR C 125 6.02 -6.04 18.52
N THR C 126 6.78 -5.23 17.79
CA THR C 126 6.53 -3.80 17.68
C THR C 126 5.60 -3.45 16.52
N LYS C 127 5.13 -4.49 15.83
CA LYS C 127 4.20 -4.33 14.72
C LYS C 127 2.88 -5.00 15.06
N SER C 128 1.82 -4.57 14.38
CA SER C 128 0.49 -5.14 14.56
C SER C 128 -0.08 -5.35 13.18
N LEU C 129 -1.05 -6.25 13.09
CA LEU C 129 -1.76 -6.46 11.84
C LEU C 129 -3.10 -5.75 11.93
N THR C 130 -3.24 -4.69 11.16
CA THR C 130 -4.50 -3.97 11.09
C THR C 130 -5.15 -4.27 9.74
N LEU C 131 -6.43 -4.58 9.74
CA LEU C 131 -7.13 -4.87 8.50
C LEU C 131 -8.62 -4.62 8.66
N SER C 132 -9.33 -4.50 7.54
CA SER C 132 -10.70 -4.02 7.57
C SER C 132 -11.68 -4.94 6.85
N VAL C 133 -12.93 -4.86 7.28
CA VAL C 133 -14.03 -5.57 6.65
C VAL C 133 -15.27 -4.70 6.67
N PHE C 134 -16.01 -4.73 5.57
CA PHE C 134 -17.35 -4.17 5.59
C PHE C 134 -18.31 -5.31 5.88
N GLN C 135 -19.00 -5.18 7.01
CA GLN C 135 -19.79 -6.27 7.55
C GLN C 135 -21.26 -6.14 7.19
N GLY C 136 -21.89 -7.26 6.91
CA GLY C 136 -23.32 -7.30 6.66
C GLY C 136 -23.65 -7.19 5.18
N ILE C 137 -24.81 -7.72 4.83
CA ILE C 137 -25.29 -7.68 3.45
C ILE C 137 -25.49 -6.24 2.99
N LEU C 138 -25.05 -5.98 1.77
CA LEU C 138 -25.03 -4.62 1.24
C LEU C 138 -26.38 -4.23 0.64
N ARG C 139 -27.26 -5.21 0.50
CA ARG C 139 -28.52 -5.09 -0.26
C ARG C 139 -29.23 -3.76 -0.08
N PRO C 140 -29.19 -3.19 1.13
CA PRO C 140 -29.80 -1.86 1.26
C PRO C 140 -29.09 -0.73 0.49
N TYR C 141 -28.85 -0.94 -0.81
CA TYR C 141 -28.66 0.16 -1.77
C TYR C 141 -29.97 0.34 -2.55
N HIS C 142 -30.94 -0.52 -2.27
CA HIS C 142 -32.29 -0.37 -2.81
C HIS C 142 -32.99 0.74 -2.04
N GLU C 143 -33.92 1.42 -2.71
CA GLU C 143 -34.70 2.48 -2.08
C GLU C 143 -36.11 1.99 -1.77
N ALA C 150 -38.44 -2.16 -6.36
CA ALA C 150 -37.56 -2.98 -7.18
C ALA C 150 -36.51 -2.13 -7.88
N VAL C 151 -35.99 -1.15 -7.15
CA VAL C 151 -34.95 -0.24 -7.67
C VAL C 151 -33.62 -0.59 -7.03
N SER C 152 -32.61 -0.84 -7.87
CA SER C 152 -31.28 -1.17 -7.40
C SER C 152 -30.23 -0.28 -8.05
N ASP C 153 -29.38 0.33 -7.22
CA ASP C 153 -28.29 1.16 -7.70
C ASP C 153 -27.05 0.29 -7.84
N LEU C 154 -26.65 0.05 -9.09
CA LEU C 154 -25.54 -0.85 -9.39
C LEU C 154 -24.19 -0.19 -9.12
N ALA C 155 -24.12 1.10 -9.39
CA ALA C 155 -22.92 1.89 -9.17
C ALA C 155 -22.51 1.75 -7.71
N ARG C 156 -23.42 2.13 -6.82
CA ARG C 156 -23.15 2.07 -5.38
C ARG C 156 -22.74 0.67 -5.00
N ARG C 157 -23.51 -0.33 -5.44
CA ARG C 157 -23.20 -1.73 -5.16
C ARG C 157 -21.72 -2.05 -5.42
N TRP C 158 -21.32 -1.88 -6.68
CA TRP C 158 -19.96 -2.18 -7.07
C TRP C 158 -18.95 -1.31 -6.32
N GLN C 159 -19.34 -0.09 -5.94
CA GLN C 159 -18.50 0.68 -5.02
C GLN C 159 -18.37 -0.07 -3.69
N MET C 160 -19.48 -0.61 -3.20
CA MET C 160 -19.50 -1.28 -1.90
C MET C 160 -18.63 -2.53 -1.92
N GLU C 161 -18.72 -3.31 -2.99
CA GLU C 161 -17.93 -4.53 -3.11
C GLU C 161 -16.43 -4.27 -3.07
N ALA C 162 -16.03 -3.04 -3.35
CA ALA C 162 -14.62 -2.68 -3.39
C ALA C 162 -14.08 -2.32 -2.01
N LEU C 163 -14.93 -2.38 -0.99
CA LEU C 163 -14.57 -1.93 0.35
C LEU C 163 -13.79 -2.98 1.15
N GLY C 164 -12.88 -2.49 1.99
CA GLY C 164 -12.10 -3.33 2.87
C GLY C 164 -10.69 -3.57 2.36
N SER C 165 -9.74 -3.68 3.27
CA SER C 165 -8.33 -3.86 2.94
C SER C 165 -7.89 -5.29 3.17
N ASP C 166 -6.60 -5.56 3.00
CA ASP C 166 -6.03 -6.86 3.36
C ASP C 166 -4.78 -6.72 4.23
N ALA C 167 -4.91 -7.09 5.50
CA ALA C 167 -3.78 -7.35 6.39
C ALA C 167 -2.62 -6.35 6.30
N VAL C 168 -2.84 -5.11 6.73
CA VAL C 168 -1.76 -4.13 6.77
C VAL C 168 -0.90 -4.37 8.01
N GLU C 169 0.41 -4.34 7.82
CA GLU C 169 1.34 -4.45 8.93
C GLU C 169 1.75 -3.05 9.35
N ILE C 170 1.35 -2.63 10.54
CA ILE C 170 1.65 -1.27 11.00
C ILE C 170 2.50 -1.31 12.26
N PRO C 171 3.47 -0.39 12.38
CA PRO C 171 4.23 -0.33 13.64
C PRO C 171 3.39 0.18 14.79
N ASN C 172 3.80 -0.12 16.02
CA ASN C 172 3.11 0.39 17.19
C ASN C 172 3.44 1.86 17.38
N GLY C 173 2.40 2.66 17.59
CA GLY C 173 2.59 4.09 17.68
C GLY C 173 3.37 4.51 18.91
N VAL C 174 4.41 5.30 18.67
CA VAL C 174 5.21 5.92 19.72
C VAL C 174 5.06 7.41 19.56
N ASP C 175 4.96 8.13 20.69
CA ASP C 175 5.06 9.58 20.61
C ASP C 175 6.53 9.89 20.81
N VAL C 176 7.18 10.30 19.72
CA VAL C 176 8.62 10.38 19.68
C VAL C 176 9.08 11.63 20.40
N ALA C 177 8.37 12.73 20.13
CA ALA C 177 8.72 14.05 20.66
C ALA C 177 8.93 13.99 22.17
N SER C 178 8.16 13.16 22.85
CA SER C 178 8.27 13.05 24.30
C SER C 178 9.65 12.57 24.70
N PHE C 179 10.20 11.63 23.94
CA PHE C 179 11.50 11.04 24.28
C PHE C 179 12.64 11.93 23.81
N ALA C 180 12.53 12.42 22.58
CA ALA C 180 13.59 13.20 21.97
C ALA C 180 13.79 14.51 22.71
N ASP C 181 12.68 15.15 23.06
CA ASP C 181 12.70 16.47 23.70
C ASP C 181 12.64 16.38 25.22
N ALA C 182 12.67 15.16 25.75
CA ALA C 182 12.56 14.96 27.20
C ALA C 182 13.61 15.81 27.93
N PRO C 183 13.17 16.70 28.83
CA PRO C 183 14.16 17.41 29.64
C PRO C 183 14.96 16.44 30.51
N LEU C 184 16.28 16.59 30.52
CA LEU C 184 17.13 15.69 31.28
C LEU C 184 16.72 15.68 32.75
N LEU C 185 16.77 14.50 33.37
CA LEU C 185 16.43 14.36 34.78
C LEU C 185 17.35 15.26 35.61
N ASP C 186 16.84 15.74 36.74
CA ASP C 186 17.56 16.72 37.53
C ASP C 186 18.97 16.21 37.90
N GLY C 187 19.97 17.00 37.53
CA GLY C 187 21.36 16.68 37.83
C GLY C 187 22.05 15.86 36.76
N TYR C 188 21.27 15.15 35.95
CA TYR C 188 21.84 14.31 34.89
C TYR C 188 22.40 15.17 33.76
N PRO C 189 23.40 14.67 33.02
CA PRO C 189 24.00 13.32 33.07
C PRO C 189 24.84 13.10 34.31
N ARG C 190 25.39 11.89 34.47
CA ARG C 190 26.17 11.54 35.65
C ARG C 190 27.64 11.31 35.29
N THR C 194 26.97 6.77 32.52
CA THR C 194 25.63 6.37 32.94
C THR C 194 25.11 5.20 32.11
N VAL C 195 24.39 4.30 32.78
CA VAL C 195 23.74 3.18 32.11
C VAL C 195 22.40 2.89 32.79
N LEU C 196 21.39 2.56 31.98
CA LEU C 196 20.03 2.37 32.48
C LEU C 196 19.55 0.93 32.26
N PHE C 197 18.57 0.55 33.07
CA PHE C 197 17.85 -0.71 32.87
C PHE C 197 16.36 -0.46 33.09
N LEU C 198 15.52 -1.17 32.34
CA LEU C 198 14.07 -1.09 32.53
C LEU C 198 13.48 -2.49 32.72
N TYR C 201 11.48 -5.83 36.59
CA TYR C 201 12.16 -5.82 37.88
C TYR C 201 13.35 -6.79 37.87
N ASP C 202 13.35 -7.73 38.81
CA ASP C 202 14.43 -8.71 38.91
C ASP C 202 14.10 -9.98 38.13
N GLU C 203 12.99 -9.95 37.39
CA GLU C 203 12.49 -11.13 36.67
C GLU C 203 13.56 -11.79 35.82
N PRO C 204 13.54 -13.14 35.73
CA PRO C 204 14.55 -13.89 34.96
C PRO C 204 14.63 -13.46 33.51
N ARG C 205 13.48 -13.18 32.89
CA ARG C 205 13.43 -12.82 31.49
C ARG C 205 14.23 -11.55 31.21
N LYS C 206 14.00 -10.51 32.00
CA LYS C 206 14.69 -9.23 31.83
C LYS C 206 16.20 -9.37 31.98
N GLY C 207 16.64 -10.43 32.66
CA GLY C 207 18.06 -10.73 32.78
C GLY C 207 18.87 -9.65 33.48
N MET C 208 18.43 -9.26 34.68
CA MET C 208 19.15 -8.27 35.48
C MET C 208 20.49 -8.86 35.96
N ALA C 209 20.49 -10.16 36.21
CA ALA C 209 21.68 -10.85 36.71
C ALA C 209 22.80 -10.86 35.68
N VAL C 210 22.41 -10.88 34.40
CA VAL C 210 23.38 -10.76 33.31
C VAL C 210 24.10 -9.43 33.48
N LEU C 211 23.33 -8.39 33.76
CA LEU C 211 23.87 -7.07 34.02
C LEU C 211 24.79 -7.14 35.23
N LEU C 212 24.32 -7.78 36.29
CA LEU C 212 25.13 -8.00 37.49
C LEU C 212 26.49 -8.61 37.18
N ALA C 213 26.49 -9.66 36.35
CA ALA C 213 27.72 -10.38 36.00
C ALA C 213 28.75 -9.51 35.29
N ALA C 214 28.28 -8.49 34.58
CA ALA C 214 29.16 -7.62 33.79
C ALA C 214 29.66 -6.42 34.59
N LEU C 215 29.11 -6.24 35.79
CA LEU C 215 29.41 -5.08 36.64
C LEU C 215 30.91 -4.78 36.83
N PRO C 216 31.69 -5.75 37.31
CA PRO C 216 33.09 -5.47 37.69
C PRO C 216 33.94 -4.91 36.54
N LYS C 217 33.79 -5.45 35.34
CA LYS C 217 34.57 -5.00 34.19
C LYS C 217 34.24 -3.54 33.81
N LEU C 218 33.14 -3.03 34.34
CA LEU C 218 32.66 -1.70 33.97
C LEU C 218 33.33 -0.58 34.76
N VAL C 219 33.10 -0.56 36.08
CA VAL C 219 33.61 0.51 36.94
C VAL C 219 35.13 0.63 36.82
N ALA C 220 35.78 -0.45 36.39
CA ALA C 220 37.21 -0.45 36.13
C ALA C 220 37.56 0.56 35.05
N ARG C 221 36.93 0.41 33.89
CA ARG C 221 37.17 1.31 32.76
C ARG C 221 36.55 2.69 33.00
N PHE C 222 35.42 2.70 33.71
CA PHE C 222 34.70 3.94 34.00
C PHE C 222 34.44 4.07 35.49
N ILE C 227 25.05 3.24 37.54
CA ILE C 227 23.95 2.66 36.79
C ILE C 227 22.61 2.99 37.44
N LEU C 228 21.59 3.21 36.62
CA LEU C 228 20.24 3.52 37.09
C LEU C 228 19.26 2.40 36.74
N ILE C 229 18.19 2.29 37.51
CA ILE C 229 17.19 1.25 37.28
C ILE C 229 15.78 1.84 37.31
N VAL C 230 14.82 1.09 36.75
CA VAL C 230 13.42 1.53 36.72
C VAL C 230 12.50 0.33 36.88
N GLU C 235 14.69 -4.25 45.06
CA GLU C 235 15.80 -3.33 45.29
C GLU C 235 16.68 -3.80 46.44
N ASP C 236 16.06 -4.45 47.43
CA ASP C 236 16.80 -4.94 48.60
C ASP C 236 17.64 -6.16 48.26
N GLU C 237 17.03 -7.13 47.58
CA GLU C 237 17.73 -8.35 47.19
C GLU C 237 18.86 -8.06 46.20
N LEU C 238 18.82 -6.88 45.59
CA LEU C 238 19.78 -6.51 44.55
C LEU C 238 21.05 -5.87 45.11
N ARG C 239 20.90 -4.69 45.72
CA ARG C 239 22.03 -3.89 46.18
C ARG C 239 22.99 -4.68 47.05
N GLU C 240 22.46 -5.60 47.85
CA GLU C 240 23.28 -6.45 48.71
C GLU C 240 23.97 -7.54 47.91
N GLN C 241 23.37 -7.92 46.78
CA GLN C 241 23.94 -8.93 45.91
C GLN C 241 25.12 -8.37 45.12
N ALA C 242 25.17 -7.04 45.01
CA ALA C 242 26.24 -6.37 44.28
C ALA C 242 27.36 -5.91 45.22
N GLY C 243 27.18 -6.11 46.53
CA GLY C 243 28.17 -5.71 47.51
C GLY C 243 28.52 -4.24 47.44
N HIS C 248 27.30 1.91 42.98
CA HIS C 248 27.05 2.59 41.72
C HIS C 248 25.62 2.33 41.23
N LEU C 249 24.70 2.14 42.18
CA LEU C 249 23.31 1.83 41.87
C LEU C 249 22.37 2.95 42.33
N ARG C 250 21.47 3.35 41.44
CA ARG C 250 20.39 4.27 41.78
C ARG C 250 19.06 3.68 41.34
N PHE C 251 18.19 3.39 42.28
CA PHE C 251 16.91 2.76 41.98
C PHE C 251 15.76 3.76 42.09
N LEU C 252 15.20 4.15 40.95
CA LEU C 252 14.04 5.03 40.92
C LEU C 252 12.75 4.25 41.16
N GLY C 253 12.76 2.99 40.76
CA GLY C 253 11.58 2.14 40.89
C GLY C 253 10.55 2.47 39.82
N GLN C 254 9.33 1.99 40.04
CA GLN C 254 8.24 2.23 39.10
C GLN C 254 7.88 3.72 39.07
N VAL C 255 7.69 4.26 37.87
CA VAL C 255 7.33 5.66 37.71
C VAL C 255 6.44 5.84 36.48
N ASP C 256 6.02 7.08 36.23
CA ASP C 256 5.16 7.39 35.09
C ASP C 256 5.98 7.59 33.81
N ASP C 257 5.28 7.85 32.71
CA ASP C 257 5.91 7.91 31.40
C ASP C 257 6.89 9.08 31.26
N ALA C 258 6.49 10.24 31.76
CA ALA C 258 7.30 11.46 31.65
C ALA C 258 8.70 11.26 32.23
N THR C 259 8.74 10.75 33.46
CA THR C 259 10.00 10.48 34.14
C THR C 259 10.81 9.45 33.39
N LYS C 260 10.10 8.44 32.87
CA LYS C 260 10.73 7.40 32.06
C LYS C 260 11.45 8.03 30.87
N ALA C 261 10.77 8.94 30.19
CA ALA C 261 11.35 9.67 29.07
C ALA C 261 12.59 10.46 29.49
N SER C 262 12.44 11.32 30.49
CA SER C 262 13.57 12.10 31.01
C SER C 262 14.74 11.19 31.39
N ALA C 263 14.40 10.04 31.98
CA ALA C 263 15.39 9.06 32.41
C ALA C 263 16.16 8.52 31.21
N MET C 264 15.42 8.05 30.21
CA MET C 264 16.03 7.52 28.99
C MET C 264 16.92 8.56 28.34
N ARG C 265 16.43 9.79 28.27
CA ARG C 265 17.18 10.89 27.68
C ARG C 265 18.50 11.13 28.41
N SER C 266 18.42 11.23 29.74
CA SER C 266 19.59 11.54 30.56
C SER C 266 20.78 10.60 30.34
N ALA C 267 20.50 9.31 30.23
CA ALA C 267 21.53 8.28 30.17
C ALA C 267 22.41 8.39 28.93
N ASP C 268 23.66 7.93 29.06
CA ASP C 268 24.59 7.88 27.94
C ASP C 268 24.36 6.63 27.08
N VAL C 269 24.00 5.53 27.73
CA VAL C 269 23.76 4.26 27.03
C VAL C 269 22.62 3.49 27.69
N TYR C 270 21.83 2.81 26.86
CA TYR C 270 20.78 1.92 27.34
C TYR C 270 21.14 0.46 27.07
N CYS C 271 21.03 -0.36 28.12
CA CYS C 271 21.33 -1.78 28.03
C CYS C 271 20.04 -2.59 28.00
N ALA C 272 19.89 -3.45 26.99
CA ALA C 272 18.73 -4.34 26.90
C ALA C 272 19.13 -5.81 26.71
N PRO C 273 19.34 -6.52 27.82
CA PRO C 273 19.41 -7.98 27.70
C PRO C 273 18.02 -8.55 27.82
N HIS C 274 17.91 -9.86 27.62
CA HIS C 274 16.70 -10.58 28.01
C HIS C 274 16.86 -12.04 27.62
N LEU C 275 16.13 -12.92 28.30
CA LEU C 275 16.12 -14.34 27.95
C LEU C 275 14.95 -14.74 27.05
N GLY C 276 13.96 -13.86 26.91
CA GLY C 276 12.77 -14.24 26.18
C GLY C 276 11.53 -13.38 26.33
N GLY C 277 10.51 -13.80 25.58
CA GLY C 277 9.22 -13.13 25.51
C GLY C 277 9.21 -12.10 24.41
N GLU C 278 10.39 -11.55 24.12
CA GLU C 278 10.62 -10.65 23.00
C GLU C 278 9.56 -9.55 22.95
N SER C 279 8.94 -9.29 24.11
CA SER C 279 7.85 -8.33 24.19
C SER C 279 8.37 -7.01 24.74
N PHE C 280 9.65 -7.00 25.07
CA PHE C 280 10.33 -5.79 25.51
C PHE C 280 10.91 -5.08 24.28
N GLY C 281 10.59 -5.60 23.10
CA GLY C 281 11.12 -5.05 21.86
C GLY C 281 10.93 -3.55 21.73
N ILE C 282 9.68 -3.11 21.84
CA ILE C 282 9.33 -1.71 21.61
C ILE C 282 10.20 -0.77 22.42
N VAL C 283 10.49 -1.15 23.67
CA VAL C 283 11.27 -0.32 24.56
C VAL C 283 12.50 0.19 23.82
N LEU C 284 13.11 -0.66 23.01
CA LEU C 284 14.34 -0.29 22.33
C LEU C 284 14.13 0.97 21.48
N VAL C 285 13.01 1.02 20.76
CA VAL C 285 12.79 2.15 19.85
C VAL C 285 12.46 3.40 20.65
N GLU C 286 12.16 3.22 21.95
CA GLU C 286 11.92 4.36 22.82
C GLU C 286 13.27 4.94 23.24
N ALA C 287 14.30 4.10 23.19
CA ALA C 287 15.65 4.54 23.57
C ALA C 287 16.29 5.28 22.41
N MET C 288 15.96 4.85 21.19
CA MET C 288 16.45 5.50 19.98
C MET C 288 15.80 6.87 19.87
N ALA C 289 14.48 6.89 20.07
CA ALA C 289 13.69 8.11 20.01
C ALA C 289 14.30 9.15 20.92
N ALA C 290 14.64 8.73 22.13
CA ALA C 290 15.28 9.59 23.12
C ALA C 290 16.54 10.23 22.54
N GLY C 291 17.23 9.46 21.68
CA GLY C 291 18.54 9.85 21.19
C GLY C 291 19.62 9.19 22.03
N THR C 292 19.21 8.17 22.78
CA THR C 292 20.13 7.40 23.61
C THR C 292 20.60 6.17 22.85
N ALA C 293 21.89 5.87 22.96
CA ALA C 293 22.47 4.72 22.28
C ALA C 293 21.98 3.42 22.91
N VAL C 294 21.98 2.35 22.13
CA VAL C 294 21.37 1.09 22.54
C VAL C 294 22.32 -0.08 22.35
N VAL C 295 22.55 -0.82 23.42
CA VAL C 295 23.30 -2.07 23.36
C VAL C 295 22.42 -3.17 23.91
N ALA C 296 22.22 -4.22 23.13
CA ALA C 296 21.24 -5.24 23.49
C ALA C 296 21.66 -6.66 23.10
N SER C 297 20.94 -7.62 23.66
CA SER C 297 21.15 -9.02 23.33
C SER C 297 20.72 -9.31 21.88
N ASP C 298 21.17 -10.44 21.36
CA ASP C 298 21.05 -10.77 19.94
C ASP C 298 19.67 -11.33 19.59
N LEU C 299 18.74 -11.30 20.54
CA LEU C 299 17.39 -11.79 20.30
C LEU C 299 16.86 -11.20 18.99
N ASP C 300 16.26 -12.05 18.17
CA ASP C 300 15.87 -11.70 16.81
C ASP C 300 15.02 -10.43 16.77
N ALA C 301 14.12 -10.31 17.75
CA ALA C 301 13.33 -9.09 17.92
C ALA C 301 14.28 -7.90 17.96
N PHE C 302 15.20 -7.94 18.92
CA PHE C 302 16.16 -6.86 19.10
C PHE C 302 17.07 -6.73 17.88
N ARG C 303 17.38 -7.85 17.24
CA ARG C 303 18.28 -7.84 16.11
C ARG C 303 17.71 -7.06 14.93
N ARG C 304 16.46 -7.33 14.58
CA ARG C 304 15.83 -6.62 13.47
C ARG C 304 15.40 -5.21 13.87
N VAL C 305 15.00 -5.02 15.13
CA VAL C 305 14.71 -3.66 15.60
C VAL C 305 15.95 -2.79 15.46
N LEU C 306 17.11 -3.37 15.75
CA LEU C 306 18.38 -2.64 15.68
C LEU C 306 19.02 -2.73 14.29
N ALA C 307 18.31 -3.36 13.35
CA ALA C 307 18.71 -3.38 11.95
C ALA C 307 20.08 -4.03 11.76
N ASP C 308 20.28 -5.20 12.37
CA ASP C 308 21.53 -5.92 12.25
C ASP C 308 22.73 -5.07 12.66
N GLY C 309 22.57 -4.37 13.79
CA GLY C 309 23.68 -3.65 14.39
C GLY C 309 23.78 -2.19 13.99
N ASP C 310 23.11 -1.82 12.90
CA ASP C 310 23.16 -0.45 12.39
C ASP C 310 22.75 0.58 13.45
N ALA C 311 21.68 0.27 14.18
CA ALA C 311 21.13 1.19 15.18
C ALA C 311 21.60 0.91 16.62
N GLY C 312 22.44 -0.11 16.80
CA GLY C 312 22.96 -0.41 18.13
C GLY C 312 23.87 -1.61 18.17
N ARG C 313 24.50 -1.84 19.32
CA ARG C 313 25.43 -2.95 19.48
C ARG C 313 24.68 -4.21 19.89
N LEU C 314 24.85 -5.27 19.10
CA LEU C 314 24.21 -6.54 19.37
C LEU C 314 25.22 -7.53 19.96
N VAL C 315 24.92 -8.02 21.16
CA VAL C 315 25.79 -8.97 21.83
C VAL C 315 25.08 -10.31 21.95
N PRO C 316 25.84 -11.42 21.99
CA PRO C 316 25.21 -12.73 22.17
C PRO C 316 24.50 -12.85 23.53
N VAL C 317 23.47 -13.69 23.60
CA VAL C 317 22.71 -13.87 24.83
C VAL C 317 23.53 -14.66 25.86
N ASP C 318 23.25 -14.43 27.14
CA ASP C 318 23.89 -15.18 28.23
C ASP C 318 25.35 -14.80 28.44
N ASP C 319 25.87 -13.92 27.59
CA ASP C 319 27.27 -13.49 27.66
C ASP C 319 27.35 -12.14 28.36
N ALA C 320 27.88 -12.15 29.58
CA ALA C 320 28.04 -10.92 30.36
C ALA C 320 29.30 -10.17 29.91
N ASP C 321 30.36 -10.93 29.66
CA ASP C 321 31.65 -10.38 29.28
C ASP C 321 31.58 -9.58 27.98
N GLY C 322 30.88 -10.13 27.00
CA GLY C 322 30.72 -9.47 25.71
C GLY C 322 29.86 -8.22 25.82
N MET C 323 28.85 -8.29 26.66
CA MET C 323 28.02 -7.13 26.97
C MET C 323 28.95 -6.03 27.49
N ALA C 324 29.74 -6.37 28.51
CA ALA C 324 30.76 -5.45 29.05
C ALA C 324 31.68 -4.94 27.95
N ALA C 325 32.10 -5.83 27.06
CA ALA C 325 33.00 -5.48 25.97
C ALA C 325 32.43 -4.36 25.10
N ALA C 326 31.23 -4.60 24.56
CA ALA C 326 30.58 -3.61 23.69
C ALA C 326 30.29 -2.32 24.44
N LEU C 327 29.87 -2.45 25.70
CA LEU C 327 29.63 -1.28 26.54
C LEU C 327 30.88 -0.39 26.63
N ILE C 328 31.99 -1.00 27.05
CA ILE C 328 33.27 -0.29 27.12
C ILE C 328 33.60 0.36 25.79
N GLY C 329 33.59 -0.45 24.73
CA GLY C 329 33.90 0.04 23.40
C GLY C 329 32.99 1.18 22.96
N ILE C 330 31.74 1.14 23.41
CA ILE C 330 30.77 2.16 23.05
C ILE C 330 31.02 3.46 23.80
N LEU C 331 31.33 3.35 25.10
CA LEU C 331 31.58 4.53 25.91
C LEU C 331 32.91 5.23 25.56
N GLU C 332 33.97 4.45 25.39
CA GLU C 332 35.29 5.02 25.10
C GLU C 332 35.26 5.90 23.85
N ASP C 333 34.77 5.34 22.75
CA ASP C 333 34.67 6.07 21.49
C ASP C 333 33.38 6.90 21.47
N ASP C 334 33.52 8.21 21.24
CA ASP C 334 32.37 9.10 21.15
C ASP C 334 31.95 9.32 19.69
N GLN C 335 32.72 8.75 18.76
CA GLN C 335 32.36 8.74 17.35
C GLN C 335 31.54 7.49 17.03
N LEU C 336 31.48 6.58 17.98
CA LEU C 336 30.69 5.35 17.87
C LEU C 336 29.26 5.60 18.33
N ARG C 337 29.11 5.97 19.61
CA ARG C 337 27.82 6.29 20.20
C ARG C 337 27.06 7.27 19.31
N ALA C 338 27.82 8.12 18.61
CA ALA C 338 27.28 9.09 17.68
C ALA C 338 26.75 8.35 16.44
N GLY C 339 27.66 7.69 15.74
CA GLY C 339 27.33 6.97 14.53
C GLY C 339 26.18 5.99 14.70
N TYR C 340 25.98 5.52 15.94
CA TYR C 340 24.81 4.72 16.28
C TYR C 340 23.57 5.58 16.48
N VAL C 341 23.62 6.50 17.45
CA VAL C 341 22.47 7.36 17.75
C VAL C 341 21.88 7.96 16.48
N ALA C 342 22.74 8.43 15.59
CA ALA C 342 22.30 9.07 14.36
C ALA C 342 21.73 8.05 13.37
N ARG C 343 22.31 6.86 13.35
CA ARG C 343 21.82 5.80 12.46
C ARG C 343 20.52 5.21 13.01
N ALA C 344 20.29 5.39 14.30
CA ALA C 344 19.02 5.03 14.94
C ALA C 344 17.95 6.09 14.74
N SER C 345 18.36 7.36 14.77
CA SER C 345 17.41 8.46 14.57
C SER C 345 16.57 8.32 13.31
N GLU C 346 17.12 7.67 12.28
CA GLU C 346 16.39 7.46 11.03
C GLU C 346 15.46 6.25 11.15
N ARG C 347 15.77 5.38 12.11
CA ARG C 347 14.99 4.15 12.32
C ARG C 347 13.62 4.43 12.96
N VAL C 348 13.55 5.52 13.74
CA VAL C 348 12.37 5.81 14.55
C VAL C 348 11.24 6.43 13.74
N HIS C 349 11.57 6.97 12.58
CA HIS C 349 10.65 7.79 11.80
C HIS C 349 9.28 7.16 11.60
N ARG C 350 9.23 5.85 11.35
CA ARG C 350 7.97 5.23 10.99
C ARG C 350 7.18 4.77 12.21
N TYR C 351 7.71 5.02 13.41
CA TYR C 351 6.96 4.71 14.64
C TYR C 351 6.16 5.88 15.19
N ASP C 352 6.39 7.09 14.67
CA ASP C 352 5.72 8.26 15.24
C ASP C 352 4.24 8.22 14.91
N TRP C 353 3.42 8.61 15.89
CA TRP C 353 1.96 8.58 15.74
C TRP C 353 1.51 9.36 14.52
N SER C 354 2.27 10.39 14.16
CA SER C 354 2.00 11.18 12.97
C SER C 354 1.84 10.24 11.77
N VAL C 355 2.79 9.33 11.63
CA VAL C 355 2.78 8.32 10.56
C VAL C 355 1.80 7.17 10.83
N VAL C 356 1.91 6.60 12.02
CA VAL C 356 1.17 5.38 12.36
C VAL C 356 -0.33 5.63 12.31
N SER C 357 -0.77 6.69 12.98
CA SER C 357 -2.18 7.03 13.00
C SER C 357 -2.71 7.19 11.59
N ALA C 358 -1.86 7.74 10.72
CA ALA C 358 -2.23 7.99 9.33
C ALA C 358 -2.40 6.68 8.58
N GLN C 359 -1.46 5.75 8.78
CA GLN C 359 -1.60 4.40 8.23
C GLN C 359 -2.95 3.80 8.66
N ILE C 360 -3.21 3.88 9.97
CA ILE C 360 -4.45 3.36 10.53
C ILE C 360 -5.68 4.02 9.91
N MET C 361 -5.64 5.34 9.76
CA MET C 361 -6.74 6.08 9.13
C MET C 361 -6.88 5.66 7.67
N ARG C 362 -5.75 5.39 7.02
CA ARG C 362 -5.78 4.92 5.65
C ARG C 362 -6.55 3.62 5.59
N VAL C 363 -6.31 2.75 6.58
CA VAL C 363 -7.14 1.55 6.70
C VAL C 363 -8.62 1.88 6.96
N TYR C 364 -8.88 2.81 7.87
CA TYR C 364 -10.26 3.24 8.13
C TYR C 364 -10.99 3.62 6.85
N GLU C 365 -10.31 4.39 6.01
CA GLU C 365 -10.94 4.92 4.82
C GLU C 365 -11.26 3.86 3.76
N THR C 366 -10.84 2.62 3.98
CA THR C 366 -11.12 1.53 3.05
C THR C 366 -12.54 0.95 3.26
N VAL C 367 -13.19 1.43 4.31
CA VAL C 367 -14.57 1.05 4.63
C VAL C 367 -15.41 2.32 4.82
N SER C 368 -14.96 3.17 5.75
CA SER C 368 -15.70 4.34 6.19
C SER C 368 -16.22 5.24 5.06
N GLY C 369 -17.46 5.68 5.23
CA GLY C 369 -18.05 6.67 4.35
C GLY C 369 -18.67 6.02 3.13
N ALA C 370 -19.77 6.58 2.60
CA ALA C 370 -20.56 7.61 3.26
C ALA C 370 -22.02 7.54 2.79
N GLY C 371 -22.99 7.78 3.67
CA GLY C 371 -22.75 7.99 5.09
C GLY C 371 -22.36 6.70 5.78
N ILE C 372 -23.17 5.66 5.56
CA ILE C 372 -22.87 4.30 6.02
C ILE C 372 -22.32 4.24 7.44
N LYS C 373 -23.17 4.59 8.42
CA LYS C 373 -22.76 4.54 9.82
C LYS C 373 -22.72 3.10 10.31
N VAL C 374 -21.96 2.88 11.39
CA VAL C 374 -21.90 1.57 12.02
C VAL C 374 -23.27 1.21 12.60
N GLN C 375 -23.76 0.03 12.27
CA GLN C 375 -25.10 -0.40 12.65
C GLN C 375 -25.07 -1.54 13.65
N VAL C 376 -26.26 -1.96 14.08
CA VAL C 376 -26.42 -3.18 14.85
C VAL C 376 -27.35 -4.10 14.08
N SER C 377 -27.13 -5.41 14.19
CA SER C 377 -27.95 -6.39 13.49
C SER C 377 -29.04 -6.92 14.40
N ALA D 4 -11.51 -44.97 11.26
CA ALA D 4 -10.94 -44.52 9.96
C ALA D 4 -11.44 -43.12 9.61
N MET D 5 -10.94 -42.56 8.51
CA MET D 5 -11.30 -41.21 8.09
C MET D 5 -11.33 -41.05 6.58
N ARG D 6 -12.23 -40.20 6.10
CA ARG D 6 -12.17 -39.67 4.75
C ARG D 6 -11.49 -38.30 4.83
N ILE D 7 -10.38 -38.14 4.10
CA ILE D 7 -9.59 -36.92 4.17
C ILE D 7 -9.44 -36.26 2.82
N GLY D 8 -9.96 -35.05 2.70
CA GLY D 8 -9.67 -34.22 1.54
C GLY D 8 -8.33 -33.54 1.79
N MET D 9 -7.54 -33.42 0.73
CA MET D 9 -6.22 -32.80 0.83
C MET D 9 -5.98 -31.98 -0.43
N VAL D 10 -5.63 -30.71 -0.26
CA VAL D 10 -5.45 -29.83 -1.41
C VAL D 10 -3.99 -29.46 -1.55
N CYS D 11 -3.50 -29.44 -2.79
CA CYS D 11 -2.17 -28.96 -3.08
C CYS D 11 -2.32 -27.84 -4.10
N PRO D 12 -1.59 -26.72 -3.91
CA PRO D 12 -1.68 -25.61 -4.86
C PRO D 12 -0.58 -25.68 -5.93
N TYR D 13 -0.33 -26.88 -6.46
CA TYR D 13 0.75 -27.08 -7.43
C TYR D 13 0.44 -28.26 -8.33
N SER D 14 0.78 -28.13 -9.61
CA SER D 14 0.62 -29.23 -10.55
C SER D 14 1.82 -30.15 -10.43
N PHE D 15 1.58 -31.45 -10.50
CA PHE D 15 2.63 -32.44 -10.34
C PHE D 15 3.42 -32.66 -11.64
N ASP D 16 3.03 -31.94 -12.69
CA ASP D 16 3.77 -31.96 -13.94
C ASP D 16 5.19 -31.45 -13.72
N VAL D 17 5.41 -30.80 -12.58
CA VAL D 17 6.71 -30.27 -12.21
C VAL D 17 7.13 -30.85 -10.85
N PRO D 18 8.43 -31.16 -10.67
CA PRO D 18 8.87 -31.60 -9.35
C PRO D 18 8.90 -30.46 -8.34
N GLY D 19 8.55 -30.74 -7.10
CA GLY D 19 8.58 -29.74 -6.05
C GLY D 19 8.38 -30.38 -4.69
N GLY D 20 8.84 -29.70 -3.64
CA GLY D 20 8.81 -30.25 -2.30
C GLY D 20 7.41 -30.52 -1.78
N VAL D 21 6.57 -29.48 -1.83
CA VAL D 21 5.19 -29.58 -1.33
C VAL D 21 4.47 -30.73 -2.00
N GLN D 22 4.51 -30.78 -3.32
CA GLN D 22 3.86 -31.84 -4.08
C GLN D 22 4.23 -33.22 -3.54
N SER D 23 5.53 -33.48 -3.48
CA SER D 23 6.04 -34.78 -3.04
C SER D 23 5.62 -35.05 -1.61
N HIS D 24 5.63 -34.02 -0.78
CA HIS D 24 5.17 -34.15 0.62
C HIS D 24 3.71 -34.58 0.69
N VAL D 25 2.86 -33.91 -0.10
CA VAL D 25 1.43 -34.23 -0.14
C VAL D 25 1.23 -35.66 -0.61
N LEU D 26 1.90 -36.05 -1.69
CA LEU D 26 1.80 -37.41 -2.22
C LEU D 26 2.25 -38.45 -1.19
N GLN D 27 3.47 -38.30 -0.68
CA GLN D 27 4.02 -39.20 0.31
C GLN D 27 3.04 -39.35 1.47
N LEU D 28 2.63 -38.22 2.04
CA LEU D 28 1.69 -38.23 3.16
C LEU D 28 0.41 -38.99 2.82
N ALA D 29 -0.22 -38.62 1.70
CA ALA D 29 -1.46 -39.24 1.27
C ALA D 29 -1.31 -40.75 1.19
N GLU D 30 -0.25 -41.20 0.53
CA GLU D 30 0.01 -42.63 0.40
C GLU D 30 0.17 -43.28 1.78
N VAL D 31 0.94 -42.62 2.65
CA VAL D 31 1.12 -43.12 4.02
C VAL D 31 -0.23 -43.27 4.73
N LEU D 32 -1.12 -42.30 4.56
CA LEU D 32 -2.43 -42.36 5.19
C LEU D 32 -3.30 -43.47 4.59
N ARG D 33 -3.22 -43.65 3.28
CA ARG D 33 -3.92 -44.74 2.62
C ARG D 33 -3.44 -46.08 3.16
N ASP D 34 -2.14 -46.19 3.40
CA ASP D 34 -1.53 -47.42 3.90
C ASP D 34 -1.93 -47.70 5.34
N ALA D 35 -2.51 -46.70 6.00
CA ALA D 35 -3.05 -46.88 7.35
C ALA D 35 -4.54 -47.19 7.29
N GLY D 36 -5.08 -47.26 6.08
CA GLY D 36 -6.48 -47.65 5.87
C GLY D 36 -7.44 -46.48 5.77
N HIS D 37 -6.89 -45.26 5.79
CA HIS D 37 -7.71 -44.06 5.66
C HIS D 37 -8.07 -43.82 4.19
N GLU D 38 -9.25 -43.27 3.95
CA GLU D 38 -9.63 -42.81 2.62
C GLU D 38 -9.07 -41.41 2.46
N VAL D 39 -8.34 -41.19 1.37
CA VAL D 39 -7.73 -39.89 1.12
C VAL D 39 -8.02 -39.44 -0.30
N SER D 40 -8.21 -38.13 -0.47
CA SER D 40 -8.49 -37.55 -1.77
C SER D 40 -7.66 -36.29 -1.95
N VAL D 41 -6.91 -36.24 -3.03
CA VAL D 41 -6.00 -35.13 -3.30
C VAL D 41 -6.51 -34.29 -4.47
N LEU D 42 -6.79 -33.02 -4.20
CA LEU D 42 -7.18 -32.10 -5.26
C LEU D 42 -6.01 -31.20 -5.63
N ALA D 43 -5.67 -31.18 -6.91
CA ALA D 43 -4.56 -30.37 -7.40
C ALA D 43 -4.86 -29.76 -8.77
N PRO D 44 -4.08 -28.74 -9.17
CA PRO D 44 -4.16 -28.18 -10.52
C PRO D 44 -3.86 -29.24 -11.58
N ALA D 45 -4.23 -28.95 -12.83
CA ALA D 45 -4.13 -29.93 -13.91
C ALA D 45 -2.75 -30.55 -14.02
N SER D 46 -2.70 -31.88 -14.03
CA SER D 46 -1.45 -32.61 -14.15
C SER D 46 -1.59 -33.77 -15.13
N PRO D 47 -1.90 -33.48 -16.41
CA PRO D 47 -2.05 -34.55 -17.40
C PRO D 47 -0.72 -35.16 -17.79
N HIS D 48 0.36 -34.40 -17.60
CA HIS D 48 1.67 -34.79 -18.13
C HIS D 48 2.29 -36.01 -17.44
N VAL D 49 1.69 -36.46 -16.35
CA VAL D 49 2.27 -37.56 -15.57
C VAL D 49 1.22 -38.55 -15.06
N LYS D 50 1.66 -39.75 -14.72
CA LYS D 50 0.79 -40.82 -14.24
C LYS D 50 0.72 -40.82 -12.72
N LEU D 51 -0.49 -40.62 -12.19
CA LEU D 51 -0.70 -40.52 -10.75
C LEU D 51 -1.77 -41.50 -10.27
N PRO D 52 -1.86 -41.73 -8.94
CA PRO D 52 -2.84 -42.62 -8.33
C PRO D 52 -4.29 -42.24 -8.61
N ASP D 53 -5.21 -43.15 -8.35
CA ASP D 53 -6.64 -42.93 -8.60
C ASP D 53 -7.19 -41.74 -7.79
N TYR D 54 -6.82 -41.68 -6.50
CA TYR D 54 -7.44 -40.72 -5.58
C TYR D 54 -7.17 -39.25 -5.88
N VAL D 55 -6.10 -38.95 -6.62
CA VAL D 55 -5.75 -37.56 -6.92
C VAL D 55 -6.62 -37.00 -8.06
N VAL D 56 -7.35 -35.93 -7.75
CA VAL D 56 -8.29 -35.33 -8.69
C VAL D 56 -7.62 -34.11 -9.35
N SER D 57 -8.27 -33.53 -10.34
CA SER D 57 -7.78 -32.33 -11.01
C SER D 57 -8.87 -31.26 -11.08
N GLY D 58 -8.55 -30.05 -10.65
CA GLY D 58 -9.47 -28.93 -10.72
C GLY D 58 -9.24 -28.05 -11.94
N GLY D 59 -8.05 -28.18 -12.54
CA GLY D 59 -7.69 -27.37 -13.68
C GLY D 59 -7.15 -26.01 -13.26
N LYS D 60 -6.35 -25.39 -14.12
CA LYS D 60 -5.77 -24.08 -13.83
C LYS D 60 -6.60 -22.97 -14.49
N GLY D 76 -10.81 -19.21 -12.61
CA GLY D 76 -11.86 -19.60 -13.52
C GLY D 76 -13.14 -19.99 -12.79
N PRO D 77 -14.31 -19.70 -13.37
CA PRO D 77 -15.58 -20.06 -12.73
C PRO D 77 -15.83 -21.58 -12.66
N ALA D 78 -15.55 -22.25 -13.78
CA ALA D 78 -15.75 -23.69 -13.88
C ALA D 78 -14.89 -24.41 -12.85
N THR D 79 -13.73 -23.81 -12.57
CA THR D 79 -12.80 -24.31 -11.54
C THR D 79 -13.50 -24.34 -10.18
N HIS D 80 -14.03 -23.18 -9.78
CA HIS D 80 -14.78 -23.07 -8.53
C HIS D 80 -15.89 -24.12 -8.51
N ARG D 81 -16.64 -24.22 -9.62
CA ARG D 81 -17.67 -25.23 -9.75
C ARG D 81 -17.14 -26.64 -9.43
N LYS D 82 -16.06 -27.01 -10.10
CA LYS D 82 -15.46 -28.33 -9.91
C LYS D 82 -15.06 -28.56 -8.45
N VAL D 83 -14.48 -27.53 -7.82
CA VAL D 83 -14.13 -27.61 -6.41
C VAL D 83 -15.34 -27.87 -5.50
N LYS D 84 -16.37 -27.04 -5.64
CA LYS D 84 -17.60 -27.23 -4.87
C LYS D 84 -18.13 -28.66 -5.05
N LYS D 85 -18.14 -29.11 -6.30
CA LYS D 85 -18.50 -30.49 -6.61
C LYS D 85 -17.66 -31.48 -5.81
N TRP D 86 -16.35 -31.33 -5.89
CA TRP D 86 -15.40 -32.18 -5.17
C TRP D 86 -15.73 -32.27 -3.69
N ILE D 87 -15.86 -31.11 -3.05
CA ILE D 87 -16.08 -31.06 -1.62
C ILE D 87 -17.42 -31.68 -1.23
N ALA D 88 -18.46 -31.36 -1.99
CA ALA D 88 -19.79 -31.92 -1.70
C ALA D 88 -19.79 -33.44 -1.88
N GLU D 89 -19.10 -33.91 -2.91
CA GLU D 89 -19.04 -35.35 -3.21
C GLU D 89 -18.00 -36.08 -2.35
N GLY D 90 -17.09 -35.32 -1.75
CA GLY D 90 -16.08 -35.90 -0.87
C GLY D 90 -16.63 -36.61 0.36
N ASP D 91 -17.50 -35.93 1.10
CA ASP D 91 -18.03 -36.45 2.35
C ASP D 91 -16.87 -36.63 3.36
N PHE D 92 -16.04 -35.60 3.45
CA PHE D 92 -14.80 -35.64 4.23
C PHE D 92 -15.01 -35.44 5.72
N ASP D 93 -14.17 -36.09 6.52
CA ASP D 93 -14.12 -35.84 7.96
C ASP D 93 -13.27 -34.59 8.24
N VAL D 94 -12.17 -34.44 7.50
CA VAL D 94 -11.33 -33.25 7.61
C VAL D 94 -10.80 -32.83 6.25
N LEU D 95 -10.36 -31.58 6.18
CA LEU D 95 -9.81 -31.01 4.96
C LEU D 95 -8.44 -30.45 5.27
N HIS D 96 -7.44 -30.91 4.52
CA HIS D 96 -6.06 -30.50 4.76
C HIS D 96 -5.54 -29.68 3.58
N ILE D 97 -5.31 -28.39 3.83
CA ILE D 97 -4.97 -27.47 2.76
C ILE D 97 -3.53 -27.00 2.89
N HIS D 98 -2.72 -27.22 1.86
CA HIS D 98 -1.30 -26.92 1.92
C HIS D 98 -0.96 -25.61 1.22
N GLU D 99 -0.10 -24.80 1.85
CA GLU D 99 0.31 -23.52 1.30
C GLU D 99 -0.87 -22.72 0.72
N PRO D 100 -1.91 -22.49 1.53
CA PRO D 100 -3.04 -21.71 1.03
C PRO D 100 -2.77 -20.22 1.14
N ASN D 101 -1.80 -19.71 0.40
CA ASN D 101 -1.56 -18.27 0.35
C ASN D 101 -2.30 -17.70 -0.85
N ALA D 102 -2.23 -16.38 -1.02
CA ALA D 102 -3.13 -15.68 -1.93
C ALA D 102 -2.45 -15.25 -3.25
N PRO D 103 -2.98 -15.68 -4.41
CA PRO D 103 -4.10 -16.61 -4.59
C PRO D 103 -3.58 -18.04 -4.70
N SER D 104 -4.49 -19.00 -4.77
CA SER D 104 -4.13 -20.40 -4.99
C SER D 104 -5.39 -21.25 -4.96
N LEU D 105 -5.30 -22.44 -5.53
CA LEU D 105 -6.40 -23.39 -5.51
C LEU D 105 -6.75 -23.73 -4.06
N SER D 106 -5.72 -23.73 -3.23
CA SER D 106 -5.83 -24.02 -1.82
C SER D 106 -6.72 -23.01 -1.09
N MET D 107 -6.38 -21.73 -1.20
CA MET D 107 -7.15 -20.66 -0.58
C MET D 107 -8.60 -20.72 -1.05
N LEU D 108 -8.79 -21.00 -2.34
CA LEU D 108 -10.13 -21.14 -2.89
C LEU D 108 -10.87 -22.26 -2.15
N ALA D 109 -10.23 -23.43 -2.12
CA ALA D 109 -10.78 -24.58 -1.41
C ALA D 109 -11.10 -24.20 0.03
N LEU D 110 -10.23 -23.40 0.64
CA LEU D 110 -10.45 -22.95 2.00
C LEU D 110 -11.73 -22.15 2.12
N GLN D 111 -11.82 -21.07 1.34
CA GLN D 111 -12.96 -20.16 1.42
C GLN D 111 -14.25 -20.84 1.01
N ALA D 112 -14.13 -21.86 0.16
CA ALA D 112 -15.31 -22.60 -0.30
C ALA D 112 -15.94 -23.49 0.79
N ALA D 113 -15.16 -23.84 1.81
CA ALA D 113 -15.56 -24.90 2.75
C ALA D 113 -15.82 -24.40 4.16
N GLU D 114 -16.64 -25.16 4.89
CA GLU D 114 -16.94 -24.90 6.30
C GLU D 114 -16.75 -26.20 7.06
N GLY D 115 -16.76 -26.13 8.39
CA GLY D 115 -16.53 -27.30 9.22
C GLY D 115 -15.06 -27.46 9.56
N PRO D 116 -14.61 -28.71 9.81
CA PRO D 116 -13.20 -28.93 10.13
C PRO D 116 -12.28 -28.55 8.98
N ILE D 117 -11.32 -27.68 9.25
CA ILE D 117 -10.34 -27.28 8.25
C ILE D 117 -8.99 -27.14 8.92
N VAL D 118 -7.99 -27.76 8.32
CA VAL D 118 -6.61 -27.62 8.77
C VAL D 118 -5.78 -27.17 7.59
N ALA D 119 -4.95 -26.15 7.81
CA ALA D 119 -4.08 -25.65 6.77
C ALA D 119 -2.63 -25.78 7.23
N THR D 120 -1.76 -26.12 6.30
CA THR D 120 -0.33 -26.24 6.58
C THR D 120 0.43 -25.31 5.66
N PHE D 121 1.44 -24.65 6.22
CA PHE D 121 2.40 -23.90 5.42
C PHE D 121 3.75 -24.57 5.60
N HIS D 122 4.39 -24.95 4.51
CA HIS D 122 5.70 -25.57 4.62
C HIS D 122 6.69 -24.44 4.53
N THR D 123 7.25 -24.08 5.68
CA THR D 123 8.11 -22.91 5.78
C THR D 123 9.55 -23.24 5.40
N SER D 124 9.92 -24.52 5.56
CA SER D 124 11.25 -24.99 5.17
C SER D 124 11.17 -26.47 4.89
N THR D 125 12.16 -27.01 4.18
CA THR D 125 12.14 -28.42 3.83
C THR D 125 12.24 -29.31 5.07
N THR D 126 12.66 -28.73 6.20
CA THR D 126 12.74 -29.44 7.46
C THR D 126 11.58 -29.20 8.43
N LYS D 127 10.66 -28.30 8.07
CA LYS D 127 9.67 -27.83 9.04
C LYS D 127 8.39 -27.37 8.38
N SER D 128 7.27 -27.47 9.10
CA SER D 128 5.98 -27.03 8.58
C SER D 128 5.10 -26.56 9.72
N LEU D 129 4.33 -25.52 9.46
CA LEU D 129 3.42 -24.95 10.45
C LEU D 129 1.98 -25.32 10.09
N THR D 130 1.31 -25.98 11.02
CA THR D 130 -0.07 -26.42 10.78
C THR D 130 -1.02 -25.72 11.75
N LEU D 131 -2.11 -25.19 11.22
CA LEU D 131 -3.10 -24.48 12.03
C LEU D 131 -4.52 -24.83 11.59
N SER D 132 -5.49 -24.46 12.41
CA SER D 132 -6.90 -24.65 12.07
C SER D 132 -7.52 -23.29 11.87
N VAL D 133 -8.59 -23.25 11.07
CA VAL D 133 -9.19 -22.00 10.65
C VAL D 133 -10.40 -21.62 11.49
N PHE D 134 -10.33 -20.45 12.11
CA PHE D 134 -11.44 -19.86 12.83
C PHE D 134 -12.70 -19.84 11.99
N GLN D 135 -13.83 -20.20 12.61
CA GLN D 135 -15.15 -19.89 12.06
C GLN D 135 -15.97 -19.24 13.16
N GLY D 136 -17.11 -18.63 12.81
CA GLY D 136 -17.42 -18.20 11.45
C GLY D 136 -17.32 -16.69 11.34
N ILE D 137 -17.26 -16.03 12.49
CA ILE D 137 -17.29 -14.56 12.54
C ILE D 137 -15.92 -13.92 12.29
N LEU D 138 -14.87 -14.53 12.85
CA LEU D 138 -13.50 -14.08 12.63
C LEU D 138 -12.96 -14.63 11.32
N ARG D 139 -13.69 -15.59 10.75
CA ARG D 139 -13.24 -16.30 9.56
C ARG D 139 -12.64 -15.37 8.50
N PRO D 140 -13.40 -14.35 8.04
CA PRO D 140 -12.89 -13.52 6.95
C PRO D 140 -11.61 -12.76 7.29
N TYR D 141 -11.42 -12.43 8.57
CA TYR D 141 -10.21 -11.76 9.04
C TYR D 141 -9.04 -12.74 9.02
N HIS D 142 -9.29 -13.89 9.64
CA HIS D 142 -8.28 -14.92 9.77
C HIS D 142 -7.85 -15.42 8.40
N GLU D 143 -8.79 -15.48 7.46
CA GLU D 143 -8.48 -15.91 6.10
C GLU D 143 -7.47 -14.95 5.49
N LYS D 144 -7.68 -13.66 5.73
CA LYS D 144 -6.80 -12.63 5.20
C LYS D 144 -5.41 -12.74 5.82
N ILE D 145 -5.35 -12.96 7.12
CA ILE D 145 -4.05 -13.20 7.76
C ILE D 145 -3.36 -14.47 7.23
N ILE D 146 -4.16 -15.52 7.09
CA ILE D 146 -3.69 -16.81 6.59
C ILE D 146 -3.09 -16.61 5.21
N GLY D 147 -3.74 -15.79 4.40
CA GLY D 147 -3.22 -15.44 3.10
C GLY D 147 -1.78 -14.96 3.16
N ARG D 148 -1.48 -14.08 4.10
CA ARG D 148 -0.15 -13.48 4.19
C ARG D 148 0.84 -14.26 5.05
N ILE D 149 0.36 -15.23 5.83
CA ILE D 149 1.27 -16.08 6.62
C ILE D 149 2.49 -16.55 5.82
N ALA D 150 2.28 -16.96 4.58
CA ALA D 150 3.37 -17.48 3.76
C ALA D 150 4.48 -16.45 3.57
N VAL D 151 4.07 -15.21 3.26
CA VAL D 151 5.02 -14.14 2.93
C VAL D 151 5.32 -13.16 4.09
N SER D 152 4.69 -13.36 5.24
CA SER D 152 4.83 -12.41 6.35
C SER D 152 5.29 -13.08 7.64
N ASP D 153 6.44 -12.64 8.16
CA ASP D 153 6.97 -13.10 9.43
C ASP D 153 6.02 -12.73 10.57
N LEU D 154 5.35 -11.58 10.42
CA LEU D 154 4.45 -11.07 11.45
C LEU D 154 3.19 -11.92 11.55
N ALA D 155 2.66 -12.32 10.40
CA ALA D 155 1.48 -13.17 10.37
C ALA D 155 1.80 -14.53 10.97
N ARG D 156 2.99 -15.04 10.67
CA ARG D 156 3.43 -16.32 11.20
C ARG D 156 3.54 -16.22 12.72
N ARG D 157 4.29 -15.21 13.17
CA ARG D 157 4.46 -14.92 14.59
C ARG D 157 3.11 -14.86 15.29
N TRP D 158 2.21 -14.08 14.71
CA TRP D 158 0.85 -13.94 15.24
C TRP D 158 0.17 -15.29 15.34
N GLN D 159 0.17 -16.03 14.23
CA GLN D 159 -0.51 -17.32 14.16
C GLN D 159 -0.02 -18.24 15.25
N MET D 160 1.29 -18.29 15.46
CA MET D 160 1.85 -19.16 16.49
C MET D 160 1.50 -18.69 17.90
N GLU D 161 1.62 -17.40 18.18
CA GLU D 161 1.41 -16.90 19.55
C GLU D 161 0.01 -16.33 19.87
N ALA D 162 -0.89 -16.29 18.89
CA ALA D 162 -2.20 -15.65 19.10
C ALA D 162 -3.05 -16.43 20.10
N LEU D 163 -3.83 -15.69 20.90
CA LEU D 163 -4.66 -16.29 21.94
C LEU D 163 -5.83 -17.07 21.35
N GLY D 164 -5.92 -18.36 21.70
CA GLY D 164 -6.98 -19.22 21.20
C GLY D 164 -6.63 -19.89 19.89
N SER D 165 -5.33 -20.02 19.62
CA SER D 165 -4.85 -20.62 18.37
C SER D 165 -4.13 -21.94 18.65
N ASP D 166 -4.34 -22.91 17.76
CA ASP D 166 -3.84 -24.27 17.95
C ASP D 166 -2.54 -24.58 17.18
N ALA D 167 -1.97 -23.58 16.49
CA ALA D 167 -0.89 -23.82 15.53
C ALA D 167 0.27 -24.64 16.11
N VAL D 168 0.70 -25.66 15.36
CA VAL D 168 1.83 -26.51 15.77
C VAL D 168 2.88 -26.57 14.67
N GLU D 169 4.11 -26.90 15.05
CA GLU D 169 5.17 -27.15 14.07
C GLU D 169 5.48 -28.64 14.05
N ILE D 170 5.60 -29.18 12.85
CA ILE D 170 5.90 -30.60 12.67
C ILE D 170 6.98 -30.75 11.60
N PRO D 171 7.91 -31.70 11.79
CA PRO D 171 8.95 -31.86 10.79
C PRO D 171 8.40 -32.31 9.44
N ASN D 172 9.17 -32.08 8.39
CA ASN D 172 8.83 -32.64 7.09
C ASN D 172 9.07 -34.14 7.13
N GLY D 173 8.24 -34.91 6.43
CA GLY D 173 8.32 -36.35 6.50
C GLY D 173 9.36 -36.93 5.56
N VAL D 174 9.95 -38.05 5.97
CA VAL D 174 10.93 -38.76 5.16
C VAL D 174 10.65 -40.25 5.26
N ASP D 175 10.75 -40.95 4.14
CA ASP D 175 10.66 -42.40 4.18
C ASP D 175 12.08 -42.89 4.33
N VAL D 176 12.39 -43.39 5.52
CA VAL D 176 13.77 -43.66 5.90
C VAL D 176 14.24 -44.99 5.33
N ALA D 177 13.31 -45.93 5.22
CA ALA D 177 13.61 -47.25 4.67
C ALA D 177 14.19 -47.10 3.27
N SER D 178 13.56 -46.25 2.46
CA SER D 178 13.96 -46.06 1.07
C SER D 178 15.42 -45.63 0.96
N PHE D 179 15.96 -45.09 2.04
CA PHE D 179 17.34 -44.63 2.10
C PHE D 179 18.24 -45.65 2.79
N ALA D 180 17.96 -45.91 4.07
CA ALA D 180 18.72 -46.87 4.85
C ALA D 180 18.90 -48.18 4.09
N ASP D 181 17.84 -48.63 3.42
CA ASP D 181 17.84 -49.91 2.71
C ASP D 181 18.14 -49.80 1.21
N ALA D 182 18.45 -48.58 0.73
CA ALA D 182 18.67 -48.36 -0.70
C ALA D 182 19.71 -49.34 -1.26
N PRO D 183 19.49 -49.86 -2.48
CA PRO D 183 20.50 -50.75 -3.05
C PRO D 183 21.82 -50.02 -3.27
N LEU D 184 22.93 -50.73 -3.14
CA LEU D 184 24.24 -50.15 -3.39
C LEU D 184 24.49 -50.06 -4.89
N LEU D 185 24.93 -48.91 -5.36
CA LEU D 185 25.33 -48.78 -6.75
C LEU D 185 26.43 -49.79 -7.03
N ASP D 186 26.34 -50.46 -8.18
CA ASP D 186 27.34 -51.45 -8.56
C ASP D 186 28.72 -50.82 -8.56
N GLY D 187 29.70 -51.53 -7.99
CA GLY D 187 31.07 -51.06 -7.96
C GLY D 187 31.39 -50.27 -6.70
N TYR D 188 30.38 -50.04 -5.87
CA TYR D 188 30.56 -49.27 -4.64
C TYR D 188 30.38 -50.17 -3.41
N PRO D 189 30.98 -49.80 -2.27
CA PRO D 189 31.81 -48.61 -2.06
C PRO D 189 33.14 -48.66 -2.81
N ARG D 190 33.71 -47.48 -3.09
CA ARG D 190 35.00 -47.40 -3.76
C ARG D 190 36.14 -47.47 -2.74
N GLU D 191 37.22 -48.15 -3.10
CA GLU D 191 38.37 -48.31 -2.21
C GLU D 191 39.06 -46.98 -1.94
N GLY D 192 38.93 -46.06 -2.89
CA GLY D 192 39.41 -44.69 -2.73
C GLY D 192 38.33 -43.85 -2.07
N ARG D 193 37.43 -44.53 -1.37
CA ARG D 193 36.21 -43.96 -0.82
C ARG D 193 35.34 -43.31 -1.88
N THR D 194 34.54 -42.33 -1.46
CA THR D 194 33.78 -41.49 -2.36
C THR D 194 33.28 -40.29 -1.54
N VAL D 195 32.93 -39.21 -2.21
CA VAL D 195 32.20 -38.13 -1.55
C VAL D 195 31.10 -37.65 -2.49
N LEU D 196 29.98 -37.23 -1.92
CA LEU D 196 28.78 -36.98 -2.70
C LEU D 196 28.38 -35.51 -2.66
N PHE D 197 27.95 -35.01 -3.83
CA PHE D 197 27.42 -33.66 -3.94
C PHE D 197 26.03 -33.74 -4.58
N LEU D 198 25.11 -32.93 -4.08
CA LEU D 198 23.74 -32.89 -4.58
C LEU D 198 23.25 -31.49 -4.84
N GLY D 199 22.37 -31.34 -5.83
CA GLY D 199 21.83 -30.06 -6.23
C GLY D 199 22.42 -29.60 -7.55
N ARG D 200 21.84 -28.56 -8.13
CA ARG D 200 22.34 -28.00 -9.38
C ARG D 200 23.77 -27.52 -9.18
N TYR D 201 24.68 -28.01 -10.03
CA TYR D 201 26.10 -27.77 -9.86
C TYR D 201 26.44 -26.28 -10.08
N ASP D 202 25.78 -25.67 -11.04
CA ASP D 202 26.16 -24.34 -11.51
C ASP D 202 25.69 -23.19 -10.61
N GLU D 203 24.63 -23.41 -9.85
CA GLU D 203 24.13 -22.36 -8.97
C GLU D 203 25.12 -22.20 -7.81
N PRO D 204 25.82 -21.05 -7.75
CA PRO D 204 26.93 -20.89 -6.80
C PRO D 204 26.55 -21.08 -5.34
N ARG D 205 25.29 -20.82 -5.01
CA ARG D 205 24.82 -20.94 -3.64
C ARG D 205 24.88 -22.40 -3.19
N LYS D 206 24.77 -23.31 -4.16
CA LYS D 206 24.88 -24.74 -3.88
C LYS D 206 26.25 -25.09 -3.33
N GLY D 207 27.23 -24.23 -3.60
CA GLY D 207 28.52 -24.30 -2.93
C GLY D 207 29.57 -25.15 -3.59
N MET D 208 29.37 -25.47 -4.87
CA MET D 208 30.31 -26.28 -5.64
C MET D 208 31.75 -25.75 -5.56
N ALA D 209 31.86 -24.43 -5.57
CA ALA D 209 33.15 -23.74 -5.62
C ALA D 209 34.08 -24.12 -4.46
N VAL D 210 33.56 -24.04 -3.24
CA VAL D 210 34.35 -24.36 -2.04
C VAL D 210 34.96 -25.75 -2.16
N LEU D 211 34.14 -26.69 -2.59
CA LEU D 211 34.58 -28.06 -2.79
C LEU D 211 35.69 -28.09 -3.82
N LEU D 212 35.46 -27.40 -4.92
CA LEU D 212 36.48 -27.22 -5.95
C LEU D 212 37.81 -26.81 -5.32
N ALA D 213 37.83 -25.65 -4.65
CA ALA D 213 39.04 -25.15 -4.01
C ALA D 213 39.61 -26.10 -2.97
N ALA D 214 38.73 -26.86 -2.31
CA ALA D 214 39.16 -27.81 -1.27
C ALA D 214 39.76 -29.10 -1.84
N LEU D 215 39.38 -29.46 -3.07
CA LEU D 215 39.87 -30.68 -3.72
C LEU D 215 41.38 -31.00 -3.59
N PRO D 216 42.27 -30.07 -3.99
CA PRO D 216 43.70 -30.41 -4.07
C PRO D 216 44.33 -30.94 -2.77
N LYS D 217 44.02 -30.34 -1.64
CA LYS D 217 44.53 -30.81 -0.35
C LYS D 217 43.97 -32.19 -0.02
N LEU D 218 42.72 -32.41 -0.41
CA LEU D 218 42.04 -33.67 -0.14
C LEU D 218 42.55 -34.78 -1.05
N VAL D 219 42.62 -34.48 -2.34
CA VAL D 219 43.07 -35.46 -3.34
C VAL D 219 44.52 -35.85 -3.07
N ALA D 220 45.24 -35.01 -2.34
CA ALA D 220 46.61 -35.29 -1.95
C ALA D 220 46.64 -36.40 -0.90
N ARG D 221 45.76 -36.28 0.08
CA ARG D 221 45.66 -37.26 1.16
C ARG D 221 45.01 -38.55 0.66
N PHE D 222 44.03 -38.41 -0.22
CA PHE D 222 43.32 -39.54 -0.81
C PHE D 222 43.41 -39.51 -2.33
N PRO D 223 44.49 -40.07 -2.89
CA PRO D 223 44.75 -40.00 -4.34
C PRO D 223 43.65 -40.61 -5.22
N ASP D 224 43.02 -41.68 -4.76
CA ASP D 224 42.03 -42.40 -5.56
C ASP D 224 40.61 -41.91 -5.30
N VAL D 225 40.49 -40.86 -4.49
CA VAL D 225 39.17 -40.35 -4.12
C VAL D 225 38.33 -40.00 -5.35
N GLU D 226 37.04 -40.27 -5.25
CA GLU D 226 36.09 -39.97 -6.31
C GLU D 226 34.99 -39.09 -5.77
N ILE D 227 34.84 -37.91 -6.35
CA ILE D 227 33.67 -37.09 -6.07
C ILE D 227 32.55 -37.66 -6.92
N LEU D 228 31.35 -37.68 -6.38
CA LEU D 228 30.19 -38.17 -7.11
C LEU D 228 29.18 -37.04 -7.24
N ILE D 229 28.92 -36.64 -8.48
CA ILE D 229 28.02 -35.53 -8.76
C ILE D 229 26.68 -36.04 -9.23
N VAL D 230 25.62 -35.59 -8.57
CA VAL D 230 24.26 -35.91 -8.98
C VAL D 230 23.47 -34.61 -9.10
N GLY D 231 23.02 -34.31 -10.32
CA GLY D 231 22.24 -33.12 -10.59
C GLY D 231 22.44 -32.69 -12.04
N ARG D 232 21.72 -31.65 -12.44
CA ARG D 232 21.82 -31.14 -13.80
C ARG D 232 22.69 -29.89 -13.84
N GLY D 233 23.83 -30.00 -14.54
CA GLY D 233 24.73 -28.87 -14.68
C GLY D 233 25.58 -28.98 -15.93
N ASP D 234 26.30 -27.90 -16.23
CA ASP D 234 27.23 -27.90 -17.35
C ASP D 234 28.51 -28.60 -16.91
N GLU D 235 28.82 -29.71 -17.55
CA GLU D 235 29.93 -30.56 -17.15
C GLU D 235 31.28 -30.03 -17.62
N ASP D 236 31.32 -29.58 -18.87
CA ASP D 236 32.53 -29.07 -19.50
C ASP D 236 33.20 -27.99 -18.66
N GLU D 237 32.50 -26.87 -18.48
CA GLU D 237 33.01 -25.76 -17.69
C GLU D 237 33.56 -26.26 -16.35
N LEU D 238 32.83 -27.21 -15.75
CA LEU D 238 33.29 -27.86 -14.53
C LEU D 238 34.68 -28.46 -14.72
N ARG D 239 34.79 -29.41 -15.65
CA ARG D 239 36.07 -30.09 -15.88
C ARG D 239 37.21 -29.13 -16.26
N GLU D 240 36.93 -28.17 -17.12
CA GLU D 240 37.91 -27.16 -17.51
C GLU D 240 38.29 -26.31 -16.29
N GLN D 241 37.32 -26.12 -15.39
CA GLN D 241 37.59 -25.41 -14.14
C GLN D 241 38.35 -26.29 -13.15
N ALA D 242 38.13 -27.60 -13.24
CA ALA D 242 38.84 -28.55 -12.40
C ALA D 242 40.26 -28.76 -12.91
N GLY D 243 40.44 -28.55 -14.22
CA GLY D 243 41.76 -28.63 -14.84
C GLY D 243 42.39 -30.00 -14.70
N ASP D 244 43.59 -30.02 -14.12
CA ASP D 244 44.35 -31.24 -13.92
C ASP D 244 43.61 -32.22 -13.02
N LEU D 245 42.67 -31.70 -12.22
CA LEU D 245 41.99 -32.48 -11.20
C LEU D 245 40.68 -33.12 -11.66
N ALA D 246 40.26 -32.83 -12.89
CA ALA D 246 38.96 -33.29 -13.39
C ALA D 246 38.88 -34.81 -13.47
N GLY D 247 40.02 -35.49 -13.37
CA GLY D 247 40.08 -36.93 -13.52
C GLY D 247 39.43 -37.71 -12.38
N HIS D 248 39.18 -37.04 -11.27
CA HIS D 248 38.59 -37.68 -10.10
C HIS D 248 37.06 -37.54 -10.07
N LEU D 249 36.52 -36.78 -11.00
CA LEU D 249 35.10 -36.45 -11.00
C LEU D 249 34.26 -37.45 -11.79
N ARG D 250 33.07 -37.73 -11.28
CA ARG D 250 32.13 -38.64 -11.93
C ARG D 250 30.72 -38.07 -11.89
N PHE D 251 30.11 -37.94 -13.06
CA PHE D 251 28.80 -37.29 -13.18
C PHE D 251 27.66 -38.27 -13.40
N LEU D 252 26.52 -37.99 -12.77
CA LEU D 252 25.26 -38.62 -13.13
C LEU D 252 24.19 -37.52 -13.20
N GLY D 253 23.66 -37.26 -14.39
CA GLY D 253 22.69 -36.19 -14.55
C GLY D 253 21.32 -36.46 -13.93
N GLN D 254 20.92 -35.61 -12.99
CA GLN D 254 19.52 -35.45 -12.55
C GLN D 254 18.74 -36.75 -12.53
N VAL D 255 19.11 -37.67 -11.64
CA VAL D 255 18.58 -39.02 -11.69
C VAL D 255 17.27 -39.12 -10.90
N ASP D 256 16.62 -40.28 -10.97
CA ASP D 256 15.41 -40.54 -10.20
C ASP D 256 15.71 -40.74 -8.71
N ASP D 257 14.68 -40.61 -7.88
CA ASP D 257 14.81 -40.70 -6.42
C ASP D 257 15.57 -41.93 -5.93
N ALA D 258 15.16 -43.10 -6.43
CA ALA D 258 15.73 -44.38 -6.02
C ALA D 258 17.26 -44.38 -6.14
N THR D 259 17.74 -43.84 -7.25
CA THR D 259 19.17 -43.79 -7.51
C THR D 259 19.84 -42.73 -6.65
N LYS D 260 19.11 -41.65 -6.35
CA LYS D 260 19.59 -40.65 -5.41
C LYS D 260 19.90 -41.34 -4.09
N ALA D 261 18.92 -42.11 -3.61
CA ALA D 261 19.10 -42.92 -2.41
C ALA D 261 20.34 -43.81 -2.52
N SER D 262 20.33 -44.72 -3.52
CA SER D 262 21.43 -45.64 -3.73
C SER D 262 22.79 -44.94 -3.70
N ALA D 263 22.88 -43.83 -4.42
CA ALA D 263 24.11 -43.04 -4.50
C ALA D 263 24.51 -42.54 -3.12
N MET D 264 23.54 -41.95 -2.40
CA MET D 264 23.82 -41.46 -1.05
C MET D 264 24.36 -42.57 -0.16
N ARG D 265 23.72 -43.73 -0.21
CA ARG D 265 24.18 -44.85 0.61
C ARG D 265 25.55 -45.34 0.15
N SER D 266 25.81 -45.27 -1.15
CA SER D 266 27.09 -45.70 -1.71
C SER D 266 28.26 -44.79 -1.33
N ALA D 267 27.99 -43.51 -1.10
CA ALA D 267 29.05 -42.54 -0.78
C ALA D 267 29.54 -42.73 0.66
N ASP D 268 30.83 -42.49 0.87
CA ASP D 268 31.43 -42.56 2.20
C ASP D 268 31.14 -41.30 3.01
N VAL D 269 31.03 -40.17 2.31
CA VAL D 269 30.75 -38.89 2.95
C VAL D 269 29.88 -38.05 2.04
N TYR D 270 28.95 -37.31 2.64
CA TYR D 270 28.12 -36.36 1.91
C TYR D 270 28.53 -34.93 2.27
N CYS D 271 28.78 -34.13 1.25
CA CYS D 271 29.28 -32.76 1.44
C CYS D 271 28.21 -31.74 1.05
N ALA D 272 27.90 -30.83 1.96
CA ALA D 272 26.93 -29.75 1.69
C ALA D 272 27.53 -28.37 2.00
N PRO D 273 28.26 -27.79 1.02
CA PRO D 273 28.90 -26.49 1.21
C PRO D 273 28.01 -25.30 0.83
N HIS D 274 26.76 -25.28 1.30
CA HIS D 274 25.83 -24.23 0.87
C HIS D 274 26.21 -22.87 1.46
N LEU D 275 26.20 -21.84 0.62
CA LEU D 275 26.59 -20.48 1.01
C LEU D 275 25.48 -19.72 1.73
N GLY D 276 24.24 -20.11 1.44
CA GLY D 276 23.06 -19.39 1.90
C GLY D 276 21.86 -20.18 1.45
N GLY D 277 20.70 -19.54 1.32
CA GLY D 277 19.52 -20.29 0.95
C GLY D 277 19.07 -21.21 2.06
N GLU D 278 18.63 -20.63 3.17
CA GLU D 278 18.02 -21.39 4.25
C GLU D 278 16.77 -22.07 3.70
N SER D 279 16.32 -23.12 4.40
CA SER D 279 15.21 -24.00 3.98
C SER D 279 15.63 -25.22 3.15
N PHE D 280 16.90 -25.33 2.78
CA PHE D 280 17.35 -26.40 1.88
C PHE D 280 17.85 -27.66 2.61
N GLY D 281 17.70 -27.70 3.94
CA GLY D 281 18.38 -28.69 4.76
C GLY D 281 17.77 -30.07 4.96
N ILE D 282 16.84 -30.49 4.10
CA ILE D 282 16.24 -31.83 4.22
C ILE D 282 17.17 -32.92 3.69
N VAL D 283 17.95 -32.56 2.68
CA VAL D 283 18.86 -33.50 2.06
C VAL D 283 19.83 -34.06 3.09
N LEU D 284 20.22 -33.21 4.03
CA LEU D 284 21.03 -33.66 5.16
C LEU D 284 20.33 -34.80 5.90
N VAL D 285 19.03 -34.63 6.16
CA VAL D 285 18.24 -35.67 6.79
C VAL D 285 18.31 -36.93 5.96
N GLU D 286 18.12 -36.79 4.65
CA GLU D 286 18.23 -37.93 3.75
C GLU D 286 19.59 -38.65 3.86
N ALA D 287 20.66 -37.87 3.94
CA ALA D 287 22.00 -38.43 4.14
C ALA D 287 22.07 -39.18 5.47
N MET D 288 21.61 -38.56 6.54
CA MET D 288 21.60 -39.17 7.86
C MET D 288 20.75 -40.44 7.85
N ALA D 289 19.70 -40.41 7.03
CA ALA D 289 18.80 -41.55 6.91
C ALA D 289 19.50 -42.72 6.23
N ALA D 290 20.19 -42.46 5.12
CA ALA D 290 20.92 -43.51 4.42
C ALA D 290 22.11 -44.04 5.24
N GLY D 291 22.44 -43.36 6.32
CA GLY D 291 23.53 -43.77 7.18
C GLY D 291 24.88 -43.39 6.62
N THR D 292 24.91 -42.28 5.89
CA THR D 292 26.14 -41.75 5.33
C THR D 292 26.55 -40.51 6.12
N ALA D 293 27.82 -40.47 6.54
CA ALA D 293 28.34 -39.36 7.32
C ALA D 293 28.18 -38.05 6.56
N VAL D 294 27.95 -36.96 7.30
CA VAL D 294 27.64 -35.67 6.71
C VAL D 294 28.64 -34.60 7.14
N VAL D 295 29.13 -33.85 6.16
CA VAL D 295 29.92 -32.67 6.42
C VAL D 295 29.28 -31.49 5.69
N ALA D 296 28.95 -30.44 6.44
CA ALA D 296 28.19 -29.33 5.86
C ALA D 296 28.62 -27.98 6.41
N SER D 297 28.27 -26.93 5.66
CA SER D 297 28.56 -25.57 6.08
C SER D 297 27.67 -25.17 7.26
N ASP D 298 28.04 -24.07 7.94
CA ASP D 298 27.52 -23.75 9.27
C ASP D 298 26.20 -22.97 9.25
N LEU D 299 25.58 -22.86 8.08
CA LEU D 299 24.29 -22.20 7.95
C LEU D 299 23.34 -22.72 9.04
N ASP D 300 22.58 -21.81 9.65
CA ASP D 300 21.77 -22.11 10.82
C ASP D 300 20.91 -23.36 10.67
N ALA D 301 20.24 -23.47 9.53
CA ALA D 301 19.40 -24.64 9.24
C ALA D 301 20.21 -25.92 9.44
N PHE D 302 21.38 -25.96 8.81
CA PHE D 302 22.26 -27.12 8.89
C PHE D 302 22.73 -27.34 10.33
N ARG D 303 23.00 -26.24 11.03
CA ARG D 303 23.46 -26.33 12.40
C ARG D 303 22.38 -26.92 13.30
N ARG D 304 21.12 -26.59 13.00
CA ARG D 304 20.00 -27.17 13.73
C ARG D 304 19.85 -28.65 13.41
N VAL D 305 19.77 -28.96 12.11
CA VAL D 305 19.57 -30.34 11.66
C VAL D 305 20.63 -31.28 12.23
N LEU D 306 21.86 -30.79 12.31
CA LEU D 306 22.96 -31.61 12.81
C LEU D 306 23.17 -31.41 14.32
N ALA D 307 22.30 -30.62 14.92
CA ALA D 307 22.32 -30.41 16.38
C ALA D 307 23.69 -29.95 16.88
N ASP D 308 24.10 -28.77 16.44
CA ASP D 308 25.36 -28.17 16.88
C ASP D 308 26.57 -29.09 16.65
N GLY D 309 26.56 -29.79 15.51
CA GLY D 309 27.71 -30.57 15.10
C GLY D 309 27.76 -31.95 15.75
N ASP D 310 26.68 -32.33 16.42
CA ASP D 310 26.61 -33.63 17.08
C ASP D 310 26.37 -34.72 16.04
N ALA D 311 25.44 -34.47 15.13
CA ALA D 311 25.05 -35.46 14.12
C ALA D 311 25.85 -35.28 12.81
N GLY D 312 26.70 -34.26 12.76
CA GLY D 312 27.49 -34.01 11.56
C GLY D 312 28.65 -33.06 11.80
N ARG D 313 29.53 -32.97 10.81
CA ARG D 313 30.67 -32.05 10.88
C ARG D 313 30.26 -30.70 10.31
N LEU D 314 30.29 -29.68 11.15
CA LEU D 314 29.94 -28.34 10.75
C LEU D 314 31.18 -27.52 10.45
N VAL D 315 31.23 -26.94 9.26
CA VAL D 315 32.39 -26.19 8.81
C VAL D 315 31.99 -24.75 8.54
N PRO D 316 32.88 -23.78 8.84
CA PRO D 316 32.61 -22.38 8.51
C PRO D 316 32.27 -22.19 7.03
N VAL D 317 31.42 -21.21 6.75
CA VAL D 317 30.92 -21.01 5.39
C VAL D 317 32.00 -20.37 4.53
N ASP D 318 32.14 -20.87 3.30
CA ASP D 318 33.09 -20.33 2.31
C ASP D 318 34.54 -20.70 2.60
N ASP D 319 34.78 -21.43 3.70
CA ASP D 319 36.13 -21.82 4.06
C ASP D 319 36.45 -23.17 3.42
N ALA D 320 37.37 -23.15 2.45
CA ALA D 320 37.77 -24.36 1.74
C ALA D 320 38.76 -25.17 2.57
N ASP D 321 39.57 -24.48 3.37
CA ASP D 321 40.56 -25.12 4.21
C ASP D 321 39.89 -25.93 5.31
N GLY D 322 38.90 -25.32 5.95
CA GLY D 322 38.11 -26.01 6.97
C GLY D 322 37.36 -27.18 6.35
N MET D 323 36.79 -26.92 5.18
CA MET D 323 36.04 -27.93 4.43
C MET D 323 36.91 -29.16 4.16
N ALA D 324 38.08 -28.91 3.58
CA ALA D 324 39.05 -29.96 3.28
C ALA D 324 39.49 -30.66 4.56
N ALA D 325 39.82 -29.87 5.58
CA ALA D 325 40.28 -30.40 6.86
C ALA D 325 39.29 -31.41 7.42
N ALA D 326 38.03 -30.99 7.55
CA ALA D 326 36.98 -31.86 8.07
C ALA D 326 36.78 -33.07 7.16
N LEU D 327 36.61 -32.80 5.86
CA LEU D 327 36.42 -33.85 4.87
C LEU D 327 37.50 -34.92 4.96
N ILE D 328 38.72 -34.50 5.26
CA ILE D 328 39.83 -35.41 5.45
C ILE D 328 39.70 -36.14 6.79
N GLY D 329 39.45 -35.37 7.85
CA GLY D 329 39.34 -35.92 9.20
C GLY D 329 38.30 -37.01 9.31
N ILE D 330 37.21 -36.88 8.56
CA ILE D 330 36.17 -37.92 8.55
C ILE D 330 36.68 -39.20 7.88
N LEU D 331 37.39 -39.04 6.77
CA LEU D 331 37.82 -40.19 5.97
C LEU D 331 39.02 -40.91 6.56
N GLU D 332 39.88 -40.18 7.27
CA GLU D 332 41.07 -40.79 7.86
C GLU D 332 40.73 -41.72 9.03
N ASP D 333 39.80 -41.30 9.89
CA ASP D 333 39.40 -42.11 11.05
C ASP D 333 38.03 -42.74 10.82
N ASP D 334 38.02 -44.06 10.63
CA ASP D 334 36.79 -44.81 10.41
C ASP D 334 35.91 -44.78 11.66
N GLN D 335 36.56 -44.86 12.81
CA GLN D 335 35.86 -44.89 14.09
C GLN D 335 35.11 -43.59 14.35
N LEU D 336 35.63 -42.49 13.82
CA LEU D 336 34.97 -41.19 13.95
C LEU D 336 33.73 -41.11 13.06
N ARG D 337 33.92 -41.48 11.80
CA ARG D 337 32.85 -41.47 10.81
C ARG D 337 31.67 -42.31 11.29
N ALA D 338 31.96 -43.56 11.66
CA ALA D 338 30.90 -44.46 12.13
C ALA D 338 30.11 -43.85 13.30
N GLY D 339 30.83 -43.15 14.18
CA GLY D 339 30.21 -42.49 15.31
C GLY D 339 29.24 -41.41 14.88
N TYR D 340 29.73 -40.48 14.05
CA TYR D 340 28.87 -39.45 13.47
C TYR D 340 27.62 -40.08 12.87
N VAL D 341 27.83 -41.13 12.07
CA VAL D 341 26.72 -41.84 11.44
C VAL D 341 25.70 -42.32 12.47
N ALA D 342 26.15 -43.05 13.48
CA ALA D 342 25.26 -43.55 14.53
C ALA D 342 24.43 -42.41 15.14
N ARG D 343 25.11 -41.34 15.54
CA ARG D 343 24.40 -40.21 16.13
C ARG D 343 23.37 -39.60 15.18
N ALA D 344 23.74 -39.48 13.90
CA ALA D 344 22.81 -39.03 12.88
C ALA D 344 21.58 -39.94 12.82
N SER D 345 21.83 -41.25 12.81
CA SER D 345 20.75 -42.23 12.80
C SER D 345 19.86 -42.07 14.02
N GLU D 346 20.46 -41.73 15.16
CA GLU D 346 19.68 -41.43 16.35
C GLU D 346 18.83 -40.18 16.11
N ARG D 347 19.43 -39.16 15.50
CA ARG D 347 18.72 -37.91 15.21
C ARG D 347 17.52 -38.08 14.26
N VAL D 348 17.71 -38.85 13.19
CA VAL D 348 16.73 -38.93 12.10
C VAL D 348 15.32 -39.45 12.45
N HIS D 349 15.14 -40.06 13.63
CA HIS D 349 13.86 -40.68 13.98
C HIS D 349 12.66 -39.73 13.82
N ARG D 350 12.81 -38.52 14.34
CA ARG D 350 11.71 -37.55 14.36
C ARG D 350 11.22 -37.16 12.97
N TYR D 351 11.99 -37.49 11.94
CA TYR D 351 11.63 -37.15 10.57
C TYR D 351 10.94 -38.29 9.80
N ASP D 352 10.78 -39.45 10.42
CA ASP D 352 10.14 -40.57 9.72
C ASP D 352 8.66 -40.30 9.54
N TRP D 353 8.10 -40.79 8.43
CA TRP D 353 6.67 -40.58 8.13
C TRP D 353 5.76 -41.17 9.20
N SER D 354 6.21 -42.25 9.82
CA SER D 354 5.42 -42.93 10.84
C SER D 354 5.10 -41.99 12.01
N VAL D 355 6.07 -41.15 12.35
CA VAL D 355 5.90 -40.17 13.43
C VAL D 355 5.12 -38.91 12.99
N VAL D 356 5.55 -38.35 11.86
CA VAL D 356 4.97 -37.12 11.33
C VAL D 356 3.49 -37.32 11.04
N SER D 357 3.19 -38.41 10.36
CA SER D 357 1.81 -38.78 10.05
C SER D 357 0.97 -38.89 11.31
N ALA D 358 1.58 -39.38 12.39
CA ALA D 358 0.90 -39.52 13.67
C ALA D 358 0.58 -38.14 14.25
N GLN D 359 1.58 -37.26 14.28
CA GLN D 359 1.35 -35.89 14.74
C GLN D 359 0.19 -35.22 13.97
N ILE D 360 0.29 -35.24 12.65
CA ILE D 360 -0.74 -34.61 11.83
C ILE D 360 -2.10 -35.30 12.04
N MET D 361 -2.06 -36.62 12.25
CA MET D 361 -3.28 -37.36 12.56
C MET D 361 -3.91 -36.83 13.84
N ARG D 362 -3.10 -36.56 14.86
CA ARG D 362 -3.61 -35.90 16.06
C ARG D 362 -4.31 -34.61 15.69
N VAL D 363 -3.62 -33.78 14.93
CA VAL D 363 -4.21 -32.50 14.51
C VAL D 363 -5.62 -32.72 13.94
N TYR D 364 -5.74 -33.66 13.01
CA TYR D 364 -7.04 -34.04 12.48
C TYR D 364 -8.01 -34.41 13.60
N GLU D 365 -7.58 -35.31 14.48
CA GLU D 365 -8.47 -35.83 15.51
C GLU D 365 -8.98 -34.75 16.45
N THR D 366 -8.10 -33.82 16.84
CA THR D 366 -8.50 -32.74 17.72
C THR D 366 -9.46 -31.79 17.01
N VAL D 367 -9.14 -31.39 15.78
CA VAL D 367 -9.99 -30.41 15.10
C VAL D 367 -11.39 -30.93 14.77
N SER D 368 -11.50 -32.19 14.33
CA SER D 368 -12.79 -32.73 13.89
C SER D 368 -13.55 -33.40 15.03
N GLY D 369 -14.72 -33.93 14.69
CA GLY D 369 -15.58 -34.59 15.66
C GLY D 369 -16.57 -35.51 14.99
N ALA D 370 -17.11 -36.45 15.77
CA ALA D 370 -18.10 -37.40 15.26
C ALA D 370 -19.35 -36.69 14.79
N GLY D 371 -19.81 -37.04 13.59
CA GLY D 371 -21.01 -36.45 13.03
C GLY D 371 -20.77 -35.11 12.37
N ILE D 372 -19.56 -34.58 12.55
CA ILE D 372 -19.16 -33.33 11.92
C ILE D 372 -18.35 -33.62 10.67
N LYS D 373 -18.82 -33.12 9.53
CA LYS D 373 -18.14 -33.37 8.26
C LYS D 373 -18.08 -32.09 7.45
N VAL D 374 -17.29 -32.10 6.37
CA VAL D 374 -16.96 -30.87 5.67
C VAL D 374 -17.96 -30.57 4.57
N GLN D 375 -18.74 -29.51 4.79
CA GLN D 375 -19.72 -29.02 3.84
C GLN D 375 -19.21 -27.75 3.19
N VAL D 376 -20.04 -27.13 2.35
CA VAL D 376 -19.69 -25.87 1.71
C VAL D 376 -20.20 -24.73 2.60
N SER D 377 -19.86 -23.49 2.26
CA SER D 377 -20.38 -22.32 2.96
C SER D 377 -21.79 -22.00 2.48
#